data_3OZ4
# 
_entry.id   3OZ4 
# 
_audit_conform.dict_name       mmcif_pdbx.dic 
_audit_conform.dict_version    5.379 
_audit_conform.dict_location   http://mmcif.pdb.org/dictionaries/ascii/mmcif_pdbx.dic 
# 
loop_
_database_2.database_id 
_database_2.database_code 
_database_2.pdbx_database_accession 
_database_2.pdbx_DOI 
PDB   3OZ4         pdb_00003oz4 10.2210/pdb3oz4/pdb 
NDB   NA0808       ?            ?                   
RCSB  RCSB061753   ?            ?                   
WWPDB D_1000061753 ?            ?                   
# 
loop_
_pdbx_database_related.db_name 
_pdbx_database_related.db_id 
_pdbx_database_related.details 
_pdbx_database_related.content_type 
PDB 3OZ3 . unspecified 
PDB 3OZ5 . unspecified 
# 
_pdbx_database_status.status_code                     REL 
_pdbx_database_status.entry_id                        3OZ4 
_pdbx_database_status.recvd_initial_deposition_date   2010-09-24 
_pdbx_database_status.deposit_site                    RCSB 
_pdbx_database_status.process_site                    RCSB 
_pdbx_database_status.status_code_sf                  REL 
_pdbx_database_status.status_code_mr                  ? 
_pdbx_database_status.SG_entry                        ? 
_pdbx_database_status.status_code_cs                  ? 
_pdbx_database_status.pdb_format_compatible           Y 
_pdbx_database_status.status_code_nmr_data            ? 
_pdbx_database_status.methods_development_category    ? 
# 
loop_
_audit_author.name 
_audit_author.pdbx_ordinal 
'Seth, P.R.'     1  
'Allerson, C.A.' 2  
'Berdeja, A.'    3  
'Siwkowski, A.'  4  
'Pallan, P.S.'   5  
'Gaus, H.'       6  
'Prakash, T.P.'  7  
'Watt, A.T.'     8  
'Egli, M.'       9  
'Swayze, E.E.'   10 
# 
_citation.id                        primary 
_citation.title                     
;An exocyclic methylene group acts as a bioisostere of the 2'-oxygen atom in LNA.
;
_citation.journal_abbrev            J.Am.Chem.Soc. 
_citation.journal_volume            132 
_citation.page_first                14942 
_citation.page_last                 14950 
_citation.year                      2010 
_citation.journal_id_ASTM           JACSAT 
_citation.country                   US 
_citation.journal_id_ISSN           0002-7863 
_citation.journal_id_CSD            0004 
_citation.book_publisher            ? 
_citation.pdbx_database_id_PubMed   20886816 
_citation.pdbx_database_id_DOI      10.1021/ja105875e 
# 
loop_
_citation_author.citation_id 
_citation_author.name 
_citation_author.ordinal 
_citation_author.identifier_ORCID 
primary 'Seth, P.P.'     1  ? 
primary 'Allerson, C.R.' 2  ? 
primary 'Berdeja, A.'    3  ? 
primary 'Siwkowski, A.'  4  ? 
primary 'Pallan, P.S.'   5  ? 
primary 'Gaus, H.'       6  ? 
primary 'Prakash, T.P.'  7  ? 
primary 'Watt, A.T.'     8  ? 
primary 'Egli, M.'       9  ? 
primary 'Swayze, E.E.'   10 ? 
# 
_cell.entry_id           3OZ4 
_cell.length_a           26.104 
_cell.length_b           43.491 
_cell.length_c           45.974 
_cell.angle_alpha        90.00 
_cell.angle_beta         90.00 
_cell.angle_gamma        90.00 
_cell.Z_PDB              8 
_cell.pdbx_unique_axis   ? 
_cell.length_a_esd       ? 
_cell.length_b_esd       ? 
_cell.length_c_esd       ? 
_cell.angle_alpha_esd    ? 
_cell.angle_beta_esd     ? 
_cell.angle_gamma_esd    ? 
# 
_symmetry.entry_id                         3OZ4 
_symmetry.space_group_name_H-M             'P 21 21 21' 
_symmetry.pdbx_full_space_group_name_H-M   ? 
_symmetry.cell_setting                     ? 
_symmetry.Int_Tables_number                19 
_symmetry.space_group_name_Hall            ? 
# 
loop_
_entity.id 
_entity.type 
_entity.src_method 
_entity.pdbx_description 
_entity.formula_weight 
_entity.pdbx_number_of_molecules 
_entity.pdbx_ec 
_entity.pdbx_mutation 
_entity.pdbx_fragment 
_entity.details 
1 polymer syn 
;DNA (5'-D(*GP*CP*GP*TP*AP*(URX)P*AP*CP*GP*C)-3')
;
3071.043 2  ? ? ? ? 
2 water   nat water                                              18.015   48 ? ? ? ? 
# 
_entity_poly.entity_id                      1 
_entity_poly.type                           polydeoxyribonucleotide 
_entity_poly.nstd_linkage                   no 
_entity_poly.nstd_monomer                   yes 
_entity_poly.pdbx_seq_one_letter_code       '(DG)(DC)(DG)(DT)(DA)(URX)(DA)(DC)(DG)(DC)' 
_entity_poly.pdbx_seq_one_letter_code_can   GCGTAXACGC 
_entity_poly.pdbx_strand_id                 A,B 
_entity_poly.pdbx_target_identifier         ? 
# 
loop_
_entity_poly_seq.entity_id 
_entity_poly_seq.num 
_entity_poly_seq.mon_id 
_entity_poly_seq.hetero 
1 1  DG  n 
1 2  DC  n 
1 3  DG  n 
1 4  DT  n 
1 5  DA  n 
1 6  URX n 
1 7  DA  n 
1 8  DC  n 
1 9  DG  n 
1 10 DC  n 
# 
_struct_ref.id                         1 
_struct_ref.db_name                    PDB 
_struct_ref.db_code                    3OZ4 
_struct_ref.pdbx_db_accession          3OZ4 
_struct_ref.entity_id                  1 
_struct_ref.pdbx_align_begin           ? 
_struct_ref.pdbx_seq_one_letter_code   ? 
_struct_ref.pdbx_db_isoform            ? 
# 
loop_
_struct_ref_seq.align_id 
_struct_ref_seq.ref_id 
_struct_ref_seq.pdbx_PDB_id_code 
_struct_ref_seq.pdbx_strand_id 
_struct_ref_seq.seq_align_beg 
_struct_ref_seq.pdbx_seq_align_beg_ins_code 
_struct_ref_seq.seq_align_end 
_struct_ref_seq.pdbx_seq_align_end_ins_code 
_struct_ref_seq.pdbx_db_accession 
_struct_ref_seq.db_align_beg 
_struct_ref_seq.pdbx_db_align_beg_ins_code 
_struct_ref_seq.db_align_end 
_struct_ref_seq.pdbx_db_align_end_ins_code 
_struct_ref_seq.pdbx_auth_seq_align_beg 
_struct_ref_seq.pdbx_auth_seq_align_end 
1 1 3OZ4 A 1 ? 10 ? 3OZ4 101 ? 110 ? 101 110 
2 1 3OZ4 B 1 ? 10 ? 3OZ4 201 ? 210 ? 201 210 
# 
loop_
_chem_comp.id 
_chem_comp.type 
_chem_comp.mon_nstd_flag 
_chem_comp.name 
_chem_comp.pdbx_synonyms 
_chem_comp.formula 
_chem_comp.formula_weight 
DA  'DNA linking' y "2'-DEOXYADENOSINE-5'-MONOPHOSPHATE" ? 'C10 H14 N5 O6 P' 331.222 
DC  'DNA linking' y "2'-DEOXYCYTIDINE-5'-MONOPHOSPHATE" ? 'C9 H14 N3 O7 P'  307.197 
DG  'DNA linking' y "2'-DEOXYGUANOSINE-5'-MONOPHOSPHATE" ? 'C10 H14 N5 O7 P' 347.221 
DT  'DNA linking' y "THYMIDINE-5'-MONOPHOSPHATE" ? 'C10 H15 N2 O8 P' 322.208 
HOH non-polymer   . WATER ? 'H2 O'            18.015  
URX 'DNA linking' n 
;[(1R,3R,4R,5R,7S)-3-(2,4-dioxo-3,4-dihydropyrimidin-1(2H)-yl)-7-hydroxy-5-methyl-2-oxabicyclo[2.2.1]hept-1-yl]methyl dihydrogen phosphate
;
? 'C12 H17 N2 O8 P' 348.246 
# 
_exptl.entry_id          3OZ4 
_exptl.method            'X-RAY DIFFRACTION' 
_exptl.crystals_number   2 
# 
_exptl_crystal.id                    1 
_exptl_crystal.density_meas          ? 
_exptl_crystal.density_Matthews      2.12 
_exptl_crystal.density_percent_sol   42.10 
_exptl_crystal.description           ? 
_exptl_crystal.F_000                 ? 
_exptl_crystal.preparation           ? 
# 
_exptl_crystal_grow.crystal_id      1 
_exptl_crystal_grow.method          'VAPOR DIFFUSION, HANGING DROP' 
_exptl_crystal_grow.temp            291 
_exptl_crystal_grow.temp_details    ? 
_exptl_crystal_grow.pH              7.0 
_exptl_crystal_grow.pdbx_details    
;20 mM sodium cacodylate, 40 mM potassium chloride, 6 mM spermine tetrahydrochloride, 5% v/v MPD, pH 7.0, VAPOR DIFFUSION, HANGING DROP, temperature 291K
;
_exptl_crystal_grow.pdbx_pH_range   ? 
# 
loop_
_exptl_crystal_grow_comp.crystal_id 
_exptl_crystal_grow_comp.id 
_exptl_crystal_grow_comp.sol_id 
_exptl_crystal_grow_comp.name 
_exptl_crystal_grow_comp.volume 
_exptl_crystal_grow_comp.conc 
_exptl_crystal_grow_comp.details 
1 1 1 'sodium cacodylate'           ? ? ? 
1 2 1 'potassium chloride'          ? ? ? 
1 3 1 'spermine tetrahydrochloride' ? ? ? 
1 4 1 MPD                           ? ? ? 
1 5 2 'sodium cacodylate'           ? ? ? 
1 6 2 'potassium chloride'          ? ? ? 
1 7 2 'spermine tetrahydrochloride' ? ? ? 
1 8 2 MPD                           ? ? ? 
# 
loop_
_diffrn.id 
_diffrn.ambient_temp 
_diffrn.ambient_temp_details 
_diffrn.crystal_id 
1 100 ? 1 
2 ?   ? 1 
# 
_diffrn_detector.diffrn_id              1 
_diffrn_detector.detector               CCD 
_diffrn_detector.type                   'MARMOSAIC 225 mm CCD' 
_diffrn_detector.pdbx_collection_date   2009-03-12 
_diffrn_detector.details                ? 
# 
loop_
_diffrn_radiation.diffrn_id 
_diffrn_radiation.wavelength_id 
_diffrn_radiation.pdbx_monochromatic_or_laue_m_l 
_diffrn_radiation.monochromator 
_diffrn_radiation.pdbx_diffrn_protocol 
_diffrn_radiation.pdbx_scattering_type 
1 1 M ? 'SINGLE WAVELENGTH' x-ray 
2 1 M ? 'SINGLE WAVELENGTH' x-ray 
# 
_diffrn_radiation_wavelength.id           1 
_diffrn_radiation_wavelength.wavelength   0.9782 
_diffrn_radiation_wavelength.wt           1.0 
# 
_diffrn_source.diffrn_id                   1 
_diffrn_source.source                      SYNCHROTRON 
_diffrn_source.type                        'APS BEAMLINE 21-ID-F' 
_diffrn_source.pdbx_synchrotron_site       APS 
_diffrn_source.pdbx_synchrotron_beamline   21-ID-F 
_diffrn_source.pdbx_wavelength             ? 
_diffrn_source.pdbx_wavelength_list        0.9782 
# 
_reflns.entry_id                     3OZ4 
_reflns.observed_criterion_sigma_I   ? 
_reflns.observed_criterion_sigma_F   ? 
_reflns.d_resolution_low             31.59 
_reflns.d_resolution_high            1.59 
_reflns.number_obs                   7451 
_reflns.number_all                   7473 
_reflns.percent_possible_obs         99.7 
_reflns.pdbx_Rmerge_I_obs            0.057 
_reflns.pdbx_Rsym_value              ? 
_reflns.pdbx_netI_over_sigmaI        51.3 
_reflns.B_iso_Wilson_estimate        ? 
_reflns.pdbx_redundancy              14.0 
_reflns.R_free_details               ? 
_reflns.limit_h_max                  ? 
_reflns.limit_h_min                  ? 
_reflns.limit_k_max                  ? 
_reflns.limit_k_min                  ? 
_reflns.limit_l_max                  ? 
_reflns.limit_l_min                  ? 
_reflns.observed_criterion_F_max     ? 
_reflns.observed_criterion_F_min     ? 
_reflns.pdbx_chi_squared             ? 
_reflns.pdbx_scaling_rejects         ? 
_reflns.pdbx_diffrn_id               1,2 
_reflns.pdbx_ordinal                 1 
# 
_reflns_shell.d_res_high             1.59 
_reflns_shell.d_res_low              1.65 
_reflns_shell.percent_possible_all   97.9 
_reflns_shell.Rmerge_I_obs           0.527 
_reflns_shell.pdbx_Rsym_value        ? 
_reflns_shell.meanI_over_sigI_obs    1.8 
_reflns_shell.pdbx_redundancy        7.5 
_reflns_shell.percent_possible_obs   ? 
_reflns_shell.number_unique_all      714 
_reflns_shell.number_measured_all    ? 
_reflns_shell.number_measured_obs    ? 
_reflns_shell.number_unique_obs      ? 
_reflns_shell.pdbx_chi_squared       ? 
_reflns_shell.pdbx_diffrn_id         ? 
_reflns_shell.pdbx_ordinal           1 
# 
_refine.entry_id                                 3OZ4 
_refine.ls_number_reflns_obs                     6857 
_refine.ls_number_reflns_all                     ? 
_refine.pdbx_ls_sigma_I                          ? 
_refine.pdbx_ls_sigma_F                          ? 
_refine.pdbx_data_cutoff_high_absF               ? 
_refine.pdbx_data_cutoff_low_absF                ? 
_refine.pdbx_data_cutoff_high_rms_absF           ? 
_refine.ls_d_res_low                             31.59 
_refine.ls_d_res_high                            1.59 
_refine.ls_percent_reflns_obs                    99.66 
_refine.ls_R_factor_obs                          0.17710 
_refine.ls_R_factor_all                          ? 
_refine.ls_R_factor_R_work                       0.17239 
_refine.ls_R_factor_R_free                       0.23686 
_refine.ls_R_factor_R_free_error                 ? 
_refine.ls_R_factor_R_free_error_details         ? 
_refine.ls_percent_reflns_R_free                 7.5 
_refine.ls_number_reflns_R_free                  559 
_refine.ls_number_parameters                     ? 
_refine.ls_number_restraints                     ? 
_refine.occupancy_min                            ? 
_refine.occupancy_max                            ? 
_refine.correlation_coeff_Fo_to_Fc               0.973 
_refine.correlation_coeff_Fo_to_Fc_free          0.950 
_refine.B_iso_mean                               23.001 
_refine.aniso_B[1][1]                            -0.19 
_refine.aniso_B[2][2]                            -0.21 
_refine.aniso_B[3][3]                            0.40 
_refine.aniso_B[1][2]                            0.00 
_refine.aniso_B[1][3]                            0.00 
_refine.aniso_B[2][3]                            0.00 
_refine.solvent_model_details                    MASK 
_refine.solvent_model_param_ksol                 ? 
_refine.solvent_model_param_bsol                 ? 
_refine.pdbx_solvent_vdw_probe_radii             1.40 
_refine.pdbx_solvent_ion_probe_radii             0.80 
_refine.pdbx_solvent_shrinkage_radii             0.80 
_refine.pdbx_ls_cross_valid_method               THROUGHOUT 
_refine.details                                  ? 
_refine.pdbx_starting_model                      'PDB ENTRY 3EY2' 
_refine.pdbx_method_to_determine_struct          'MOLECULAR REPLACEMENT' 
_refine.pdbx_isotropic_thermal_model             ? 
_refine.pdbx_stereochemistry_target_values       'MAXIMUM LIKELIHOOD' 
_refine.pdbx_stereochem_target_val_spec_case     ? 
_refine.pdbx_R_Free_selection_details            RANDOM 
_refine.pdbx_overall_ESU_R_Free                  0.100 
_refine.overall_SU_ML                            0.061 
_refine.overall_SU_B                             3.854 
_refine.overall_SU_R_Cruickshank_DPI             ? 
_refine.ls_redundancy_reflns_obs                 ? 
_refine.B_iso_min                                ? 
_refine.B_iso_max                                ? 
_refine.overall_SU_R_free                        ? 
_refine.ls_wR_factor_R_free                      ? 
_refine.ls_wR_factor_R_work                      ? 
_refine.overall_FOM_free_R_set                   ? 
_refine.overall_FOM_work_R_set                   ? 
_refine.pdbx_overall_phase_error                 ? 
_refine.pdbx_refine_id                           'X-RAY DIFFRACTION' 
_refine.pdbx_overall_ESU_R                       ? 
_refine.pdbx_diffrn_id                           1 
_refine.pdbx_TLS_residual_ADP_flag               ? 
_refine.pdbx_overall_SU_R_free_Cruickshank_DPI   ? 
_refine.pdbx_overall_SU_R_Blow_DPI               ? 
_refine.pdbx_overall_SU_R_free_Blow_DPI          ? 
# 
_refine_hist.pdbx_refine_id                   'X-RAY DIFFRACTION' 
_refine_hist.cycle_id                         LAST 
_refine_hist.pdbx_number_atoms_protein        0 
_refine_hist.pdbx_number_atoms_nucleic_acid   408 
_refine_hist.pdbx_number_atoms_ligand         0 
_refine_hist.number_atoms_solvent             48 
_refine_hist.number_atoms_total               456 
_refine_hist.d_res_high                       1.59 
_refine_hist.d_res_low                        31.59 
# 
loop_
_refine_ls_restr.type 
_refine_ls_restr.dev_ideal 
_refine_ls_restr.dev_ideal_target 
_refine_ls_restr.weight 
_refine_ls_restr.number 
_refine_ls_restr.pdbx_refine_id 
_refine_ls_restr.pdbx_restraint_function 
r_bond_refined_d     0.019 0.021 ? 454 'X-RAY DIFFRACTION' ? 
r_angle_refined_deg  2.133 3.000 ? 692 'X-RAY DIFFRACTION' ? 
r_chiral_restr       0.139 0.200 ? 80  'X-RAY DIFFRACTION' ? 
r_gen_planes_refined 0.026 0.020 ? 208 'X-RAY DIFFRACTION' ? 
r_scbond_it          3.859 3.000 ? 454 'X-RAY DIFFRACTION' ? 
r_scangle_it         4.875 4.500 ? 692 'X-RAY DIFFRACTION' ? 
r_rigid_bond_restr   2.974 3.000 ? 454 'X-RAY DIFFRACTION' ? 
# 
_refine_ls_shell.pdbx_total_number_of_bins_used   20 
_refine_ls_shell.d_res_high                       1.59 
_refine_ls_shell.d_res_low                        1.632 
_refine_ls_shell.number_reflns_R_work             492 
_refine_ls_shell.R_factor_R_work                  0.294 
_refine_ls_shell.percent_reflns_obs               97.03 
_refine_ls_shell.R_factor_R_free                  0.402 
_refine_ls_shell.R_factor_R_free_error            ? 
_refine_ls_shell.percent_reflns_R_free            ? 
_refine_ls_shell.number_reflns_R_free             31 
_refine_ls_shell.number_reflns_all                ? 
_refine_ls_shell.R_factor_all                     ? 
_refine_ls_shell.number_reflns_obs                ? 
_refine_ls_shell.redundancy_reflns_obs            ? 
_refine_ls_shell.pdbx_refine_id                   'X-RAY DIFFRACTION' 
# 
_struct.entry_id                  3OZ4 
_struct.title                     'R-Methyl Carbocyclic LNA' 
_struct.pdbx_model_details        ? 
_struct.pdbx_CASP_flag            ? 
_struct.pdbx_model_type_details   ? 
# 
_struct_keywords.entry_id        3OZ4 
_struct_keywords.pdbx_keywords   DNA 
_struct_keywords.text            'A-form DNA, R-Methyl carbocyclic LNA, R-Me-c-LNA, antisense oligonucleotides, DNA' 
# 
loop_
_struct_asym.id 
_struct_asym.pdbx_blank_PDB_chainid_flag 
_struct_asym.pdbx_modified 
_struct_asym.entity_id 
_struct_asym.details 
A N N 1 ? 
B N N 1 ? 
C N N 2 ? 
D N N 2 ? 
# 
_struct_biol.id        1 
_struct_biol.details   ? 
# 
loop_
_struct_conn.id 
_struct_conn.conn_type_id 
_struct_conn.pdbx_leaving_atom_flag 
_struct_conn.pdbx_PDB_id 
_struct_conn.ptnr1_label_asym_id 
_struct_conn.ptnr1_label_comp_id 
_struct_conn.ptnr1_label_seq_id 
_struct_conn.ptnr1_label_atom_id 
_struct_conn.pdbx_ptnr1_label_alt_id 
_struct_conn.pdbx_ptnr1_PDB_ins_code 
_struct_conn.pdbx_ptnr1_standard_comp_id 
_struct_conn.ptnr1_symmetry 
_struct_conn.ptnr2_label_asym_id 
_struct_conn.ptnr2_label_comp_id 
_struct_conn.ptnr2_label_seq_id 
_struct_conn.ptnr2_label_atom_id 
_struct_conn.pdbx_ptnr2_label_alt_id 
_struct_conn.pdbx_ptnr2_PDB_ins_code 
_struct_conn.ptnr1_auth_asym_id 
_struct_conn.ptnr1_auth_comp_id 
_struct_conn.ptnr1_auth_seq_id 
_struct_conn.ptnr2_auth_asym_id 
_struct_conn.ptnr2_auth_comp_id 
_struct_conn.ptnr2_auth_seq_id 
_struct_conn.ptnr2_symmetry 
_struct_conn.pdbx_ptnr3_label_atom_id 
_struct_conn.pdbx_ptnr3_label_seq_id 
_struct_conn.pdbx_ptnr3_label_comp_id 
_struct_conn.pdbx_ptnr3_label_asym_id 
_struct_conn.pdbx_ptnr3_label_alt_id 
_struct_conn.pdbx_ptnr3_PDB_ins_code 
_struct_conn.details 
_struct_conn.pdbx_dist_value 
_struct_conn.pdbx_value_order 
_struct_conn.pdbx_role 
covale1  covale both ? A DA  5  "O3'" ? ? ? 1_555 A URX 6  P  ? ? A DA  105 A URX 106 1_555 ? ? ? ? ? ? ?            1.600 ? ? 
covale2  covale both ? A URX 6  "O3'" ? ? ? 1_555 A DA  7  P  ? ? A URX 106 A DA  107 1_555 ? ? ? ? ? ? ?            1.645 ? ? 
covale3  covale both ? B DA  5  "O3'" ? ? ? 1_555 B URX 6  P  ? ? B DA  205 B URX 206 1_555 ? ? ? ? ? ? ?            1.646 ? ? 
covale4  covale both ? B URX 6  "O3'" ? ? ? 1_555 B DA  7  P  ? ? B URX 206 B DA  207 1_555 ? ? ? ? ? ? ?            1.640 ? ? 
hydrog1  hydrog ?    ? A DG  1  N1    ? ? ? 1_555 B DC  10 N3 ? ? A DG  101 B DC  210 1_555 ? ? ? ? ? ? WATSON-CRICK ?     ? ? 
hydrog2  hydrog ?    ? A DG  1  N2    ? ? ? 1_555 B DC  10 O2 ? ? A DG  101 B DC  210 1_555 ? ? ? ? ? ? WATSON-CRICK ?     ? ? 
hydrog3  hydrog ?    ? A DG  1  O6    ? ? ? 1_555 B DC  10 N4 ? ? A DG  101 B DC  210 1_555 ? ? ? ? ? ? WATSON-CRICK ?     ? ? 
hydrog4  hydrog ?    ? A DC  2  N3    ? ? ? 1_555 B DG  9  N1 ? ? A DC  102 B DG  209 1_555 ? ? ? ? ? ? WATSON-CRICK ?     ? ? 
hydrog5  hydrog ?    ? A DC  2  N4    ? ? ? 1_555 B DG  9  O6 ? ? A DC  102 B DG  209 1_555 ? ? ? ? ? ? WATSON-CRICK ?     ? ? 
hydrog6  hydrog ?    ? A DC  2  O2    ? ? ? 1_555 B DG  9  N2 ? ? A DC  102 B DG  209 1_555 ? ? ? ? ? ? WATSON-CRICK ?     ? ? 
hydrog7  hydrog ?    ? A DG  3  N1    ? ? ? 1_555 B DC  8  N3 ? ? A DG  103 B DC  208 1_555 ? ? ? ? ? ? WATSON-CRICK ?     ? ? 
hydrog8  hydrog ?    ? A DG  3  N2    ? ? ? 1_555 B DC  8  O2 ? ? A DG  103 B DC  208 1_555 ? ? ? ? ? ? WATSON-CRICK ?     ? ? 
hydrog9  hydrog ?    ? A DG  3  O6    ? ? ? 1_555 B DC  8  N4 ? ? A DG  103 B DC  208 1_555 ? ? ? ? ? ? WATSON-CRICK ?     ? ? 
hydrog10 hydrog ?    ? A DT  4  N3    ? ? ? 1_555 B DA  7  N1 ? ? A DT  104 B DA  207 1_555 ? ? ? ? ? ? WATSON-CRICK ?     ? ? 
hydrog11 hydrog ?    ? A DT  4  O4    ? ? ? 1_555 B DA  7  N6 ? ? A DT  104 B DA  207 1_555 ? ? ? ? ? ? WATSON-CRICK ?     ? ? 
hydrog12 hydrog ?    ? A DA  7  N1    ? ? ? 1_555 B DT  4  N3 ? ? A DA  107 B DT  204 1_555 ? ? ? ? ? ? WATSON-CRICK ?     ? ? 
hydrog13 hydrog ?    ? A DA  7  N6    ? ? ? 1_555 B DT  4  O4 ? ? A DA  107 B DT  204 1_555 ? ? ? ? ? ? WATSON-CRICK ?     ? ? 
hydrog14 hydrog ?    ? A DC  8  N3    ? ? ? 1_555 B DG  3  N1 ? ? A DC  108 B DG  203 1_555 ? ? ? ? ? ? WATSON-CRICK ?     ? ? 
hydrog15 hydrog ?    ? A DC  8  N4    ? ? ? 1_555 B DG  3  O6 ? ? A DC  108 B DG  203 1_555 ? ? ? ? ? ? WATSON-CRICK ?     ? ? 
hydrog16 hydrog ?    ? A DC  8  O2    ? ? ? 1_555 B DG  3  N2 ? ? A DC  108 B DG  203 1_555 ? ? ? ? ? ? WATSON-CRICK ?     ? ? 
hydrog17 hydrog ?    ? A DG  9  N1    ? ? ? 1_555 B DC  2  N3 ? ? A DG  109 B DC  202 1_555 ? ? ? ? ? ? WATSON-CRICK ?     ? ? 
hydrog18 hydrog ?    ? A DG  9  N2    ? ? ? 1_555 B DC  2  O2 ? ? A DG  109 B DC  202 1_555 ? ? ? ? ? ? WATSON-CRICK ?     ? ? 
hydrog19 hydrog ?    ? A DG  9  O6    ? ? ? 1_555 B DC  2  N4 ? ? A DG  109 B DC  202 1_555 ? ? ? ? ? ? WATSON-CRICK ?     ? ? 
hydrog20 hydrog ?    ? A DC  10 N3    ? ? ? 1_555 B DG  1  N1 ? ? A DC  110 B DG  201 1_555 ? ? ? ? ? ? WATSON-CRICK ?     ? ? 
hydrog21 hydrog ?    ? A DC  10 N4    ? ? ? 1_555 B DG  1  O6 ? ? A DC  110 B DG  201 1_555 ? ? ? ? ? ? WATSON-CRICK ?     ? ? 
hydrog22 hydrog ?    ? A DC  10 O2    ? ? ? 1_555 B DG  1  N2 ? ? A DC  110 B DG  201 1_555 ? ? ? ? ? ? WATSON-CRICK ?     ? ? 
# 
loop_
_struct_conn_type.id 
_struct_conn_type.criteria 
_struct_conn_type.reference 
covale ? ? 
hydrog ? ? 
# 
_atom_sites.entry_id                    3OZ4 
_atom_sites.fract_transf_matrix[1][1]   0.03806973 
_atom_sites.fract_transf_matrix[1][2]   0.00348295 
_atom_sites.fract_transf_matrix[1][3]   -0.00246323 
_atom_sites.fract_transf_matrix[2][1]   -0.00049215 
_atom_sites.fract_transf_matrix[2][2]   -0.00944314 
_atom_sites.fract_transf_matrix[2][3]   -0.02095860 
_atom_sites.fract_transf_matrix[3][1]   -0.00237702 
_atom_sites.fract_transf_matrix[3][2]   0.01973311 
_atom_sites.fract_transf_matrix[3][3]   -0.00883517 
_atom_sites.fract_transf_vector[1]      0.142355 
_atom_sites.fract_transf_vector[2]      0.031610 
_atom_sites.fract_transf_vector[3]      0.228779 
# 
loop_
_atom_type.symbol 
C 
N 
O 
P 
# 
loop_
_atom_site.group_PDB 
_atom_site.id 
_atom_site.type_symbol 
_atom_site.label_atom_id 
_atom_site.label_alt_id 
_atom_site.label_comp_id 
_atom_site.label_asym_id 
_atom_site.label_entity_id 
_atom_site.label_seq_id 
_atom_site.pdbx_PDB_ins_code 
_atom_site.Cartn_x 
_atom_site.Cartn_y 
_atom_site.Cartn_z 
_atom_site.occupancy 
_atom_site.B_iso_or_equiv 
_atom_site.pdbx_formal_charge 
_atom_site.auth_seq_id 
_atom_site.auth_comp_id 
_atom_site.auth_asym_id 
_atom_site.auth_atom_id 
_atom_site.pdbx_PDB_model_num 
ATOM   1   O "O5'" . DG  A 1 1  ? -6.673  7.946   7.052   1.00 30.29 ? 101 DG  A "O5'" 1 
ATOM   2   C "C5'" . DG  A 1 1  ? -6.026  9.042   7.700   1.00 29.07 ? 101 DG  A "C5'" 1 
ATOM   3   C "C4'" . DG  A 1 1  ? -5.345  8.638   9.032   1.00 23.60 ? 101 DG  A "C4'" 1 
ATOM   4   O "O4'" . DG  A 1 1  ? -6.268  7.944   9.914   1.00 24.87 ? 101 DG  A "O4'" 1 
ATOM   5   C "C3'" . DG  A 1 1  ? -4.188  7.704   8.868   1.00 22.50 ? 101 DG  A "C3'" 1 
ATOM   6   O "O3'" . DG  A 1 1  ? -3.046  8.421   8.535   1.00 25.40 ? 101 DG  A "O3'" 1 
ATOM   7   C "C2'" . DG  A 1 1  ? -4.082  7.078   10.252  1.00 21.34 ? 101 DG  A "C2'" 1 
ATOM   8   C "C1'" . DG  A 1 1  ? -5.545  6.874   10.548  1.00 21.22 ? 101 DG  A "C1'" 1 
ATOM   9   N N9    . DG  A 1 1  ? -6.053  5.607   10.084  1.00 19.73 ? 101 DG  A N9    1 
ATOM   10  C C8    . DG  A 1 1  ? -6.932  5.380   9.057   1.00 20.34 ? 101 DG  A C8    1 
ATOM   11  N N7    . DG  A 1 1  ? -7.274  4.129   8.936   1.00 19.85 ? 101 DG  A N7    1 
ATOM   12  C C5    . DG  A 1 1  ? -6.562  3.486   9.944   1.00 20.94 ? 101 DG  A C5    1 
ATOM   13  C C6    . DG  A 1 1  ? -6.523  2.113   10.308  1.00 20.70 ? 101 DG  A C6    1 
ATOM   14  O O6    . DG  A 1 1  ? -7.140  1.157   9.811   1.00 20.41 ? 101 DG  A O6    1 
ATOM   15  N N1    . DG  A 1 1  ? -5.681  1.904   11.392  1.00 20.31 ? 101 DG  A N1    1 
ATOM   16  C C2    . DG  A 1 1  ? -4.977  2.870   12.053  1.00 19.70 ? 101 DG  A C2    1 
ATOM   17  N N2    . DG  A 1 1  ? -4.267  2.456   13.130  1.00 17.66 ? 101 DG  A N2    1 
ATOM   18  N N3    . DG  A 1 1  ? -5.021  4.160   11.746  1.00 19.34 ? 101 DG  A N3    1 
ATOM   19  C C4    . DG  A 1 1  ? -5.829  4.389   10.673  1.00 19.14 ? 101 DG  A C4    1 
ATOM   20  P P     . DC  A 1 2  ? -1.946  7.830   7.458   1.00 28.08 ? 102 DC  A P     1 
ATOM   21  O OP1   . DC  A 1 2  ? -0.933  8.862   7.216   1.00 29.38 ? 102 DC  A OP1   1 
ATOM   22  O OP2   . DC  A 1 2  ? -2.719  7.286   6.310   1.00 27.46 ? 102 DC  A OP2   1 
ATOM   23  O "O5'" . DC  A 1 2  ? -1.197  6.616   8.234   1.00 25.79 ? 102 DC  A "O5'" 1 
ATOM   24  C "C5'" . DC  A 1 2  ? -0.358  6.886   9.348   1.00 25.80 ? 102 DC  A "C5'" 1 
ATOM   25  C "C4'" . DC  A 1 2  ? -0.100  5.614   10.119  1.00 22.30 ? 102 DC  A "C4'" 1 
ATOM   26  O "O4'" . DC  A 1 2  ? -1.367  5.119   10.558  1.00 23.18 ? 102 DC  A "O4'" 1 
ATOM   27  C "C3'" . DC  A 1 2  ? 0.414   4.452   9.297   1.00 26.22 ? 102 DC  A "C3'" 1 
ATOM   28  O "O3'" . DC  A 1 2  ? 1.853   4.553   9.063   1.00 30.12 ? 102 DC  A "O3'" 1 
ATOM   29  C "C2'" . DC  A 1 2  ? 0.096   3.317   10.253  1.00 21.88 ? 102 DC  A "C2'" 1 
ATOM   30  C "C1'" . DC  A 1 2  ? -1.324  3.669   10.604  1.00 21.11 ? 102 DC  A "C1'" 1 
ATOM   31  N N1    . DC  A 1 2  ? -2.347  3.041   9.654   1.00 19.24 ? 102 DC  A N1    1 
ATOM   32  C C2    . DC  A 1 2  ? -2.606  1.682   9.779   1.00 20.20 ? 102 DC  A C2    1 
ATOM   33  O O2    . DC  A 1 2  ? -2.070  1.091   10.681  1.00 19.70 ? 102 DC  A O2    1 
ATOM   34  N N3    . DC  A 1 2  ? -3.500  1.078   8.950   1.00 20.84 ? 102 DC  A N3    1 
ATOM   35  C C4    . DC  A 1 2  ? -4.092  1.766   7.980   1.00 21.84 ? 102 DC  A C4    1 
ATOM   36  N N4    . DC  A 1 2  ? -4.940  1.103   7.203   1.00 23.30 ? 102 DC  A N4    1 
ATOM   37  C C5    . DC  A 1 2  ? -3.839  3.179   7.799   1.00 21.53 ? 102 DC  A C5    1 
ATOM   38  C C6    . DC  A 1 2  ? -2.935  3.761   8.648   1.00 19.55 ? 102 DC  A C6    1 
ATOM   39  P P     . DG  A 1 3  ? 2.579   3.694   7.912   1.00 29.04 ? 103 DG  A P     1 
ATOM   40  O OP1   . DG  A 1 3  ? 3.972   4.131   7.879   1.00 31.65 ? 103 DG  A OP1   1 
ATOM   41  O OP2   . DG  A 1 3  ? 1.729   3.673   6.677   1.00 28.74 ? 103 DG  A OP2   1 
ATOM   42  O "O5'" . DG  A 1 3  ? 2.545   2.174   8.460   1.00 26.41 ? 103 DG  A "O5'" 1 
ATOM   43  C "C5'" . DG  A 1 3  ? 3.322   1.738   9.504   1.00 26.48 ? 103 DG  A "C5'" 1 
ATOM   44  C "C4'" . DG  A 1 3  ? 2.853   0.336   9.877   1.00 21.15 ? 103 DG  A "C4'" 1 
ATOM   45  O "O4'" . DG  A 1 3  ? 1.410   0.271   9.983   1.00 20.33 ? 103 DG  A "O4'" 1 
ATOM   46  C "C3'" . DG  A 1 3  ? 3.215   -0.769  8.925   1.00 19.35 ? 103 DG  A "C3'" 1 
ATOM   47  O "O3'" . DG  A 1 3  ? 4.549   -1.165  9.213   1.00 19.67 ? 103 DG  A "O3'" 1 
ATOM   48  C "C2'" . DG  A 1 3  ? 2.272   -1.851  9.412   1.00 17.43 ? 103 DG  A "C2'" 1 
ATOM   49  C "C1'" . DG  A 1 3  ? 0.997   -1.033  9.608   1.00 15.98 ? 103 DG  A "C1'" 1 
ATOM   50  N N9    . DG  A 1 3  ? 0.152   -0.936  8.445   1.00 19.05 ? 103 DG  A N9    1 
ATOM   51  C C8    . DG  A 1 3  ? -0.212  0.194   7.745   1.00 18.06 ? 103 DG  A C8    1 
ATOM   52  N N7    . DG  A 1 3  ? -1.073  -0.044  6.786   1.00 17.63 ? 103 DG  A N7    1 
ATOM   53  C C5    . DG  A 1 3  ? -1.352  -1.426  6.925   1.00 17.63 ? 103 DG  A C5    1 
ATOM   54  C C6    . DG  A 1 3  ? -2.236  -2.283  6.206   1.00 16.25 ? 103 DG  A C6    1 
ATOM   55  O O6    . DG  A 1 3  ? -3.011  -1.988  5.256   1.00 17.72 ? 103 DG  A O6    1 
ATOM   56  N N1    . DG  A 1 3  ? -2.170  -3.593  6.656   1.00 17.19 ? 103 DG  A N1    1 
ATOM   57  C C2    . DG  A 1 3  ? -1.384  -4.054  7.665   1.00 14.63 ? 103 DG  A C2    1 
ATOM   58  N N2    . DG  A 1 3  ? -1.457  -5.381  7.924   1.00 16.72 ? 103 DG  A N2    1 
ATOM   59  N N3    . DG  A 1 3  ? -0.562  -3.258  8.377   1.00 15.85 ? 103 DG  A N3    1 
ATOM   60  C C4    . DG  A 1 3  ? -0.600  -1.968  7.938   1.00 15.14 ? 103 DG  A C4    1 
ATOM   61  P P     . DT  A 1 4  ? 5.419   -2.045  8.202   1.00 20.61 ? 104 DT  A P     1 
ATOM   62  O OP1   . DT  A 1 4  ? 6.745   -2.175  8.842   1.00 23.21 ? 104 DT  A OP1   1 
ATOM   63  O OP2   . DT  A 1 4  ? 5.281   -1.495  6.835   1.00 21.07 ? 104 DT  A OP2   1 
ATOM   64  O "O5'" . DT  A 1 4  ? 4.679   -3.463  8.189   1.00 19.62 ? 104 DT  A "O5'" 1 
ATOM   65  C "C5'" . DT  A 1 4  ? 4.816   -4.435  9.223   1.00 19.05 ? 104 DT  A "C5'" 1 
ATOM   66  C "C4'" . DT  A 1 4  ? 4.280   -5.760  8.730   1.00 18.65 ? 104 DT  A "C4'" 1 
ATOM   67  O "O4'" . DT  A 1 4  ? 2.863   -5.668  8.519   1.00 18.53 ? 104 DT  A "O4'" 1 
ATOM   68  C "C3'" . DT  A 1 4  ? 4.811   -6.191  7.376   1.00 18.24 ? 104 DT  A "C3'" 1 
ATOM   69  O "O3'" . DT  A 1 4  ? 6.068   -6.853  7.566   1.00 20.97 ? 104 DT  A "O3'" 1 
ATOM   70  C "C2'" . DT  A 1 4  ? 3.739   -7.159  6.896   1.00 19.49 ? 104 DT  A "C2'" 1 
ATOM   71  C "C1'" . DT  A 1 4  ? 2.494   -6.503  7.395   1.00 17.65 ? 104 DT  A "C1'" 1 
ATOM   72  N N1    . DT  A 1 4  ? 1.823   -5.623  6.429   1.00 18.09 ? 104 DT  A N1    1 
ATOM   73  C C2    . DT  A 1 4  ? 0.841   -6.152  5.634   1.00 17.76 ? 104 DT  A C2    1 
ATOM   74  O O2    . DT  A 1 4  ? 0.556   -7.324  5.656   1.00 18.73 ? 104 DT  A O2    1 
ATOM   75  N N3    . DT  A 1 4  ? 0.221   -5.274  4.790   1.00 16.84 ? 104 DT  A N3    1 
ATOM   76  C C4    . DT  A 1 4  ? 0.455   -3.924  4.647   1.00 15.26 ? 104 DT  A C4    1 
ATOM   77  O O4    . DT  A 1 4  ? -0.209  -3.228  3.880   1.00 17.55 ? 104 DT  A O4    1 
ATOM   78  C C5    . DT  A 1 4  ? 1.528   -3.379  5.496   1.00 15.86 ? 104 DT  A C5    1 
ATOM   79  C C7    . DT  A 1 4  ? 1.909   -1.902  5.418   1.00 19.40 ? 104 DT  A C7    1 
ATOM   80  C C6    . DT  A 1 4  ? 2.172   -4.254  6.349   1.00 17.90 ? 104 DT  A C6    1 
ATOM   81  P P     . DA  A 1 5  ? 7.171   -6.737  6.433   1.00 22.09 ? 105 DA  A P     1 
ATOM   82  O OP1   . DA  A 1 5  ? 8.358   -7.465  6.982   1.00 24.43 ? 105 DA  A OP1   1 
ATOM   83  O OP2   . DA  A 1 5  ? 7.302   -5.332  6.006   1.00 22.26 ? 105 DA  A OP2   1 
ATOM   84  O "O5'" . DA  A 1 5  ? 6.525   -7.588  5.227   1.00 21.79 ? 105 DA  A "O5'" 1 
ATOM   85  C "C5'" . DA  A 1 5  ? 6.515   -7.091  3.889   1.00 20.04 ? 105 DA  A "C5'" 1 
ATOM   86  C "C4'" . DA  A 1 5  ? 5.542   -7.904  3.093   1.00 19.47 ? 105 DA  A "C4'" 1 
ATOM   87  O "O4'" . DA  A 1 5  ? 4.211   -7.535  3.499   1.00 20.88 ? 105 DA  A "O4'" 1 
ATOM   88  C "C3'" . DA  A 1 5  ? 5.556   -7.667  1.618   1.00 21.07 ? 105 DA  A "C3'" 1 
ATOM   89  O "O3'" . DA  A 1 5  ? 6.558   -8.473  1.021   1.00 23.00 ? 105 DA  A "O3'" 1 
ATOM   90  C "C2'" . DA  A 1 5  ? 4.200   -8.218  1.249   1.00 20.15 ? 105 DA  A "C2'" 1 
ATOM   91  C "C1'" . DA  A 1 5  ? 3.348   -7.675  2.402   1.00 20.13 ? 105 DA  A "C1'" 1 
ATOM   92  N N9    . DA  A 1 5  ? 2.739   -6.355  2.126   1.00 19.19 ? 105 DA  A N9    1 
ATOM   93  C C8    . DA  A 1 5  ? 3.145   -5.128  2.566   1.00 21.13 ? 105 DA  A C8    1 
ATOM   94  N N7    . DA  A 1 5  ? 2.398   -4.129  2.138   1.00 18.41 ? 105 DA  A N7    1 
ATOM   95  C C5    . DA  A 1 5  ? 1.433   -4.768  1.349   1.00 18.07 ? 105 DA  A C5    1 
ATOM   96  C C6    . DA  A 1 5  ? 0.308   -4.308  0.679   1.00 18.07 ? 105 DA  A C6    1 
ATOM   97  N N6    . DA  A 1 5  ? -0.044  -3.014  0.646   1.00 18.32 ? 105 DA  A N6    1 
ATOM   98  N N1    . DA  A 1 5  ? -0.470  -5.219  0.040   1.00 17.85 ? 105 DA  A N1    1 
ATOM   99  C C2    . DA  A 1 5  ? -0.132  -6.524  0.079   1.00 19.04 ? 105 DA  A C2    1 
ATOM   100 N N3    . DA  A 1 5  ? 0.896   -7.088  0.737   1.00 17.78 ? 105 DA  A N3    1 
ATOM   101 C C4    . DA  A 1 5  ? 1.632   -6.148  1.362   1.00 18.65 ? 105 DA  A C4    1 
HETATM 102 P P     . URX A 1 6  ? 7.379   -7.761  -0.153  1.00 27.05 ? 106 URX A P     1 
HETATM 103 N N1    . URX A 1 6  ? 2.826   -6.166  -2.512  1.00 22.34 ? 106 URX A N1    1 
HETATM 104 C C2    . URX A 1 6  ? 1.753   -5.426  -2.932  1.00 20.36 ? 106 URX A C2    1 
HETATM 105 O O2    . URX A 1 6  ? 0.848   -5.946  -3.707  1.00 21.62 ? 106 URX A O2    1 
HETATM 106 N N3    . URX A 1 6  ? 1.592   -4.160  -2.532  1.00 21.18 ? 106 URX A N3    1 
HETATM 107 C C4    . URX A 1 6  ? 2.503   -3.559  -1.772  1.00 19.68 ? 106 URX A C4    1 
HETATM 108 O O4    . URX A 1 6  ? 2.317   -2.370  -1.431  1.00 19.86 ? 106 URX A O4    1 
HETATM 109 C C5    . URX A 1 6  ? 3.608   -4.271  -1.319  1.00 20.81 ? 106 URX A C5    1 
HETATM 110 C C6    . URX A 1 6  ? 3.743   -5.602  -1.692  1.00 21.05 ? 106 URX A C6    1 
HETATM 111 C "C1'" . URX A 1 6  ? 2.928   -7.562  -2.891  1.00 24.59 ? 106 URX A "C1'" 1 
HETATM 112 C "C2'" . URX A 1 6  ? 3.651   -7.735  -4.233  1.00 25.60 ? 106 URX A "C2'" 1 
HETATM 113 C "C3'" . URX A 1 6  ? 5.031   -7.677  -3.784  1.00 26.89 ? 106 URX A "C3'" 1 
HETATM 114 O "O3'" . URX A 1 6  ? 5.940   -8.097  -4.842  1.00 29.43 ? 106 URX A "O3'" 1 
HETATM 115 C "C4'" . URX A 1 6  ? 4.866   -8.748  -2.762  1.00 26.67 ? 106 URX A "C4'" 1 
HETATM 116 O "O4'" . URX A 1 6  ? 3.763   -8.265  -1.949  1.00 24.71 ? 106 URX A "O4'" 1 
HETATM 117 C "C5'" . URX A 1 6  ? 6.097   -9.008  -1.954  1.00 26.91 ? 106 URX A "C5'" 1 
HETATM 118 O "O5'" . URX A 1 6  ? 6.568   -7.757  -1.466  1.00 25.13 ? 106 URX A "O5'" 1 
HETATM 119 C "C6'" . URX A 1 6  ? 3.545   -9.190  -4.602  1.00 25.52 ? 106 URX A "C6'" 1 
HETATM 120 C "C7'" . URX A 1 6  ? 2.166   -9.707  -4.700  1.00 29.29 ? 106 URX A "C7'" 1 
HETATM 121 C "C8'" . URX A 1 6  ? 4.353   -9.902  -3.564  1.00 27.05 ? 106 URX A "C8'" 1 
HETATM 122 O OP1   . URX A 1 6  ? 8.534   -8.835  -0.296  1.00 31.36 ? 106 URX A OP1   1 
HETATM 123 O OP2   . URX A 1 6  ? 7.952   -6.300  0.114   1.00 29.00 ? 106 URX A OP2   1 
ATOM   124 P P     . DA  A 1 7  ? 6.747   -6.977  -5.737  1.00 24.85 ? 107 DA  A P     1 
ATOM   125 O OP1   . DA  A 1 7  ? 7.857   -7.753  -6.415  1.00 26.03 ? 107 DA  A OP1   1 
ATOM   126 O OP2   . DA  A 1 7  ? 7.105   -5.806  -4.861  1.00 28.17 ? 107 DA  A OP2   1 
ATOM   127 O "O5'" . DA  A 1 7  ? 5.644   -6.536  -6.797  1.00 25.48 ? 107 DA  A "O5'" 1 
ATOM   128 C "C5'" . DA  A 1 7  ? 5.097   -7.450  -7.733  1.00 26.30 ? 107 DA  A "C5'" 1 
ATOM   129 C "C4'" . DA  A 1 7  ? 3.889   -6.853  -8.430  1.00 23.91 ? 107 DA  A "C4'" 1 
ATOM   130 O "O4'" . DA  A 1 7  ? 2.832   -6.633  -7.463  1.00 24.78 ? 107 DA  A "O4'" 1 
ATOM   131 C "C3'" . DA  A 1 7  ? 4.089   -5.475  -9.070  1.00 22.34 ? 107 DA  A "C3'" 1 
ATOM   132 O "O3'" . DA  A 1 7  ? 4.673   -5.586  -10.383 1.00 24.58 ? 107 DA  A "O3'" 1 
ATOM   133 C "C2'" . DA  A 1 7  ? 2.671   -4.990  -9.152  1.00 21.25 ? 107 DA  A "C2'" 1 
ATOM   134 C "C1'" . DA  A 1 7  ? 2.143   -5.434  -7.777  1.00 20.00 ? 107 DA  A "C1'" 1 
ATOM   135 N N9    . DA  A 1 7  ? 2.413   -4.428  -6.742  1.00 19.23 ? 107 DA  A N9    1 
ATOM   136 C C8    . DA  A 1 7  ? 3.429   -4.411  -5.826  1.00 18.30 ? 107 DA  A C8    1 
ATOM   137 N N7    . DA  A 1 7  ? 3.418   -3.316  -5.047  1.00 19.00 ? 107 DA  A N7    1 
ATOM   138 C C5    . DA  A 1 7  ? 2.352   -2.572  -5.548  1.00 18.84 ? 107 DA  A C5    1 
ATOM   139 C C6    . DA  A 1 7  ? 1.815   -1.323  -5.173  1.00 19.18 ? 107 DA  A C6    1 
ATOM   140 N N6    . DA  A 1 7  ? 2.326   -0.556  -4.150  1.00 19.22 ? 107 DA  A N6    1 
ATOM   141 N N1    . DA  A 1 7  ? 0.785   -0.867  -5.906  1.00 19.28 ? 107 DA  A N1    1 
ATOM   142 C C2    . DA  A 1 7  ? 0.293   -1.602  -6.889  1.00 17.00 ? 107 DA  A C2    1 
ATOM   143 N N3    . DA  A 1 7  ? 0.687   -2.806  -7.301  1.00 18.53 ? 107 DA  A N3    1 
ATOM   144 C C4    . DA  A 1 7  ? 1.736   -3.232  -6.592  1.00 17.81 ? 107 DA  A C4    1 
ATOM   145 P P     . DC  A 1 8  ? 5.586   -4.430  -10.907 1.00 28.65 ? 108 DC  A P     1 
ATOM   146 O OP1   . DC  A 1 8  ? 6.085   -4.833  -12.217 1.00 30.59 ? 108 DC  A OP1   1 
ATOM   147 O OP2   . DC  A 1 8  ? 6.524   -4.092  -9.821  1.00 31.11 ? 108 DC  A OP2   1 
ATOM   148 O "O5'" . DC  A 1 8  ? 4.591   -3.207  -11.119 1.00 25.08 ? 108 DC  A "O5'" 1 
ATOM   149 C "C5'" . DC  A 1 8  ? 3.565   -3.259  -12.034 1.00 24.20 ? 108 DC  A "C5'" 1 
ATOM   150 C "C4'" . DC  A 1 8  ? 2.663   -2.044  -11.859 1.00 21.95 ? 108 DC  A "C4'" 1 
ATOM   151 O "O4'" . DC  A 1 8  ? 2.186   -1.996  -10.505 1.00 23.40 ? 108 DC  A "O4'" 1 
ATOM   152 C "C3'" . DC  A 1 8  ? 3.293   -0.691  -12.068 1.00 22.14 ? 108 DC  A "C3'" 1 
ATOM   153 O "O3'" . DC  A 1 8  ? 3.289   -0.404  -13.449 1.00 23.72 ? 108 DC  A "O3'" 1 
ATOM   154 C "C2'" . DC  A 1 8  ? 2.272   0.201   -11.358 1.00 22.06 ? 108 DC  A "C2'" 1 
ATOM   155 C "C1'" . DC  A 1 8  ? 1.949   -0.654  -10.143 1.00 22.19 ? 108 DC  A "C1'" 1 
ATOM   156 N N1    . DC  A 1 8  ? 2.782   -0.293  -8.972  1.00 20.99 ? 108 DC  A N1    1 
ATOM   157 C C2    . DC  A 1 8  ? 2.458   0.867   -8.309  1.00 20.43 ? 108 DC  A C2    1 
ATOM   158 O O2    . DC  A 1 8  ? 1.501   1.547   -8.745  1.00 21.83 ? 108 DC  A O2    1 
ATOM   159 N N3    . DC  A 1 8  ? 3.173   1.236   -7.215  1.00 20.77 ? 108 DC  A N3    1 
ATOM   160 C C4    . DC  A 1 8  ? 4.221   0.506   -6.805  1.00 20.86 ? 108 DC  A C4    1 
ATOM   161 N N4    . DC  A 1 8  ? 4.876   0.931   -5.729  1.00 21.72 ? 108 DC  A N4    1 
ATOM   162 C C5    . DC  A 1 8  ? 4.608   -0.703  -7.477  1.00 22.95 ? 108 DC  A C5    1 
ATOM   163 C C6    . DC  A 1 8  ? 3.865   -1.073  -8.556  1.00 21.88 ? 108 DC  A C6    1 
ATOM   164 P P     . DG  A 1 9  ? 4.319   0.610   -14.067 1.00 28.47 ? 109 DG  A P     1 
ATOM   165 O OP1   . DG  A 1 9  ? 4.116   0.593   -15.534 1.00 29.17 ? 109 DG  A OP1   1 
ATOM   166 O OP2   . DG  A 1 9  ? 5.601   0.318   -13.494 1.00 25.99 ? 109 DG  A OP2   1 
ATOM   167 O "O5'" . DG  A 1 9  ? 3.858   2.018   -13.535 1.00 23.16 ? 109 DG  A "O5'" 1 
ATOM   168 C "C5'" . DG  A 1 9  ? 2.682   2.576   -14.019 1.00 24.33 ? 109 DG  A "C5'" 1 
ATOM   169 C "C4'" . DG  A 1 9  ? 2.358   3.810   -13.217 1.00 21.17 ? 109 DG  A "C4'" 1 
ATOM   170 O "O4'" . DG  A 1 9  ? 2.325   3.461   -11.838 1.00 21.11 ? 109 DG  A "O4'" 1 
ATOM   171 C "C3'" . DG  A 1 9  ? 3.436   4.863   -13.223 1.00 22.70 ? 109 DG  A "C3'" 1 
ATOM   172 O "O3'" . DG  A 1 9  ? 3.421   5.521   -14.452 1.00 23.49 ? 109 DG  A "O3'" 1 
ATOM   173 C "C2'" . DG  A 1 9  ? 2.935   5.736   -12.097 1.00 23.72 ? 109 DG  A "C2'" 1 
ATOM   174 C "C1'" . DG  A 1 9  ? 2.556   4.653   -11.105 1.00 19.94 ? 109 DG  A "C1'" 1 
ATOM   175 N N9    . DG  A 1 9  ? 3.536   4.397   -10.055 1.00 19.80 ? 109 DG  A N9    1 
ATOM   176 C C8    . DG  A 1 9  ? 4.390   3.297   -9.899  1.00 20.84 ? 109 DG  A C8    1 
ATOM   177 N N7    . DG  A 1 9  ? 5.142   3.375   -8.808  1.00 19.70 ? 109 DG  A N7    1 
ATOM   178 C C5    . DG  A 1 9  ? 4.740   4.618   -8.234  1.00 17.65 ? 109 DG  A C5    1 
ATOM   179 C C6    . DG  A 1 9  ? 5.166   5.265   -7.024  1.00 17.55 ? 109 DG  A C6    1 
ATOM   180 O O6    . DG  A 1 9  ? 5.981   4.845   -6.168  1.00 20.26 ? 109 DG  A O6    1 
ATOM   181 N N1    . DG  A 1 9  ? 4.511   6.508   -6.842  1.00 17.92 ? 109 DG  A N1    1 
ATOM   182 C C2    . DG  A 1 9  ? 3.581   7.069   -7.717  1.00 17.00 ? 109 DG  A C2    1 
ATOM   183 N N2    . DG  A 1 9  ? 3.130   8.277   -7.413  1.00 18.09 ? 109 DG  A N2    1 
ATOM   184 N N3    . DG  A 1 9  ? 3.156   6.474   -8.855  1.00 19.29 ? 109 DG  A N3    1 
ATOM   185 C C4    . DG  A 1 9  ? 3.778   5.245   -9.028  1.00 17.42 ? 109 DG  A C4    1 
ATOM   186 P P     . DC  A 1 10 ? 4.536   6.553   -14.895 1.00 22.84 ? 110 DC  A P     1 
ATOM   187 O OP1   . DC  A 1 10 ? 4.165   7.052   -16.252 1.00 25.34 ? 110 DC  A OP1   1 
ATOM   188 O OP2   . DC  A 1 10 ? 5.815   5.952   -14.683 1.00 20.73 ? 110 DC  A OP2   1 
ATOM   189 O "O5'" . DC  A 1 10 ? 4.406   7.759   -13.843 1.00 23.85 ? 110 DC  A "O5'" 1 
ATOM   190 C "C5'" . DC  A 1 10 ? 3.331   8.746   -13.955 1.00 20.88 ? 110 DC  A "C5'" 1 
ATOM   191 C "C4'" . DC  A 1 10 ? 3.513   9.839   -12.909 1.00 18.86 ? 110 DC  A "C4'" 1 
ATOM   192 O "O4'" . DC  A 1 10 ? 3.538   9.212   -11.616 1.00 17.49 ? 110 DC  A "O4'" 1 
ATOM   193 C "C3'" . DC  A 1 10 ? 4.862   10.548  -12.970 1.00 18.04 ? 110 DC  A "C3'" 1 
ATOM   194 O "O3'" . DC  A 1 10 ? 4.846   11.554  -13.980 1.00 19.52 ? 110 DC  A "O3'" 1 
ATOM   195 C "C2'" . DC  A 1 10 ? 5.009   11.117  -11.585 1.00 19.55 ? 110 DC  A "C2'" 1 
ATOM   196 C "C1'" . DC  A 1 10 ? 4.386   9.992   -10.754 1.00 17.85 ? 110 DC  A "C1'" 1 
ATOM   197 N N1    . DC  A 1 10 ? 5.404   9.073   -10.134 1.00 15.85 ? 110 DC  A N1    1 
ATOM   198 C C2    . DC  A 1 10 ? 5.914   9.415   -8.920  1.00 15.05 ? 110 DC  A C2    1 
ATOM   199 O O2    . DC  A 1 10 ? 5.603   10.515  -8.460  1.00 17.26 ? 110 DC  A O2    1 
ATOM   200 N N3    . DC  A 1 10 ? 6.795   8.575   -8.310  1.00 18.44 ? 110 DC  A N3    1 
ATOM   201 C C4    . DC  A 1 10 ? 7.162   7.408   -8.927  1.00 16.98 ? 110 DC  A C4    1 
ATOM   202 N N4    . DC  A 1 10 ? 8.010   6.597   -8.308  1.00 19.77 ? 110 DC  A N4    1 
ATOM   203 C C5    . DC  A 1 10 ? 6.638   7.047   -10.193 1.00 16.91 ? 110 DC  A C5    1 
ATOM   204 C C6    . DC  A 1 10 ? 5.753   7.892   -10.744 1.00 17.49 ? 110 DC  A C6    1 
ATOM   205 O "O5'" . DG  B 1 1  ? 10.360  9.005   1.236   1.00 42.40 ? 201 DG  B "O5'" 1 
ATOM   206 C "C5'" . DG  B 1 1  ? 10.642  10.377  1.599   1.00 37.13 ? 201 DG  B "C5'" 1 
ATOM   207 C "C4'" . DG  B 1 1  ? 9.793   11.341  0.787   1.00 31.22 ? 201 DG  B "C4'" 1 
ATOM   208 O "O4'" . DG  B 1 1  ? 10.341  11.469  -0.537  1.00 28.79 ? 201 DG  B "O4'" 1 
ATOM   209 C "C3'" . DG  B 1 1  ? 8.346   10.945  0.580   1.00 28.04 ? 201 DG  B "C3'" 1 
ATOM   210 O "O3'" . DG  B 1 1  ? 7.599   11.469  1.567   1.00 27.74 ? 201 DG  B "O3'" 1 
ATOM   211 C "C2'" . DG  B 1 1  ? 7.995   11.628  -0.733  1.00 27.30 ? 201 DG  B "C2'" 1 
ATOM   212 C "C1'" . DG  B 1 1  ? 9.298   11.467  -1.482  1.00 25.06 ? 201 DG  B "C1'" 1 
ATOM   213 N N9    . DG  B 1 1  ? 9.414   10.285  -2.305  1.00 24.65 ? 201 DG  B N9    1 
ATOM   214 C C8    . DG  B 1 1  ? 10.240  9.201   -2.133  1.00 28.11 ? 201 DG  B C8    1 
ATOM   215 N N7    . DG  B 1 1  ? 10.177  8.311   -3.140  1.00 25.52 ? 201 DG  B N7    1 
ATOM   216 C C5    . DG  B 1 1  ? 9.254   8.890   -4.016  1.00 22.69 ? 201 DG  B C5    1 
ATOM   217 C C6    . DG  B 1 1  ? 8.775   8.443   -5.269  1.00 20.12 ? 201 DG  B C6    1 
ATOM   218 O O6    . DG  B 1 1  ? 9.091   7.403   -5.868  1.00 21.52 ? 201 DG  B O6    1 
ATOM   219 N N1    . DG  B 1 1  ? 7.814   9.317   -5.818  1.00 18.54 ? 201 DG  B N1    1 
ATOM   220 C C2    . DG  B 1 1  ? 7.408   10.517  -5.223  1.00 20.26 ? 201 DG  B C2    1 
ATOM   221 N N2    . DG  B 1 1  ? 6.496   11.261  -5.874  1.00 18.57 ? 201 DG  B N2    1 
ATOM   222 N N3    . DG  B 1 1  ? 7.869   10.951  -4.032  1.00 20.81 ? 201 DG  B N3    1 
ATOM   223 C C4    . DG  B 1 1  ? 8.786   10.100  -3.506  1.00 22.93 ? 201 DG  B C4    1 
ATOM   224 P P     . DC  B 1 2  ? 6.170   10.867  1.868   1.00 28.36 ? 202 DC  B P     1 
ATOM   225 O OP1   . DC  B 1 2  ? 5.606   11.620  3.021   1.00 31.24 ? 202 DC  B OP1   1 
ATOM   226 O OP2   . DC  B 1 2  ? 6.307   9.370   1.974   1.00 28.41 ? 202 DC  B OP2   1 
ATOM   227 O "O5'" . DC  B 1 2  ? 5.290   11.189  0.598   1.00 24.25 ? 202 DC  B "O5'" 1 
ATOM   228 C "C5'" . DC  B 1 2  ? 4.906   12.533  0.282   1.00 23.70 ? 202 DC  B "C5'" 1 
ATOM   229 C "C4'" . DC  B 1 2  ? 4.115   12.497  -1.014  1.00 22.29 ? 202 DC  B "C4'" 1 
ATOM   230 O "O4'" . DC  B 1 2  ? 4.966   11.995  -2.049  1.00 21.00 ? 202 DC  B "O4'" 1 
ATOM   231 C "C3'" . DC  B 1 2  ? 2.963   11.531  -1.017  1.00 22.78 ? 202 DC  B "C3'" 1 
ATOM   232 O "O3'" . DC  B 1 2  ? 1.860   12.141  -0.400  1.00 26.68 ? 202 DC  B "O3'" 1 
ATOM   233 C "C2'" . DC  B 1 2  ? 2.730   11.315  -2.519  1.00 20.55 ? 202 DC  B "C2'" 1 
ATOM   234 C "C1'" . DC  B 1 2  ? 4.166   11.216  -2.950  1.00 19.07 ? 202 DC  B "C1'" 1 
ATOM   235 N N1    . DC  B 1 2  ? 4.712   9.874   -3.053  1.00 19.34 ? 202 DC  B N1    1 
ATOM   236 C C2    . DC  B 1 2  ? 4.447   9.147   -4.243  1.00 17.94 ? 202 DC  B C2    1 
ATOM   237 O O2    . DC  B 1 2  ? 3.658   9.616   -5.066  1.00 17.15 ? 202 DC  B O2    1 
ATOM   238 N N3    . DC  B 1 2  ? 5.005   7.927   -4.401  1.00 18.79 ? 202 DC  B N3    1 
ATOM   239 C C4    . DC  B 1 2  ? 5.797   7.417   -3.427  1.00 20.11 ? 202 DC  B C4    1 
ATOM   240 N N4    . DC  B 1 2  ? 6.334   6.236   -3.640  1.00 21.58 ? 202 DC  B N4    1 
ATOM   241 C C5    . DC  B 1 2  ? 6.109   8.140   -2.229  1.00 18.57 ? 202 DC  B C5    1 
ATOM   242 C C6    . DC  B 1 2  ? 5.554   9.369   -2.076  1.00 19.36 ? 202 DC  B C6    1 
ATOM   243 P P     . DG  B 1 3  ? 0.597   11.304  0.085   1.00 28.90 ? 203 DG  B P     1 
ATOM   244 O OP1   . DG  B 1 3  ? -0.285  12.317  0.703   1.00 32.32 ? 203 DG  B OP1   1 
ATOM   245 O OP2   . DG  B 1 3  ? 1.052   10.138  0.858   1.00 29.16 ? 203 DG  B OP2   1 
ATOM   246 O "O5'" . DG  B 1 3  ? -0.097  10.868  -1.255  1.00 25.26 ? 203 DG  B "O5'" 1 
ATOM   247 C "C5'" . DG  B 1 3  ? -0.668  9.599   -1.449  1.00 24.45 ? 203 DG  B "C5'" 1 
ATOM   248 C "C4'" . DG  B 1 3  ? -0.837  9.368   -2.944  1.00 22.45 ? 203 DG  B "C4'" 1 
ATOM   249 O "O4'" . DG  B 1 3  ? 0.468   9.250   -3.561  1.00 22.35 ? 203 DG  B "O4'" 1 
ATOM   250 C "C3'" . DG  B 1 3  ? -1.542  8.089   -3.319  1.00 21.90 ? 203 DG  B "C3'" 1 
ATOM   251 O "O3'" . DG  B 1 3  ? -2.956  8.314   -3.347  1.00 23.03 ? 203 DG  B "O3'" 1 
ATOM   252 C "C2'" . DG  B 1 3  ? -1.010  7.821   -4.728  1.00 20.66 ? 203 DG  B "C2'" 1 
ATOM   253 C "C1'" . DG  B 1 3  ? 0.427   8.252   -4.573  1.00 18.89 ? 203 DG  B "C1'" 1 
ATOM   254 N N9    . DG  B 1 3  ? 1.313   7.158   -4.196  1.00 19.67 ? 203 DG  B N9    1 
ATOM   255 C C8    . DG  B 1 3  ? 2.030   7.021   -3.078  1.00 18.01 ? 203 DG  B C8    1 
ATOM   256 N N7    . DG  B 1 3  ? 2.740   5.903   -3.030  1.00 19.15 ? 203 DG  B N7    1 
ATOM   257 C C5    . DG  B 1 3  ? 2.430   5.261   -4.202  1.00 17.87 ? 203 DG  B C5    1 
ATOM   258 C C6    . DG  B 1 3  ? 2.872   3.999   -4.689  1.00 19.81 ? 203 DG  B C6    1 
ATOM   259 O O6    . DG  B 1 3  ? 3.687   3.204   -4.175  1.00 20.70 ? 203 DG  B O6    1 
ATOM   260 N N1    . DG  B 1 3  ? 2.301   3.709   -5.922  1.00 20.41 ? 203 DG  B N1    1 
ATOM   261 C C2    . DG  B 1 3  ? 1.413   4.543   -6.610  1.00 17.94 ? 203 DG  B C2    1 
ATOM   262 N N2    . DG  B 1 3  ? 0.978   4.098   -7.805  1.00 18.85 ? 203 DG  B N2    1 
ATOM   263 N N3    . DG  B 1 3  ? 1.009   5.754   -6.155  1.00 19.36 ? 203 DG  B N3    1 
ATOM   264 C C4    . DG  B 1 3  ? 1.533   6.009   -4.933  1.00 18.15 ? 203 DG  B C4    1 
ATOM   265 P P     . DT  B 1 4  ? -3.992  7.123   -3.022  1.00 24.80 ? 204 DT  B P     1 
ATOM   266 O OP1   . DT  B 1 4  ? -5.326  7.801   -2.980  1.00 25.82 ? 204 DT  B OP1   1 
ATOM   267 O OP2   . DT  B 1 4  ? -3.451  6.383   -1.820  1.00 26.22 ? 204 DT  B OP2   1 
ATOM   268 O "O5'" . DT  B 1 4  ? -3.937  6.177   -4.285  1.00 22.81 ? 204 DT  B "O5'" 1 
ATOM   269 C "C5'" . DT  B 1 4  ? -4.494  6.569   -5.502  1.00 21.65 ? 204 DT  B "C5'" 1 
ATOM   270 C "C4'" . DT  B 1 4  ? -4.375  5.483   -6.532  1.00 23.18 ? 204 DT  B "C4'" 1 
ATOM   271 O "O4'" . DT  B 1 4  ? -2.975  5.249   -6.833  1.00 21.84 ? 204 DT  B "O4'" 1 
ATOM   272 C "C3'" . DT  B 1 4  ? -4.859  4.120   -6.087  1.00 22.82 ? 204 DT  B "C3'" 1 
ATOM   273 O "O3'" . DT  B 1 4  ? -6.285  4.073   -6.166  1.00 23.83 ? 204 DT  B "O3'" 1 
ATOM   274 C "C2'" . DT  B 1 4  ? -4.185  3.266   -7.140  1.00 22.22 ? 204 DT  B "C2'" 1 
ATOM   275 C "C1'" . DT  B 1 4  ? -2.805  3.867   -7.102  1.00 21.11 ? 204 DT  B "C1'" 1 
ATOM   276 N N1    . DT  B 1 4  ? -1.876  3.278   -6.069  1.00 20.91 ? 204 DT  B N1    1 
ATOM   277 C C2    . DT  B 1 4  ? -1.282  2.096   -6.360  1.00 20.49 ? 204 DT  B C2    1 
ATOM   278 O O2    . DT  B 1 4  ? -1.511  1.473   -7.389  1.00 22.80 ? 204 DT  B O2    1 
ATOM   279 N N3    . DT  B 1 4  ? -0.410  1.630   -5.416  1.00 17.55 ? 204 DT  B N3    1 
ATOM   280 C C4    . DT  B 1 4  ? -0.119  2.179   -4.203  1.00 18.16 ? 204 DT  B C4    1 
ATOM   281 O O4    . DT  B 1 4  ? 0.688   1.659   -3.443  1.00 18.60 ? 204 DT  B O4    1 
ATOM   282 C C5    . DT  B 1 4  ? -0.816  3.442   -3.914  1.00 17.11 ? 204 DT  B C5    1 
ATOM   283 C C7    . DT  B 1 4  ? -0.564  4.164   -2.644  1.00 20.66 ? 204 DT  B C7    1 
ATOM   284 C C6    . DT  B 1 4  ? -1.629  3.923   -4.862  1.00 19.37 ? 204 DT  B C6    1 
ATOM   285 P P     . DA  B 1 5  ? -7.099  3.072   -5.263  1.00 24.71 ? 205 DA  B P     1 
ATOM   286 O OP1   . DA  B 1 5  ? -8.535  3.188   -5.648  1.00 27.73 ? 205 DA  B OP1   1 
ATOM   287 O OP2   . DA  B 1 5  ? -6.641  3.209   -3.834  1.00 23.66 ? 205 DA  B OP2   1 
ATOM   288 O "O5'" . DA  B 1 5  ? -6.572  1.661   -5.762  1.00 23.18 ? 205 DA  B "O5'" 1 
ATOM   289 C "C5'" . DA  B 1 5  ? -6.932  1.125   -7.029  1.00 24.16 ? 205 DA  B "C5'" 1 
ATOM   290 C "C4'" . DA  B 1 5  ? -6.379  -0.268  -7.160  1.00 21.09 ? 205 DA  B "C4'" 1 
ATOM   291 O "O4'" . DA  B 1 5  ? -4.954  -0.212  -7.143  1.00 20.76 ? 205 DA  B "O4'" 1 
ATOM   292 C "C3'" . DA  B 1 5  ? -6.698  -1.203  -6.038  1.00 23.63 ? 205 DA  B "C3'" 1 
ATOM   293 O "O3'" . DA  B 1 5  ? -8.056  -1.717  -6.206  1.00 25.45 ? 205 DA  B "O3'" 1 
ATOM   294 C "C2'" . DA  B 1 5  ? -5.654  -2.266  -6.287  1.00 22.64 ? 205 DA  B "C2'" 1 
ATOM   295 C "C1'" . DA  B 1 5  ? -4.463  -1.379  -6.575  1.00 19.54 ? 205 DA  B "C1'" 1 
ATOM   296 N N9    . DA  B 1 5  ? -3.665  -1.015  -5.403  1.00 21.09 ? 205 DA  B N9    1 
ATOM   297 C C8    . DA  B 1 5  ? -3.684  0.149   -4.681  1.00 18.36 ? 205 DA  B C8    1 
ATOM   298 N N7    . DA  B 1 5  ? -2.786  0.159   -3.698  1.00 19.79 ? 205 DA  B N7    1 
ATOM   299 C C5    . DA  B 1 5  ? -2.124  -1.054  -3.818  1.00 16.81 ? 205 DA  B C5    1 
ATOM   300 C C6    . DA  B 1 5  ? -1.039  -1.653  -3.083  1.00 16.00 ? 205 DA  B C6    1 
ATOM   301 N N6    . DA  B 1 5  ? -0.357  -1.056  -2.084  1.00 19.96 ? 205 DA  B N6    1 
ATOM   302 N N1    . DA  B 1 5  ? -0.660  -2.862  -3.473  1.00 17.03 ? 205 DA  B N1    1 
ATOM   303 C C2    . DA  B 1 5  ? -1.270  -3.442  -4.522  1.00 19.52 ? 205 DA  B C2    1 
ATOM   304 N N3    . DA  B 1 5  ? -2.270  -3.013  -5.292  1.00 18.94 ? 205 DA  B N3    1 
ATOM   305 C C4    . DA  B 1 5  ? -2.639  -1.775  -4.881  1.00 19.84 ? 205 DA  B C4    1 
HETATM 306 P P     . URX B 1 6  ? -8.826  -2.182  -4.827  1.00 25.98 ? 206 URX B P     1 
HETATM 307 N N1    . URX B 1 6  ? -4.568  -4.975  -2.868  1.00 20.38 ? 206 URX B N1    1 
HETATM 308 C C2    . URX B 1 6  ? -3.433  -5.328  -2.177  1.00 20.02 ? 206 URX B C2    1 
HETATM 309 O O2    . URX B 1 6  ? -2.899  -6.559  -2.323  1.00 21.95 ? 206 URX B O2    1 
HETATM 310 N N3    . URX B 1 6  ? -2.832  -4.441  -1.365  1.00 18.93 ? 206 URX B N3    1 
HETATM 311 C C4    . URX B 1 6  ? -3.345  -3.207  -1.179  1.00 19.08 ? 206 URX B C4    1 
HETATM 312 O O4    . URX B 1 6  ? -2.782  -2.458  -0.380  1.00 19.94 ? 206 URX B O4    1 
HETATM 313 C C5    . URX B 1 6  ? -4.506  -2.801  -1.879  1.00 17.89 ? 206 URX B C5    1 
HETATM 314 C C6    . URX B 1 6  ? -5.104  -3.722  -2.730  1.00 19.77 ? 206 URX B C6    1 
HETATM 315 C "C1'" . URX B 1 6  ? -5.136  -5.942  -3.827  1.00 22.92 ? 206 URX B "C1'" 1 
HETATM 316 C "C2'" . URX B 1 6  ? -6.133  -6.891  -3.206  1.00 23.02 ? 206 URX B "C2'" 1 
HETATM 317 C "C3'" . URX B 1 6  ? -7.304  -6.024  -3.197  1.00 23.10 ? 206 URX B "C3'" 1 
HETATM 318 O "O3'" . URX B 1 6  ? -8.516  -6.751  -2.828  1.00 25.64 ? 206 URX B "O3'" 1 
HETATM 319 C "C4'" . URX B 1 6  ? -7.257  -5.729  -4.645  1.00 23.89 ? 206 URX B "C4'" 1 
HETATM 320 O "O4'" . URX B 1 6  ? -5.927  -5.232  -4.788  1.00 22.73 ? 206 URX B "O4'" 1 
HETATM 321 C "C5'" . URX B 1 6  ? -8.309  -4.737  -5.133  1.00 25.74 ? 206 URX B "C5'" 1 
HETATM 322 O "O5'" . URX B 1 6  ? -8.181  -3.567  -4.352  1.00 23.62 ? 206 URX B "O5'" 1 
HETATM 323 C "C6'" . URX B 1 6  ? -6.483  -7.884  -4.289  1.00 23.14 ? 206 URX B "C6'" 1 
HETATM 324 C "C7'" . URX B 1 6  ? -5.321  -8.640  -4.836  1.00 25.19 ? 206 URX B "C7'" 1 
HETATM 325 C "C8'" . URX B 1 6  ? -7.245  -7.101  -5.307  1.00 22.39 ? 206 URX B "C8'" 1 
HETATM 326 O OP1   . URX B 1 6  ? -10.304 -2.414  -5.355  1.00 31.95 ? 206 URX B OP1   1 
HETATM 327 O OP2   . URX B 1 6  ? -8.762  -1.201  -3.595  1.00 28.63 ? 206 URX B OP2   1 
ATOM   328 P P     . DA  B 1 7  ? -9.265  -6.561  -1.381  1.00 25.09 ? 207 DA  B P     1 
ATOM   329 O OP1   . DA  B 1 7  ? -10.601 -7.122  -1.624  1.00 28.04 ? 207 DA  B OP1   1 
ATOM   330 O OP2   . DA  B 1 7  ? -9.055  -5.190  -0.779  1.00 23.71 ? 207 DA  B OP2   1 
ATOM   331 O "O5'" . DA  B 1 7  ? -8.405  -7.612  -0.522  1.00 25.04 ? 207 DA  B "O5'" 1 
ATOM   332 C "C5'" . DA  B 1 7  ? -8.433  -9.015  -0.831  1.00 26.07 ? 207 DA  B "C5'" 1 
ATOM   333 C "C4'" . DA  B 1 7  ? -7.337  -9.716  -0.075  1.00 23.87 ? 207 DA  B "C4'" 1 
ATOM   334 O "O4'" . DA  B 1 7  ? -6.046  -9.208  -0.494  1.00 24.85 ? 207 DA  B "O4'" 1 
ATOM   335 C "C3'" . DA  B 1 7  ? -7.348  -9.500  1.431   1.00 23.18 ? 207 DA  B "C3'" 1 
ATOM   336 O "O3'" . DA  B 1 7  ? -8.304  -10.379 2.062   1.00 27.57 ? 207 DA  B "O3'" 1 
ATOM   337 C "C2'" . DA  B 1 7  ? -5.942  -9.876  1.782   1.00 21.96 ? 207 DA  B "C2'" 1 
ATOM   338 C "C1'" . DA  B 1 7  ? -5.188  -9.206  0.639   1.00 22.14 ? 207 DA  B "C1'" 1 
ATOM   339 N N9    . DA  B 1 7  ? -4.825  -7.825  0.964   1.00 19.60 ? 207 DA  B N9    1 
ATOM   340 C C8    . DA  B 1 7  ? -5.448  -6.678  0.599   1.00 22.26 ? 207 DA  B C8    1 
ATOM   341 N N7    . DA  B 1 7  ? -4.836  -5.607  1.058   1.00 19.65 ? 207 DA  B N7    1 
ATOM   342 C C5    . DA  B 1 7  ? -3.737  -6.094  1.754   1.00 15.68 ? 207 DA  B C5    1 
ATOM   343 C C6    . DA  B 1 7  ? -2.677  -5.470  2.461   1.00 17.06 ? 207 DA  B C6    1 
ATOM   344 N N6    . DA  B 1 7  ? -2.571  -4.157  2.603   1.00 18.38 ? 207 DA  B N6    1 
ATOM   345 N N1    . DA  B 1 7  ? -1.759  -6.278  3.074   1.00 18.31 ? 207 DA  B N1    1 
ATOM   346 C C2    . DA  B 1 7  ? -1.851  -7.604  2.907   1.00 17.14 ? 207 DA  B C2    1 
ATOM   347 N N3    . DA  B 1 7  ? -2.808  -8.280  2.280   1.00 18.84 ? 207 DA  B N3    1 
ATOM   348 C C4    . DA  B 1 7  ? -3.727  -7.448  1.731   1.00 19.43 ? 207 DA  B C4    1 
ATOM   349 P P     . DC  B 1 8  ? -9.203  -9.826  3.270   1.00 28.16 ? 208 DC  B P     1 
ATOM   350 O OP1   . DC  B 1 8  ? -10.236 -10.865 3.518   1.00 32.16 ? 208 DC  B OP1   1 
ATOM   351 O OP2   . DC  B 1 8  ? -9.642  -8.464  2.903   1.00 33.73 ? 208 DC  B OP2   1 
ATOM   352 O "O5'" . DC  B 1 8  ? -8.194  -9.771  4.508   1.00 26.62 ? 208 DC  B "O5'" 1 
ATOM   353 C "C5'" . DC  B 1 8  ? -7.614  -10.974 5.000   1.00 24.80 ? 208 DC  B "C5'" 1 
ATOM   354 C "C4'" . DC  B 1 8  ? -6.363  -10.657 5.795   1.00 23.47 ? 208 DC  B "C4'" 1 
ATOM   355 O "O4'" . DC  B 1 8  ? -5.479  -9.896  4.963   1.00 22.34 ? 208 DC  B "O4'" 1 
ATOM   356 C "C3'" . DC  B 1 8  ? -6.560  -9.759  7.013   1.00 23.91 ? 208 DC  B "C3'" 1 
ATOM   357 O "O3'" . DC  B 1 8  ? -7.065  -10.480 8.138   1.00 27.92 ? 208 DC  B "O3'" 1 
ATOM   358 C "C2'" . DC  B 1 8  ? -5.117  -9.278  7.239   1.00 22.85 ? 208 DC  B "C2'" 1 
ATOM   359 C "C1'" . DC  B 1 8  ? -4.662  -9.072  5.768   1.00 21.41 ? 208 DC  B "C1'" 1 
ATOM   360 N N1    . DC  B 1 8  ? -4.855  -7.652  5.353   1.00 18.64 ? 208 DC  B N1    1 
ATOM   361 C C2    . DC  B 1 8  ? -3.930  -6.724  5.789   1.00 19.19 ? 208 DC  B C2    1 
ATOM   362 O O2    . DC  B 1 8  ? -2.951  -7.124  6.420   1.00 19.06 ? 208 DC  B O2    1 
ATOM   363 N N3    . DC  B 1 8  ? -4.108  -5.405  5.474   1.00 18.85 ? 208 DC  B N3    1 
ATOM   364 C C4    . DC  B 1 8  ? -5.187  -5.012  4.789   1.00 20.03 ? 208 DC  B C4    1 
ATOM   365 N N4    . DC  B 1 8  ? -5.306  -3.710  4.510   1.00 22.63 ? 208 DC  B N4    1 
ATOM   366 C C5    . DC  B 1 8  ? -6.163  -5.953  4.324   1.00 21.72 ? 208 DC  B C5    1 
ATOM   367 C C6    . DC  B 1 8  ? -5.968  -7.260  4.637   1.00 20.88 ? 208 DC  B C6    1 
ATOM   368 P P     . DG  B 1 9  ? -7.823  -9.656  9.320   1.00 30.69 ? 209 DG  B P     1 
ATOM   369 O OP1   . DG  B 1 9  ? -8.472  -10.663 10.142  1.00 34.01 ? 209 DG  B OP1   1 
ATOM   370 O OP2   . DG  B 1 9  ? -8.622  -8.522  8.733   1.00 30.99 ? 209 DG  B OP2   1 
ATOM   371 O "O5'" . DG  B 1 9  ? -6.622  -8.958  10.168  1.00 28.21 ? 209 DG  B "O5'" 1 
ATOM   372 C "C5'" . DG  B 1 9  ? -5.574  -9.692  10.750  1.00 24.24 ? 209 DG  B "C5'" 1 
ATOM   373 C "C4'" . DG  B 1 9  ? -4.458  -8.706  11.142  1.00 19.38 ? 209 DG  B "C4'" 1 
ATOM   374 O "O4'" . DG  B 1 9  ? -4.159  -7.933  9.991   1.00 20.38 ? 209 DG  B "O4'" 1 
ATOM   375 C "C3'" . DG  B 1 9  ? -4.794  -7.646  12.192  1.00 22.04 ? 209 DG  B "C3'" 1 
ATOM   376 O "O3'" . DG  B 1 9  ? -4.575  -8.154  13.481  1.00 25.28 ? 209 DG  B "O3'" 1 
ATOM   377 C "C2'" . DG  B 1 9  ? -3.726  -6.600  11.907  1.00 19.28 ? 209 DG  B "C2'" 1 
ATOM   378 C "C1'" . DG  B 1 9  ? -3.694  -6.656  10.395  1.00 17.01 ? 209 DG  B "C1'" 1 
ATOM   379 N N9    . DG  B 1 9  ? -4.494  -5.645  9.743   1.00 17.38 ? 209 DG  B N9    1 
ATOM   380 C C8    . DG  B 1 9  ? -5.512  -5.818  8.823   1.00 17.49 ? 209 DG  B C8    1 
ATOM   381 N N7    . DG  B 1 9  ? -5.928  -4.670  8.309   1.00 17.22 ? 209 DG  B N7    1 
ATOM   382 C C5    . DG  B 1 9  ? -5.036  -3.727  8.827   1.00 15.62 ? 209 DG  B C5    1 
ATOM   383 C C6    . DG  B 1 9  ? -4.926  -2.308  8.589   1.00 16.38 ? 209 DG  B C6    1 
ATOM   384 O O6    . DG  B 1 9  ? -5.627  -1.599  7.812   1.00 19.34 ? 209 DG  B O6    1 
ATOM   385 N N1    . DG  B 1 9  ? -3.921  -1.739  9.332   1.00 18.92 ? 209 DG  B N1    1 
ATOM   386 C C2    . DG  B 1 9  ? -3.098  -2.415  10.204  1.00 16.20 ? 209 DG  B C2    1 
ATOM   387 N N2    . DG  B 1 9  ? -2.207  -1.673  10.847  1.00 18.43 ? 209 DG  B N2    1 
ATOM   388 N N3    . DG  B 1 9  ? -3.145  -3.742  10.428  1.00 17.05 ? 209 DG  B N3    1 
ATOM   389 C C4    . DG  B 1 9  ? -4.166  -4.318  9.722   1.00 15.45 ? 209 DG  B C4    1 
ATOM   390 P P     . DC  B 1 10 ? -5.316  -7.515  14.767  1.00 27.26 ? 210 DC  B P     1 
ATOM   391 O OP1   . DC  B 1 10 ? -5.099  -8.472  15.826  1.00 33.52 ? 210 DC  B OP1   1 
ATOM   392 O OP2   . DC  B 1 10 ? -6.680  -7.089  14.374  1.00 33.44 ? 210 DC  B OP2   1 
ATOM   393 O "O5'" . DC  B 1 10 ? -4.527  -6.171  15.117  1.00 23.92 ? 210 DC  B "O5'" 1 
ATOM   394 C "C5'" . DC  B 1 10 ? -3.209  -6.138  15.590  1.00 24.22 ? 210 DC  B "C5'" 1 
ATOM   395 C "C4'" . DC  B 1 10 ? -2.823  -4.683  15.717  1.00 28.41 ? 210 DC  B "C4'" 1 
ATOM   396 O "O4'" . DC  B 1 10 ? -2.991  -4.094  14.417  1.00 22.69 ? 210 DC  B "O4'" 1 
ATOM   397 C "C3'" . DC  B 1 10 ? -3.775  -3.873  16.587  1.00 27.66 ? 210 DC  B "C3'" 1 
ATOM   398 O "O3'" . DC  B 1 10 ? -3.379  -3.882  17.902  1.00 32.12 ? 210 DC  B "O3'" 1 
ATOM   399 C "C2'" . DC  B 1 10 ? -3.668  -2.468  16.026  1.00 26.14 ? 210 DC  B "C2'" 1 
ATOM   400 C "C1'" . DC  B 1 10 ? -3.363  -2.742  14.585  1.00 22.53 ? 210 DC  B "C1'" 1 
ATOM   401 N N1    . DC  B 1 10 ? -4.498  -2.435  13.639  1.00 20.35 ? 210 DC  B N1    1 
ATOM   402 C C2    . DC  B 1 10 ? -4.603  -1.141  13.168  1.00 19.23 ? 210 DC  B C2    1 
ATOM   403 O O2    . DC  B 1 10 ? -3.853  -0.294  13.628  1.00 20.95 ? 210 DC  B O2    1 
ATOM   404 N N3    . DC  B 1 10 ? -5.535  -0.867  12.220  1.00 19.62 ? 210 DC  B N3    1 
ATOM   405 C C4    . DC  B 1 10 ? -6.340  -1.834  11.761  1.00 19.29 ? 210 DC  B C4    1 
ATOM   406 N N4    . DC  B 1 10 ? -7.234  -1.482  10.825  1.00 20.38 ? 210 DC  B N4    1 
ATOM   407 C C5    . DC  B 1 10 ? -6.275  -3.196  12.243  1.00 18.28 ? 210 DC  B C5    1 
ATOM   408 C C6    . DC  B 1 10 ? -5.352  -3.447  13.169  1.00 18.39 ? 210 DC  B C6    1 
HETATM 409 O O     . HOH C 2 .  ? -0.308  -0.589  3.214   1.00 33.55 ? 1   HOH A O     1 
HETATM 410 O O     . HOH C 2 .  ? 5.474   -3.415  4.894   1.00 22.34 ? 2   HOH A O     1 
HETATM 411 O O     . HOH C 2 .  ? 5.624   -2.506  -3.578  1.00 31.18 ? 3   HOH A O     1 
HETATM 412 O O     . HOH C 2 .  ? 3.242   -1.520  1.715   1.00 29.36 ? 4   HOH A O     1 
HETATM 413 O O     . HOH C 2 .  ? 7.810   3.114   -5.649  1.00 35.29 ? 7   HOH A O     1 
HETATM 414 O O     . HOH C 2 .  ? 7.089   4.614   -12.425 1.00 34.02 ? 8   HOH A O     1 
HETATM 415 O O     . HOH C 2 .  ? 0.144   9.062   -12.162 1.00 27.85 ? 9   HOH A O     1 
HETATM 416 O O     . HOH C 2 .  ? -0.792  4.917   -10.836 1.00 26.65 ? 16  HOH A O     1 
HETATM 417 O O     . HOH C 2 .  ? -0.065  6.521   -13.013 1.00 26.88 ? 17  HOH A O     1 
HETATM 418 O O     . HOH C 2 .  ? 1.261   8.336   -9.779  1.00 20.66 ? 18  HOH A O     1 
HETATM 419 O O     . HOH C 2 .  ? -8.570  3.349   6.705   1.00 25.60 ? 21  HOH A O     1 
HETATM 420 O O     . HOH C 2 .  ? -8.570  0.405   7.540   1.00 30.64 ? 22  HOH A O     1 
HETATM 421 O O     . HOH C 2 .  ? 7.075   -4.623  -2.614  0.50 26.02 ? 25  HOH A O     1 
HETATM 422 O O     . HOH C 2 .  ? 3.167   -0.206  -0.441  0.50 21.82 ? 26  HOH A O     1 
HETATM 423 O O     . HOH C 2 .  ? 7.046   -0.820  -5.081  1.00 29.37 ? 27  HOH A O     1 
HETATM 424 O O     . HOH C 2 .  ? 7.413   -1.896  -14.019 1.00 44.18 ? 29  HOH A O     1 
HETATM 425 O O     . HOH C 2 .  ? -0.652  2.295   -10.068 1.00 22.08 ? 35  HOH A O     1 
HETATM 426 O O     . HOH C 2 .  ? -6.359  2.939   5.031   1.00 34.63 ? 37  HOH A O     1 
HETATM 427 O O     . HOH C 2 .  ? 1.853   1.496   4.657   1.00 36.95 ? 38  HOH A O     1 
HETATM 428 O O     . HOH C 2 .  ? 8.520   -7.253  9.799   1.00 31.59 ? 39  HOH A O     1 
HETATM 429 O O     . HOH C 2 .  ? 6.293   -2.689  2.606   1.00 38.26 ? 40  HOH A O     1 
HETATM 430 O O     . HOH C 2 .  ? 4.823   0.783   5.515   1.00 37.12 ? 43  HOH A O     1 
HETATM 431 O O     . HOH C 2 .  ? 7.411   1.773   -8.517  1.00 35.69 ? 44  HOH A O     1 
HETATM 432 O O     . HOH C 2 .  ? 8.901   4.407   -10.121 1.00 41.63 ? 45  HOH A O     1 
HETATM 433 O O     . HOH D 2 .  ? 2.390   14.796  2.142   0.50 21.56 ? 5   HOH B O     1 
HETATM 434 O O     . HOH D 2 .  ? 0.840   14.418  2.357   0.50 27.04 ? 6   HOH B O     1 
HETATM 435 O O     . HOH D 2 .  ? 4.070   15.817  0.050   1.00 30.46 ? 10  HOH B O     1 
HETATM 436 O O     . HOH D 2 .  ? -3.112  12.459  0.479   1.00 41.62 ? 11  HOH B O     1 
HETATM 437 O O     . HOH D 2 .  ? -4.533  11.420  -2.710  1.00 43.32 ? 12  HOH B O     1 
HETATM 438 O O     . HOH D 2 .  ? -4.388  3.649   -1.830  1.00 32.20 ? 13  HOH B O     1 
HETATM 439 O O     . HOH D 2 .  ? -3.005  1.574   -1.385  1.00 30.32 ? 14  HOH B O     1 
HETATM 440 O O     . HOH D 2 .  ? -6.662  0.220   -2.497  1.00 34.31 ? 15  HOH B O     1 
HETATM 441 O O     . HOH D 2 .  ? -7.357  -11.384 -3.178  1.00 47.95 ? 19  HOH B O     1 
HETATM 442 O O     . HOH D 2 .  ? -9.621  -6.675  6.004   1.00 37.59 ? 20  HOH B O     1 
HETATM 443 O O     . HOH D 2 .  ? -9.056  -3.444  9.521   1.00 23.36 ? 23  HOH B O     1 
HETATM 444 O O     . HOH D 2 .  ? -8.321  -4.318  6.738   1.00 32.24 ? 24  HOH B O     1 
HETATM 445 O O     . HOH D 2 .  ? 2.167   1.970   -1.166  1.00 35.79 ? 28  HOH B O     1 
HETATM 446 O O     . HOH D 2 .  ? 2.524   7.946   0.156   1.00 29.48 ? 30  HOH B O     1 
HETATM 447 O O     . HOH D 2 .  ? 4.279   5.036   -0.930  1.00 35.45 ? 31  HOH B O     1 
HETATM 448 O O     . HOH D 2 .  ? 7.867   5.259   -1.032  1.00 40.31 ? 32  HOH B O     1 
HETATM 449 O O     . HOH D 2 .  ? -3.171  0.040   0.830   1.00 29.56 ? 33  HOH B O     1 
HETATM 450 O O     . HOH D 2 .  ? -7.479  -1.461  5.804   1.00 32.60 ? 34  HOH B O     1 
HETATM 451 O O     . HOH D 2 .  ? -0.660  6.574   -8.385  1.00 35.62 ? 36  HOH B O     1 
HETATM 452 O O     . HOH D 2 .  ? 5.527   2.619   -2.362  1.00 39.29 ? 41  HOH B O     1 
HETATM 453 O O     . HOH D 2 .  ? -6.046  -3.061  1.132   1.00 27.78 ? 42  HOH B O     1 
HETATM 454 O O     . HOH D 2 .  ? -1.973  -10.826 1.313   1.00 32.63 ? 46  HOH B O     1 
HETATM 455 O O     . HOH D 2 .  ? -3.048  -9.149  -1.872  1.00 33.90 ? 47  HOH B O     1 
HETATM 456 O O     . HOH D 2 .  ? -8.923  -5.601  2.087   1.00 36.85 ? 48  HOH B O     1 
# 
loop_
_atom_site_anisotrop.id 
_atom_site_anisotrop.type_symbol 
_atom_site_anisotrop.pdbx_label_atom_id 
_atom_site_anisotrop.pdbx_label_alt_id 
_atom_site_anisotrop.pdbx_label_comp_id 
_atom_site_anisotrop.pdbx_label_asym_id 
_atom_site_anisotrop.pdbx_label_seq_id 
_atom_site_anisotrop.pdbx_PDB_ins_code 
_atom_site_anisotrop.U[1][1] 
_atom_site_anisotrop.U[2][2] 
_atom_site_anisotrop.U[3][3] 
_atom_site_anisotrop.U[1][2] 
_atom_site_anisotrop.U[1][3] 
_atom_site_anisotrop.U[2][3] 
_atom_site_anisotrop.pdbx_auth_seq_id 
_atom_site_anisotrop.pdbx_auth_comp_id 
_atom_site_anisotrop.pdbx_auth_asym_id 
_atom_site_anisotrop.pdbx_auth_atom_id 
1   O "O5'" . DG  A 1  ? 0.4448 0.3533 0.3528 0.0116  -0.0495 0.0083  101 DG  A "O5'" 
2   C "C5'" . DG  A 1  ? 0.4552 0.3390 0.3101 0.0048  -0.0782 0.0568  101 DG  A "C5'" 
3   C "C4'" . DG  A 1  ? 0.3558 0.2958 0.2450 0.0206  -0.0164 0.0686  101 DG  A "C4'" 
4   O "O4'" . DG  A 1  ? 0.3649 0.2943 0.2858 0.0232  0.0083  0.0230  101 DG  A "O4'" 
5   C "C3'" . DG  A 1  ? 0.3177 0.2972 0.2400 0.0104  0.0001  0.0202  101 DG  A "C3'" 
6   O "O3'" . DG  A 1  ? 0.3449 0.3071 0.3128 -0.0184 0.0312  0.0226  101 DG  A "O3'" 
7   C "C2'" . DG  A 1  ? 0.2721 0.2839 0.2545 0.0059  0.0365  0.0657  101 DG  A "C2'" 
8   C "C1'" . DG  A 1  ? 0.2922 0.3034 0.2107 0.0057  0.0125  0.0595  101 DG  A "C1'" 
9   N N9    . DG  A 1  ? 0.2623 0.2603 0.2271 0.0270  0.0268  0.0056  101 DG  A N9    
10  C C8    . DG  A 1  ? 0.2996 0.2355 0.2378 -0.0006 0.0107  0.0252  101 DG  A C8    
11  N N7    . DG  A 1  ? 0.2888 0.2352 0.2303 0.0139  0.0247  0.0073  101 DG  A N7    
12  C C5    . DG  A 1  ? 0.2710 0.2694 0.2550 -0.0080 0.0076  0.0098  101 DG  A C5    
13  C C6    . DG  A 1  ? 0.2883 0.2683 0.2298 0.0251  -0.0151 0.0097  101 DG  A C6    
14  O O6    . DG  A 1  ? 0.2778 0.2385 0.2591 0.0017  -0.0119 0.0006  101 DG  A O6    
15  N N1    . DG  A 1  ? 0.2591 0.2830 0.2294 0.0167  0.0046  -0.0035 101 DG  A N1    
16  C C2    . DG  A 1  ? 0.2473 0.2719 0.2294 -0.0055 0.0030  0.0294  101 DG  A C2    
17  N N2    . DG  A 1  ? 0.2013 0.2638 0.2059 0.0033  -0.0113 0.0207  101 DG  A N2    
18  N N3    . DG  A 1  ? 0.2646 0.2538 0.2163 0.0273  0.0232  0.0028  101 DG  A N3    
19  C C4    . DG  A 1  ? 0.2580 0.2699 0.1991 0.0036  0.0243  0.0179  101 DG  A C4    
20  P P     . DC  A 2  ? 0.4191 0.3218 0.3259 -0.0130 0.0497  0.0108  102 DC  A P     
21  O OP1   . DC  A 2  ? 0.4438 0.3348 0.3374 -0.0157 0.1024  -0.0560 102 DC  A OP1   
22  O OP2   . DC  A 2  ? 0.4158 0.3166 0.3107 -0.0161 0.0260  0.0445  102 DC  A OP2   
23  O "O5'" . DC  A 2  ? 0.3381 0.2997 0.3421 0.0241  0.0631  -0.0068 102 DC  A "O5'" 
24  C "C5'" . DC  A 2  ? 0.3438 0.2594 0.3771 0.0253  0.0439  0.0507  102 DC  A "C5'" 
25  C "C4'" . DC  A 2  ? 0.2904 0.2128 0.3438 0.0255  0.0512  0.0183  102 DC  A "C4'" 
26  O "O4'" . DC  A 2  ? 0.2972 0.2151 0.3685 0.0387  0.0405  0.0165  102 DC  A "O4'" 
27  C "C3'" . DC  A 2  ? 0.3396 0.2625 0.3940 0.0153  0.0699  0.0353  102 DC  A "C3'" 
28  O "O3'" . DC  A 2  ? 0.3763 0.3196 0.4484 0.0047  0.0726  0.0332  102 DC  A "O3'" 
29  C "C2'" . DC  A 2  ? 0.3022 0.2269 0.3022 0.0102  0.0667  0.0210  102 DC  A "C2'" 
30  C "C1'" . DC  A 2  ? 0.2655 0.2252 0.3113 0.0248  0.0370  -0.0198 102 DC  A "C1'" 
31  N N1    . DC  A 2  ? 0.2446 0.2123 0.2741 0.0279  0.0229  -0.0039 102 DC  A N1    
32  C C2    . DC  A 2  ? 0.2744 0.2240 0.2688 0.0336  0.0184  -0.0014 102 DC  A C2    
33  O O2    . DC  A 2  ? 0.2893 0.2308 0.2282 0.0458  0.0257  0.0168  102 DC  A O2    
34  N N3    . DC  A 2  ? 0.2699 0.2546 0.2671 0.0387  0.0367  0.0155  102 DC  A N3    
35  C C4    . DC  A 2  ? 0.2766 0.2717 0.2814 0.0554  0.0148  -0.0147 102 DC  A C4    
36  N N4    . DC  A 2  ? 0.2703 0.3265 0.2885 0.0446  0.0284  0.0024  102 DC  A N4    
37  C C5    . DC  A 2  ? 0.2600 0.2802 0.2776 0.0193  0.0001  0.0144  102 DC  A C5    
38  C C6    . DC  A 2  ? 0.2588 0.2387 0.2450 0.0299  0.0499  0.0102  102 DC  A C6    
39  P P     . DG  A 3  ? 0.3449 0.3312 0.4270 0.0338  0.0544  0.0219  103 DG  A P     
40  O OP1   . DG  A 3  ? 0.3744 0.3128 0.5151 -0.0372 0.0239  0.0465  103 DG  A OP1   
41  O OP2   . DG  A 3  ? 0.4003 0.3183 0.3734 0.0566  0.0781  0.0474  103 DG  A OP2   
42  O "O5'" . DG  A 3  ? 0.3039 0.3005 0.3987 -0.0016 0.0358  0.0118  103 DG  A "O5'" 
43  C "C5'" . DG  A 3  ? 0.3571 0.2774 0.3717 0.0107  0.0087  0.0325  103 DG  A "C5'" 
44  C "C4'" . DG  A 3  ? 0.2583 0.2526 0.2926 0.0113  -0.0184 -0.0099 103 DG  A "C4'" 
45  O "O4'" . DG  A 3  ? 0.2582 0.1872 0.3269 -0.0127 -0.0203 -0.0274 103 DG  A "O4'" 
46  C "C3'" . DG  A 3  ? 0.2154 0.1999 0.3196 -0.0077 -0.0190 -0.0336 103 DG  A "C3'" 
47  O "O3'" . DG  A 3  ? 0.2244 0.2463 0.2767 0.0129  -0.0139 -0.0521 103 DG  A "O3'" 
48  C "C2'" . DG  A 3  ? 0.1816 0.2317 0.2489 0.0009  0.0117  -0.0189 103 DG  A "C2'" 
49  C "C1'" . DG  A 3  ? 0.2003 0.1782 0.2287 -0.0029 -0.0239 -0.0473 103 DG  A "C1'" 
50  N N9    . DG  A 3  ? 0.2438 0.2401 0.2396 -0.0047 0.0014  -0.0082 103 DG  A N9    
51  C C8    . DG  A 3  ? 0.2259 0.2635 0.1967 0.0172  0.0315  -0.0262 103 DG  A C8    
52  N N7    . DG  A 3  ? 0.2101 0.2145 0.2453 -0.0061 0.0179  -0.0471 103 DG  A N7    
53  C C5    . DG  A 3  ? 0.2328 0.2287 0.2083 0.0022  -0.0043 -0.0002 103 DG  A C5    
54  C C6    . DG  A 3  ? 0.2302 0.2136 0.1736 0.0117  0.0130  -0.0145 103 DG  A C6    
55  O O6    . DG  A 3  ? 0.2054 0.2260 0.2416 0.0226  0.0060  0.0012  103 DG  A O6    
56  N N1    . DG  A 3  ? 0.2193 0.2346 0.1990 0.0106  0.0303  0.0060  103 DG  A N1    
57  C C2    . DG  A 3  ? 0.1863 0.1955 0.1741 -0.0241 0.0188  0.0034  103 DG  A C2    
58  N N2    . DG  A 3  ? 0.2182 0.2108 0.2061 0.0031  0.0371  0.0033  103 DG  A N2    
59  N N3    . DG  A 3  ? 0.2117 0.1860 0.2044 0.0002  0.0249  0.0092  103 DG  A N3    
60  C C4    . DG  A 3  ? 0.1745 0.2017 0.1989 0.0021  0.0240  0.0079  103 DG  A C4    
61  P P     . DT  A 4  ? 0.2377 0.2813 0.2637 0.0048  0.0102  -0.0153 104 DT  A P     
62  O OP1   . DT  A 4  ? 0.2298 0.3354 0.3167 0.0069  -0.0051 -0.0275 104 DT  A OP1   
63  O OP2   . DT  A 4  ? 0.2478 0.2586 0.2941 -0.0504 0.0232  0.0078  104 DT  A OP2   
64  O "O5'" . DT  A 4  ? 0.2526 0.2497 0.2431 -0.0081 0.0005  0.0050  104 DT  A "O5'" 
65  C "C5'" . DT  A 4  ? 0.2534 0.2371 0.2334 -0.0350 -0.0074 0.0092  104 DT  A "C5'" 
66  C "C4'" . DT  A 4  ? 0.2069 0.2687 0.2327 0.0043  0.0019  -0.0275 104 DT  A "C4'" 
67  O "O4'" . DT  A 4  ? 0.2458 0.2668 0.1915 0.0319  -0.0153 0.0035  104 DT  A "O4'" 
68  C "C3'" . DT  A 4  ? 0.2125 0.2473 0.2329 0.0128  0.0046  -0.0326 104 DT  A "C3'" 
69  O "O3'" . DT  A 4  ? 0.2373 0.3074 0.2517 0.0409  0.0048  0.0204  104 DT  A "O3'" 
70  C "C2'" . DT  A 4  ? 0.2483 0.2649 0.2270 0.0065  0.0078  -0.0015 104 DT  A "C2'" 
71  C "C1'" . DT  A 4  ? 0.2440 0.2572 0.1693 0.0274  -0.0165 -0.0146 104 DT  A "C1'" 
72  N N1    . DT  A 4  ? 0.2556 0.2165 0.2151 0.0234  0.0008  -0.0004 104 DT  A N1    
73  C C2    . DT  A 4  ? 0.2301 0.2255 0.2192 -0.0154 0.0121  0.0021  104 DT  A C2    
74  O O2    . DT  A 4  ? 0.2586 0.2386 0.2143 -0.0089 0.0011  -0.0010 104 DT  A O2    
75  N N3    . DT  A 4  ? 0.2318 0.1966 0.2115 0.0060  0.0002  0.0212  104 DT  A N3    
76  C C4    . DT  A 4  ? 0.1920 0.2153 0.1724 -0.0149 -0.0029 0.0187  104 DT  A C4    
77  O O4    . DT  A 4  ? 0.2413 0.2200 0.2053 0.0139  0.0342  0.0036  104 DT  A O4    
78  C C5    . DT  A 4  ? 0.2395 0.1949 0.1681 -0.0294 0.0153  0.0034  104 DT  A C5    
79  C C7    . DT  A 4  ? 0.3012 0.1919 0.2438 -0.0221 0.0441  0.0336  104 DT  A C7    
80  C C6    . DT  A 4  ? 0.2597 0.2110 0.2094 -0.0037 0.0381  0.0112  104 DT  A C6    
81  P P     . DA  A 5  ? 0.2513 0.2799 0.3078 0.0239  -0.0006 0.0039  105 DA  A P     
82  O OP1   . DA  A 5  ? 0.2569 0.3259 0.3454 0.0258  -0.0200 0.0131  105 DA  A OP1   
83  O OP2   . DA  A 5  ? 0.2766 0.2866 0.2823 0.0307  0.0039  0.0091  105 DA  A OP2   
84  O "O5'" . DA  A 5  ? 0.2397 0.2851 0.3027 0.0485  -0.0022 -0.0003 105 DA  A "O5'" 
85  C "C5'" . DA  A 5  ? 0.2307 0.2810 0.2495 0.0176  0.0124  -0.0040 105 DA  A "C5'" 
86  C "C4'" . DA  A 5  ? 0.2259 0.2913 0.2226 0.0672  0.0305  -0.0301 105 DA  A "C4'" 
87  O "O4'" . DA  A 5  ? 0.2542 0.2833 0.2557 0.0606  0.0050  -0.0027 105 DA  A "O4'" 
88  C "C3'" . DA  A 5  ? 0.2608 0.2819 0.2578 0.0659  0.0084  0.0235  105 DA  A "C3'" 
89  O "O3'" . DA  A 5  ? 0.2673 0.3339 0.2726 0.0705  -0.0007 0.0659  105 DA  A "O3'" 
90  C "C2'" . DA  A 5  ? 0.2158 0.2827 0.2671 0.0726  0.0222  0.0067  105 DA  A "C2'" 
91  C "C1'" . DA  A 5  ? 0.2572 0.2793 0.2281 0.0622  0.0238  0.0215  105 DA  A "C1'" 
92  N N9    . DA  A 5  ? 0.2274 0.2401 0.2617 0.0714  0.0166  -0.0009 105 DA  A N9    
93  C C8    . DA  A 5  ? 0.2460 0.2849 0.2719 0.0546  0.0097  0.0314  105 DA  A C8    
94  N N7    . DA  A 5  ? 0.2294 0.2538 0.2161 0.0280  0.0123  0.0099  105 DA  A N7    
95  C C5    . DA  A 5  ? 0.2365 0.2174 0.2324 0.0059  0.0205  0.0033  105 DA  A C5    
96  C C6    . DA  A 5  ? 0.2666 0.2136 0.2062 -0.0141 -0.0079 0.0232  105 DA  A C6    
97  N N6    . DA  A 5  ? 0.2691 0.2244 0.2023 -0.0349 0.0208  0.0457  105 DA  A N6    
98  N N1    . DA  A 5  ? 0.2422 0.2013 0.2344 -0.0121 -0.0096 0.0268  105 DA  A N1    
99  C C2    . DA  A 5  ? 0.2151 0.2415 0.2665 0.0185  0.0072  0.0148  105 DA  A C2    
100 N N3    . DA  A 5  ? 0.2186 0.2354 0.2216 0.0246  0.0216  -0.0118 105 DA  A N3    
101 C C4    . DA  A 5  ? 0.2285 0.2379 0.2419 0.0325  0.0239  -0.0235 105 DA  A C4    
102 P P     . URX A 6  ? 0.3076 0.4036 0.3163 0.0599  0.0364  0.0096  106 URX A P     
103 N N1    . URX A 6  ? 0.2730 0.2951 0.2807 0.0082  0.0355  -0.0097 106 URX A N1    
104 C C2    . URX A 6  ? 0.2501 0.2388 0.2845 -0.0136 0.0088  0.0353  106 URX A C2    
105 O O2    . URX A 6  ? 0.3218 0.2657 0.2336 0.0251  0.0141  -0.0045 106 URX A O2    
106 N N3    . URX A 6  ? 0.2901 0.2800 0.2344 0.0152  0.0200  0.0026  106 URX A N3    
107 C C4    . URX A 6  ? 0.2441 0.2586 0.2451 -0.0067 0.0201  0.0146  106 URX A C4    
108 O O4    . URX A 6  ? 0.2689 0.2581 0.2276 0.0114  0.0207  0.0371  106 URX A O4    
109 C C5    . URX A 6  ? 0.2777 0.2602 0.2527 0.0308  0.0431  0.0231  106 URX A C5    
110 C C6    . URX A 6  ? 0.2212 0.2800 0.2983 0.0096  0.0173  0.0024  106 URX A C6    
111 C "C1'" . URX A 6  ? 0.3077 0.3079 0.3187 0.0267  0.0076  0.0113  106 URX A "C1'" 
112 C "C2'" . URX A 6  ? 0.3170 0.3454 0.3099 0.0307  0.0281  -0.0318 106 URX A "C2'" 
113 C "C3'" . URX A 6  ? 0.3530 0.3738 0.2947 0.0336  0.0105  -0.0246 106 URX A "C3'" 
114 O "O3'" . URX A 6  ? 0.3972 0.3500 0.3707 0.0368  0.0236  -0.0109 106 URX A "O3'" 
115 C "C4'" . URX A 6  ? 0.3389 0.3446 0.3294 0.0445  0.0174  -0.0040 106 URX A "C4'" 
116 O "O4'" . URX A 6  ? 0.3013 0.3416 0.2959 0.0390  0.0057  0.0026  106 URX A "O4'" 
117 C "C5'" . URX A 6  ? 0.3482 0.3368 0.3371 0.0559  -0.0068 0.0052  106 URX A "C5'" 
118 O "O5'" . URX A 6  ? 0.3313 0.3273 0.2959 0.0589  -0.0131 0.0311  106 URX A "O5'" 
119 C "C6'" . URX A 6  ? 0.3603 0.3329 0.2764 0.0408  0.0173  -0.0419 106 URX A "C6'" 
120 C "C7'" . URX A 6  ? 0.4097 0.3628 0.3403 0.0272  0.0345  -0.0925 106 URX A "C7'" 
121 C "C8'" . URX A 6  ? 0.3443 0.3714 0.3121 0.0300  0.0213  -0.0027 106 URX A "C8'" 
122 O OP1   . URX A 6  ? 0.3671 0.4283 0.3959 0.0825  0.0334  -0.0219 106 URX A OP1   
123 O OP2   . URX A 6  ? 0.3134 0.4354 0.3532 -0.0109 0.0765  0.0159  106 URX A OP2   
124 P P     . DA  A 7  ? 0.3070 0.3286 0.3085 0.0917  0.0206  -0.0506 107 DA  A P     
125 O OP1   . DA  A 7  ? 0.3242 0.3802 0.2846 0.0915  -0.0010 -0.0365 107 DA  A OP1   
126 O OP2   . DA  A 7  ? 0.3740 0.4060 0.2904 0.0859  -0.0108 -0.0531 107 DA  A OP2   
127 O "O5'" . DA  A 7  ? 0.3169 0.3385 0.3126 0.0658  -0.0153 -0.0687 107 DA  A "O5'" 
128 C "C5'" . DA  A 7  ? 0.3683 0.3251 0.3056 0.0377  -0.0104 -0.0410 107 DA  A "C5'" 
129 C "C4'" . DA  A 7  ? 0.3254 0.2759 0.3071 0.0061  0.0090  -0.0145 107 DA  A "C4'" 
130 O "O4'" . DA  A 7  ? 0.3643 0.2704 0.3067 0.0125  -0.0026 -0.0479 107 DA  A "O4'" 
131 C "C3'" . DA  A 7  ? 0.3159 0.2659 0.2669 0.0335  0.0246  -0.0084 107 DA  A "C3'" 
132 O "O3'" . DA  A 7  ? 0.3100 0.3106 0.3130 0.0629  0.0515  -0.0525 107 DA  A "O3'" 
133 C "C2'" . DA  A 7  ? 0.2752 0.2651 0.2668 -0.0160 -0.0023 -0.0511 107 DA  A "C2'" 
134 C "C1'" . DA  A 7  ? 0.3080 0.2002 0.2514 -0.0178 -0.0251 -0.0292 107 DA  A "C1'" 
135 N N9    . DA  A 7  ? 0.2685 0.2428 0.2191 0.0064  0.0004  -0.0428 107 DA  A N9    
136 C C8    . DA  A 7  ? 0.2592 0.2250 0.2109 0.0171  -0.0033 -0.0310 107 DA  A C8    
137 N N7    . DA  A 7  ? 0.2406 0.2460 0.2352 0.0475  0.0099  0.0026  107 DA  A N7    
138 C C5    . DA  A 7  ? 0.2561 0.2081 0.2513 0.0333  0.0195  -0.0150 107 DA  A C5    
139 C C6    . DA  A 7  ? 0.1959 0.2537 0.2789 0.0382  0.0308  -0.0229 107 DA  A C6    
140 N N6    . DA  A 7  ? 0.2428 0.2581 0.2294 0.0245  -0.0105 0.0096  107 DA  A N6    
141 N N1    . DA  A 7  ? 0.2572 0.2436 0.2316 0.0159  0.0201  -0.0088 107 DA  A N1    
142 C C2    . DA  A 7  ? 0.2404 0.1886 0.2167 0.0004  0.0109  -0.0242 107 DA  A C2    
143 N N3    . DA  A 7  ? 0.2764 0.2091 0.2183 0.0111  0.0093  -0.0275 107 DA  A N3    
144 C C4    . DA  A 7  ? 0.2197 0.1994 0.2573 0.0062  -0.0064 -0.0053 107 DA  A C4    
145 P P     . DC  A 8  ? 0.3881 0.3849 0.3152 0.0391  0.0442  -0.0405 108 DC  A P     
146 O OP1   . DC  A 8  ? 0.4450 0.3954 0.3217 0.0517  0.0471  -0.0529 108 DC  A OP1   
147 O OP2   . DC  A 8  ? 0.3197 0.4749 0.3872 0.0175  0.0638  -0.0445 108 DC  A OP2   
148 O "O5'" . DC  A 8  ? 0.3519 0.3372 0.2637 -0.0016 -0.0057 -0.0352 108 DC  A "O5'" 
149 C "C5'" . DC  A 8  ? 0.2944 0.2954 0.3294 0.0007  -0.0311 -0.0193 108 DC  A "C5'" 
150 C "C4'" . DC  A 8  ? 0.3008 0.2653 0.2677 -0.0008 0.0257  -0.0146 108 DC  A "C4'" 
151 O "O4'" . DC  A 8  ? 0.3058 0.2963 0.2868 -0.0116 0.0136  -0.0246 108 DC  A "O4'" 
152 C "C3'" . DC  A 8  ? 0.2917 0.2786 0.2709 0.0032  0.0307  -0.0112 108 DC  A "C3'" 
153 O "O3'" . DC  A 8  ? 0.3289 0.2974 0.2748 -0.0195 0.0177  0.0035  108 DC  A "O3'" 
154 C "C2'" . DC  A 8  ? 0.3061 0.2692 0.2626 -0.0232 0.0350  -0.0046 108 DC  A "C2'" 
155 C "C1'" . DC  A 8  ? 0.3193 0.2450 0.2787 -0.0319 0.0084  0.0260  108 DC  A "C1'" 
156 N N1    . DC  A 8  ? 0.2744 0.2504 0.2725 -0.0154 0.0133  0.0228  108 DC  A N1    
157 C C2    . DC  A 8  ? 0.2564 0.2606 0.2591 -0.0247 0.0154  0.0176  108 DC  A C2    
158 O O2    . DC  A 8  ? 0.2763 0.2645 0.2886 0.0098  0.0357  -0.0173 108 DC  A O2    
159 N N3    . DC  A 8  ? 0.2515 0.2684 0.2692 -0.0465 0.0106  0.0034  108 DC  A N3    
160 C C4    . DC  A 8  ? 0.2682 0.2607 0.2636 -0.0231 -0.0228 -0.0119 108 DC  A C4    
161 N N4    . DC  A 8  ? 0.2884 0.3098 0.2267 -0.0393 -0.0069 -0.0278 108 DC  A N4    
162 C C5    . DC  A 8  ? 0.2494 0.2916 0.3310 -0.0126 0.0081  -0.0237 108 DC  A C5    
163 C C6    . DC  A 8  ? 0.2998 0.2677 0.2638 -0.0046 -0.0159 0.0065  108 DC  A C6    
164 P P     . DG  A 9  ? 0.4148 0.3154 0.3516 -0.0249 0.0455  -0.0045 109 DG  A P     
165 O OP1   . DG  A 9  ? 0.4450 0.3519 0.3111 -0.0470 0.0620  0.0136  109 DG  A OP1   
166 O OP2   . DG  A 9  ? 0.3089 0.2819 0.3966 -0.0060 0.0451  0.0266  109 DG  A OP2   
167 O "O5'" . DG  A 9  ? 0.3303 0.2286 0.3210 -0.0333 0.0369  0.0068  109 DG  A "O5'" 
168 C "C5'" . DG  A 9  ? 0.3212 0.3020 0.3009 -0.0357 0.0015  -0.0150 109 DG  A "C5'" 
169 C "C4'" . DG  A 9  ? 0.2962 0.2468 0.2611 -0.0285 0.0414  0.0053  109 DG  A "C4'" 
170 O "O4'" . DG  A 9  ? 0.2952 0.2431 0.2636 -0.0356 0.0185  -0.0109 109 DG  A "O4'" 
171 C "C3'" . DG  A 9  ? 0.3286 0.2679 0.2659 -0.0392 -0.0134 -0.0010 109 DG  A "C3'" 
172 O "O3'" . DG  A 9  ? 0.3280 0.3019 0.2625 -0.0576 -0.0102 -0.0160 109 DG  A "O3'" 
173 C "C2'" . DG  A 9  ? 0.3155 0.2916 0.2942 -0.0647 0.0460  0.0261  109 DG  A "C2'" 
174 C "C1'" . DG  A 9  ? 0.2645 0.2438 0.2494 -0.0539 0.0117  0.0084  109 DG  A "C1'" 
175 N N9    . DG  A 9  ? 0.2678 0.2596 0.2246 -0.0277 0.0325  0.0140  109 DG  A N9    
176 C C8    . DG  A 9  ? 0.2821 0.2628 0.2465 -0.0348 0.0118  0.0121  109 DG  A C8    
177 N N7    . DG  A 9  ? 0.2405 0.2798 0.2280 -0.0264 0.0472  -0.0137 109 DG  A N7    
178 C C5    . DG  A 9  ? 0.2241 0.2036 0.2428 -0.0265 0.0051  0.0119  109 DG  A C5    
179 C C6    . DG  A 9  ? 0.2180 0.2174 0.2311 -0.0005 0.0020  -0.0100 109 DG  A C6    
180 O O6    . DG  A 9  ? 0.2966 0.2375 0.2356 -0.0189 -0.0138 0.0027  109 DG  A O6    
181 N N1    . DG  A 9  ? 0.2110 0.2270 0.2427 0.0038  0.0286  -0.0022 109 DG  A N1    
182 C C2    . DG  A 9  ? 0.2168 0.2327 0.1960 -0.0158 0.0220  -0.0246 109 DG  A C2    
183 N N2    . DG  A 9  ? 0.2421 0.2003 0.2446 -0.0197 0.0469  -0.0134 109 DG  A N2    
184 N N3    . DG  A 9  ? 0.2614 0.2188 0.2524 -0.0509 0.0268  -0.0179 109 DG  A N3    
185 C C4    . DG  A 9  ? 0.2406 0.2073 0.2138 -0.0343 0.0269  0.0155  109 DG  A C4    
186 P P     . DC  A 10 ? 0.3181 0.2841 0.2656 -0.0258 -0.0023 -0.0133 110 DC  A P     
187 O OP1   . DC  A 10 ? 0.3537 0.3134 0.2955 -0.0221 -0.0141 0.0107  110 DC  A OP1   
188 O OP2   . DC  A 10 ? 0.2832 0.2285 0.2759 0.0103  -0.0041 -0.0450 110 DC  A OP2   
189 O "O5'" . DC  A 10 ? 0.3064 0.3002 0.2994 -0.0033 -0.0243 -0.0471 110 DC  A "O5'" 
190 C "C5'" . DC  A 10 ? 0.2971 0.2183 0.2777 0.0499  -0.0140 -0.0284 110 DC  A "C5'" 
191 C "C4'" . DC  A 10 ? 0.2807 0.2483 0.1873 -0.0226 0.0100  0.0241  110 DC  A "C4'" 
192 O "O4'" . DC  A 10 ? 0.2539 0.2214 0.1891 -0.0015 0.0037  0.0116  110 DC  A "O4'" 
193 C "C3'" . DC  A 10 ? 0.2422 0.2484 0.1947 0.0005  -0.0050 0.0150  110 DC  A "C3'" 
194 O "O3'" . DC  A 10 ? 0.2669 0.2618 0.2128 0.0216  -0.0048 0.0614  110 DC  A "O3'" 
195 C "C2'" . DC  A 10 ? 0.2706 0.2698 0.2022 -0.0312 0.0314  0.0236  110 DC  A "C2'" 
196 C "C1'" . DC  A 10 ? 0.2307 0.2342 0.2130 -0.0272 -0.0158 0.0124  110 DC  A "C1'" 
197 N N1    . DC  A 10 ? 0.2130 0.1797 0.2094 0.0045  -0.0048 0.0004  110 DC  A N1    
198 C C2    . DC  A 10 ? 0.1658 0.2008 0.2050 0.0333  0.0109  -0.0248 110 DC  A C2    
199 O O2    . DC  A 10 ? 0.2354 0.1969 0.2234 0.0121  0.0277  0.0092  110 DC  A O2    
200 N N3    . DC  A 10 ? 0.2223 0.2407 0.2376 0.0017  -0.0004 0.0315  110 DC  A N3    
201 C C4    . DC  A 10 ? 0.2086 0.2024 0.2341 -0.0168 -0.0245 0.0113  110 DC  A C4    
202 N N4    . DC  A 10 ? 0.2568 0.2285 0.2656 -0.0074 -0.0412 0.0370  110 DC  A N4    
203 C C5    . DC  A 10 ? 0.2257 0.2017 0.2149 -0.0237 -0.0241 0.0047  110 DC  A C5    
204 C C6    . DC  A 10 ? 0.2395 0.2000 0.2250 -0.0180 0.0249  0.0005  110 DC  A C6    
205 O "O5'" . DG  B 1  ? 0.6115 0.5092 0.4902 0.0262  0.0438  0.0233  201 DG  B "O5'" 
206 C "C5'" . DG  B 1  ? 0.4919 0.4614 0.4574 0.0442  0.0069  0.0275  201 DG  B "C5'" 
207 C "C4'" . DG  B 1  ? 0.4306 0.4253 0.3302 0.0209  0.0013  0.0094  201 DG  B "C4'" 
208 O "O4'" . DG  B 1  ? 0.3434 0.4174 0.3329 0.0378  -0.0046 -0.0075 201 DG  B "O4'" 
209 C "C3'" . DG  B 1  ? 0.4007 0.3898 0.2747 0.0238  0.0055  0.0105  201 DG  B "C3'" 
210 O "O3'" . DG  B 1  ? 0.4022 0.3636 0.2880 0.0451  -0.0395 0.0263  201 DG  B "O3'" 
211 C "C2'" . DG  B 1  ? 0.3328 0.3917 0.3126 0.0148  -0.0227 -0.0042 201 DG  B "C2'" 
212 C "C1'" . DG  B 1  ? 0.3129 0.3430 0.2961 0.0100  -0.0122 -0.0070 201 DG  B "C1'" 
213 N N9    . DG  B 1  ? 0.3352 0.3627 0.2387 0.0472  -0.0197 0.0136  201 DG  B N9    
214 C C8    . DG  B 1  ? 0.3442 0.4136 0.3101 0.0731  -0.0506 -0.0065 201 DG  B C8    
215 N N7    . DG  B 1  ? 0.3388 0.3388 0.2917 0.0284  -0.0376 0.0033  201 DG  B N7    
216 C C5    . DG  B 1  ? 0.2602 0.3261 0.2758 0.0180  -0.0297 -0.0014 201 DG  B C5    
217 C C6    . DG  B 1  ? 0.2660 0.2719 0.2263 0.0294  0.0067  -0.0126 201 DG  B C6    
218 O O6    . DG  B 1  ? 0.2969 0.2660 0.2546 0.0156  -0.0036 0.0216  201 DG  B O6    
219 N N1    . DG  B 1  ? 0.2244 0.2334 0.2464 0.0044  -0.0022 0.0192  201 DG  B N1    
220 C C2    . DG  B 1  ? 0.2700 0.2798 0.2198 -0.0003 -0.0235 0.0033  201 DG  B C2    
221 N N2    . DG  B 1  ? 0.2132 0.2714 0.2208 -0.0200 -0.0023 0.0231  201 DG  B N2    
222 N N3    . DG  B 1  ? 0.2838 0.2845 0.2221 -0.0056 0.0223  -0.0012 201 DG  B N3    
223 C C4    . DG  B 1  ? 0.2760 0.3491 0.2460 0.0051  -0.0007 -0.0081 201 DG  B C4    
224 P P     . DC  B 2  ? 0.4198 0.3761 0.2816 0.0379  0.0037  -0.0053 202 DC  B P     
225 O OP1   . DC  B 2  ? 0.4616 0.4096 0.3155 0.0862  -0.0112 -0.0259 202 DC  B OP1   
226 O OP2   . DC  B 2  ? 0.4659 0.3530 0.2603 0.0049  -0.0235 0.0455  202 DC  B OP2   
227 O "O5'" . DC  B 2  ? 0.3423 0.2993 0.2794 0.0501  -0.0301 0.0181  202 DC  B "O5'" 
228 C "C5'" . DC  B 2  ? 0.4209 0.2503 0.2291 0.0028  -0.0234 -0.0326 202 DC  B "C5'" 
229 C "C4'" . DC  B 2  ? 0.3291 0.2588 0.2588 0.0027  -0.0151 -0.0100 202 DC  B "C4'" 
230 O "O4'" . DC  B 2  ? 0.2983 0.2465 0.2530 -0.0080 -0.0193 -0.0205 202 DC  B "O4'" 
231 C "C3'" . DC  B 2  ? 0.2992 0.2988 0.2673 0.0100  0.0210  -0.0224 202 DC  B "C3'" 
232 O "O3'" . DC  B 2  ? 0.3413 0.3599 0.3125 0.0048  0.0312  -0.0685 202 DC  B "O3'" 
233 C "C2'" . DC  B 2  ? 0.2717 0.2414 0.2677 0.0023  0.0358  -0.0181 202 DC  B "C2'" 
234 C "C1'" . DC  B 2  ? 0.2633 0.2294 0.2317 -0.0141 0.0109  -0.0002 202 DC  B "C1'" 
235 N N1    . DC  B 2  ? 0.2705 0.2408 0.2234 -0.0007 -0.0259 -0.0063 202 DC  B N1    
236 C C2    . DC  B 2  ? 0.2636 0.2173 0.2005 0.0018  0.0124  0.0181  202 DC  B C2    
237 O O2    . DC  B 2  ? 0.2636 0.2065 0.1814 -0.0061 0.0033  0.0214  202 DC  B O2    
238 N N3    . DC  B 2  ? 0.2449 0.2426 0.2262 0.0012  0.0139  0.0021  202 DC  B N3    
239 C C4    . DC  B 2  ? 0.2810 0.2368 0.2461 0.0290  -0.0043 0.0321  202 DC  B C4    
240 N N4    . DC  B 2  ? 0.3531 0.2397 0.2269 0.0609  0.0151  0.0078  202 DC  B N4    
241 C C5    . DC  B 2  ? 0.2858 0.2098 0.2099 0.0569  0.0097  0.0294  202 DC  B C5    
242 C C6    . DC  B 2  ? 0.3388 0.1927 0.2040 0.0476  0.0100  0.0321  202 DC  B C6    
243 P P     . DG  B 3  ? 0.3695 0.3641 0.3644 0.0106  0.0773  0.0008  203 DG  B P     
244 O OP1   . DG  B 3  ? 0.4182 0.3868 0.4229 0.0001  0.1301  0.0154  203 DG  B OP1   
245 O OP2   . DG  B 3  ? 0.3818 0.3573 0.3685 0.0274  0.1029  0.0292  203 DG  B OP2   
246 O "O5'" . DG  B 3  ? 0.3015 0.3039 0.3544 -0.0130 0.0449  -0.0279 203 DG  B "O5'" 
247 C "C5'" . DG  B 3  ? 0.3061 0.2872 0.3356 -0.0465 0.0631  -0.0256 203 DG  B "C5'" 
248 C "C4'" . DG  B 3  ? 0.2565 0.2907 0.3056 -0.0563 0.0738  -0.0150 203 DG  B "C4'" 
249 O "O4'" . DG  B 3  ? 0.3069 0.2333 0.3086 -0.0386 0.0707  -0.0165 203 DG  B "O4'" 
250 C "C3'" . DG  B 3  ? 0.2785 0.2397 0.3139 -0.0258 0.0595  -0.0391 203 DG  B "C3'" 
251 O "O3'" . DG  B 3  ? 0.2991 0.1953 0.3804 -0.0196 0.0574  -0.0115 203 DG  B "O3'" 
252 C "C2'" . DG  B 3  ? 0.2387 0.2510 0.2955 -0.0346 0.0433  -0.0164 203 DG  B "C2'" 
253 C "C1'" . DG  B 3  ? 0.2209 0.2290 0.2676 -0.0187 0.0108  -0.0317 203 DG  B "C1'" 
254 N N9    . DG  B 3  ? 0.2695 0.2336 0.2441 -0.0139 0.0184  -0.0200 203 DG  B N9    
255 C C8    . DG  B 3  ? 0.2273 0.2449 0.2118 -0.0260 0.0686  -0.0048 203 DG  B C8    
256 N N7    . DG  B 3  ? 0.2860 0.2057 0.2359 -0.0310 0.0531  -0.0081 203 DG  B N7    
257 C C5    . DG  B 3  ? 0.2567 0.2134 0.2085 -0.0341 0.0318  0.0192  203 DG  B C5    
258 C C6    . DG  B 3  ? 0.2589 0.2491 0.2444 -0.0075 0.0036  -0.0023 203 DG  B C6    
259 O O6    . DG  B 3  ? 0.2923 0.2507 0.2431 -0.0108 0.0103  0.0046  203 DG  B O6    
260 N N1    . DG  B 3  ? 0.2667 0.2661 0.2426 -0.0396 0.0097  0.0085  203 DG  B N1    
261 C C2    . DG  B 3  ? 0.2395 0.2000 0.2420 -0.0264 0.0152  -0.0102 203 DG  B C2    
262 N N2    . DG  B 3  ? 0.2342 0.2830 0.1990 -0.0407 -0.0124 0.0061  203 DG  B N2    
263 N N3    . DG  B 3  ? 0.2519 0.2201 0.2635 -0.0350 0.0271  -0.0185 203 DG  B N3    
264 C C4    . DG  B 3  ? 0.2325 0.2107 0.2463 -0.0225 0.0411  -0.0119 203 DG  B C4    
265 P P     . DT  B 4  ? 0.2613 0.3016 0.3794 -0.0078 0.0388  0.0026  204 DT  B P     
266 O OP1   . DT  B 4  ? 0.2568 0.2778 0.4465 -0.0111 0.0265  0.0075  204 DT  B OP1   
267 O OP2   . DT  B 4  ? 0.3574 0.3007 0.3378 -0.0215 0.0978  -0.0204 204 DT  B OP2   
268 O "O5'" . DT  B 4  ? 0.2540 0.2786 0.3341 -0.0224 0.0417  0.0104  204 DT  B "O5'" 
269 C "C5'" . DT  B 4  ? 0.3013 0.2261 0.2950 0.0050  0.0344  -0.0016 204 DT  B "C5'" 
270 C "C4'" . DT  B 4  ? 0.2714 0.2338 0.3753 0.0119  0.0329  -0.0134 204 DT  B "C4'" 
271 O "O4'" . DT  B 4  ? 0.2532 0.2002 0.3762 0.0150  0.0282  0.0153  204 DT  B "O4'" 
272 C "C3'" . DT  B 4  ? 0.2506 0.2477 0.3684 0.0090  0.0131  -0.0170 204 DT  B "C3'" 
273 O "O3'" . DT  B 4  ? 0.2862 0.2625 0.3566 0.0027  0.0141  0.0119  204 DT  B "O3'" 
274 C "C2'" . DT  B 4  ? 0.3076 0.2236 0.3130 -0.0216 0.0372  0.0223  204 DT  B "C2'" 
275 C "C1'" . DT  B 4  ? 0.2838 0.1841 0.3339 0.0010  0.0060  0.0200  204 DT  B "C1'" 
276 N N1    . DT  B 4  ? 0.2657 0.2315 0.2971 -0.0234 -0.0006 -0.0061 204 DT  B N1    
277 C C2    . DT  B 4  ? 0.2896 0.2421 0.2467 -0.0034 0.0262  -0.0082 204 DT  B C2    
278 O O2    . DT  B 4  ? 0.3443 0.2472 0.2745 -0.0433 0.0073  0.0152  204 DT  B O2    
279 N N3    . DT  B 4  ? 0.2444 0.2114 0.2111 -0.0213 0.0346  -0.0028 204 DT  B N3    
280 C C4    . DT  B 4  ? 0.2421 0.2121 0.2356 0.0024  0.0091  0.0053  204 DT  B C4    
281 O O4    . DT  B 4  ? 0.2624 0.2163 0.2278 -0.0134 0.0308  0.0054  204 DT  B O4    
282 C C5    . DT  B 4  ? 0.2425 0.1608 0.2467 -0.0188 0.0118  0.0218  204 DT  B C5    
283 C C7    . DT  B 4  ? 0.3053 0.2478 0.2315 -0.0060 0.0400  -0.0157 204 DT  B C7    
284 C C6    . DT  B 4  ? 0.2491 0.2155 0.2711 -0.0140 0.0316  0.0235  204 DT  B C6    
285 P P     . DA  B 5  ? 0.2844 0.2819 0.3722 0.0139  0.0195  0.0018  205 DA  B P     
286 O OP1   . DA  B 5  ? 0.3116 0.3122 0.4295 0.0309  0.0392  0.0154  205 DA  B OP1   
287 O OP2   . DA  B 5  ? 0.2784 0.2666 0.3539 -0.0180 0.0518  -0.0279 205 DA  B OP2   
288 O "O5'" . DA  B 5  ? 0.2615 0.2493 0.3698 0.0165  0.0126  0.0065  205 DA  B "O5'" 
289 C "C5'" . DA  B 5  ? 0.2788 0.2786 0.3604 0.0136  -0.0195 -0.0374 205 DA  B "C5'" 
290 C "C4'" . DA  B 5  ? 0.2167 0.2507 0.3338 -0.0077 -0.0247 0.0326  205 DA  B "C4'" 
291 O "O4'" . DA  B 5  ? 0.2718 0.2483 0.2686 0.0230  -0.0524 0.0519  205 DA  B "O4'" 
292 C "C3'" . DA  B 5  ? 0.2696 0.3079 0.3202 0.0115  -0.0514 0.0261  205 DA  B "C3'" 
293 O "O3'" . DA  B 5  ? 0.2642 0.3739 0.3288 0.0413  -0.0238 0.0897  205 DA  B "O3'" 
294 C "C2'" . DA  B 5  ? 0.2508 0.2790 0.3301 -0.0249 -0.0371 0.0206  205 DA  B "C2'" 
295 C "C1'" . DA  B 5  ? 0.2494 0.2160 0.2771 -0.0048 -0.0343 0.0543  205 DA  B "C1'" 
296 N N9    . DA  B 5  ? 0.2695 0.2378 0.2938 -0.0099 -0.0104 0.0023  205 DA  B N9    
297 C C8    . DA  B 5  ? 0.2160 0.2383 0.2432 -0.0430 0.0005  0.0109  205 DA  B C8    
298 N N7    . DA  B 5  ? 0.2400 0.2674 0.2446 -0.0052 -0.0058 0.0112  205 DA  B N7    
299 C C5    . DA  B 5  ? 0.1769 0.2326 0.2290 0.0005  0.0140  0.0217  205 DA  B C5    
300 C C6    . DA  B 5  ? 0.2268 0.2024 0.1787 0.0073  0.0233  0.0215  205 DA  B C6    
301 N N6    . DA  B 5  ? 0.2672 0.2377 0.2531 -0.0088 0.0184  0.0254  205 DA  B N6    
302 N N1    . DA  B 5  ? 0.2175 0.1830 0.2466 0.0099  0.0115  0.0186  205 DA  B N1    
303 C C2    . DA  B 5  ? 0.2441 0.2215 0.2758 0.0198  -0.0184 0.0210  205 DA  B C2    
304 N N3    . DA  B 5  ? 0.2398 0.2243 0.2553 0.0080  -0.0011 0.0090  205 DA  B N3    
305 C C4    . DA  B 5  ? 0.2527 0.2232 0.2779 0.0036  -0.0013 0.0236  205 DA  B C4    
306 P P     . URX B 6  ? 0.2653 0.3355 0.3861 -0.0025 0.0061  0.0442  206 URX B P     
307 N N1    . URX B 6  ? 0.2440 0.2680 0.2622 -0.0124 -0.0334 0.0225  206 URX B N1    
308 C C2    . URX B 6  ? 0.2641 0.2775 0.2188 0.0098  -0.0195 -0.0007 206 URX B C2    
309 O O2    . URX B 6  ? 0.3141 0.2661 0.2535 0.0242  -0.0046 0.0295  206 URX B O2    
310 N N3    . URX B 6  ? 0.2316 0.2417 0.2456 0.0005  -0.0169 -0.0051 206 URX B N3    
311 C C4    . URX B 6  ? 0.2402 0.2303 0.2542 0.0062  -0.0252 -0.0015 206 URX B C4    
312 O O4    . URX B 6  ? 0.2840 0.2101 0.2635 -0.0260 0.0076  -0.0079 206 URX B O4    
313 C C5    . URX B 6  ? 0.2112 0.2440 0.2243 -0.0015 0.0028  0.0008  206 URX B C5    
314 C C6    . URX B 6  ? 0.2366 0.2715 0.2429 -0.0048 -0.0271 -0.0043 206 URX B C6    
315 C "C1'" . URX B 6  ? 0.3136 0.3032 0.2538 -0.0166 -0.0300 0.0210  206 URX B "C1'" 
316 C "C2'" . URX B 6  ? 0.3120 0.2859 0.2766 -0.0459 -0.0354 -0.0145 206 URX B "C2'" 
317 C "C3'" . URX B 6  ? 0.3078 0.2671 0.3027 -0.0345 -0.0326 -0.0219 206 URX B "C3'" 
318 O "O3'" . URX B 6  ? 0.3459 0.2926 0.3357 -0.0552 -0.0630 -0.0304 206 URX B "O3'" 
319 C "C4'" . URX B 6  ? 0.3026 0.3006 0.3043 -0.0114 -0.0233 0.0093  206 URX B "C4'" 
320 O "O4'" . URX B 6  ? 0.2900 0.3072 0.2662 0.0047  -0.0839 0.0120  206 URX B "O4'" 
321 C "C5'" . URX B 6  ? 0.3355 0.2741 0.3683 -0.0144 -0.0370 0.0090  206 URX B "C5'" 
322 O "O5'" . URX B 6  ? 0.2876 0.2598 0.3501 0.0031  -0.0010 0.0498  206 URX B "O5'" 
323 C "C6'" . URX B 6  ? 0.3276 0.3196 0.2320 -0.0181 -0.0461 -0.0066 206 URX B "C6'" 
324 C "C7'" . URX B 6  ? 0.3521 0.2990 0.3059 0.0050  -0.0452 0.0335  206 URX B "C7'" 
325 C "C8'" . URX B 6  ? 0.3000 0.2878 0.2626 -0.0194 -0.0172 0.0169  206 URX B "C8'" 
326 O OP1   . URX B 6  ? 0.3360 0.3978 0.4798 -0.0322 -0.0605 0.0805  206 URX B OP1   
327 O OP2   . URX B 6  ? 0.3393 0.3458 0.4025 -0.0371 0.0721  0.0043  206 URX B OP2   
328 P P     . DA  B 7  ? 0.2879 0.2860 0.3794 -0.0370 -0.0491 0.0113  207 DA  B P     
329 O OP1   . DA  B 7  ? 0.3039 0.3718 0.3895 -0.0895 -0.0434 0.0102  207 DA  B OP1   
330 O OP2   . DA  B 7  ? 0.2863 0.2639 0.3506 -0.0343 -0.0204 -0.0173 207 DA  B OP2   
331 O "O5'" . DA  B 7  ? 0.3229 0.2386 0.3899 -0.0626 -0.0563 0.0153  207 DA  B "O5'" 
332 C "C5'" . DA  B 7  ? 0.3553 0.2717 0.3634 -0.0145 -0.0693 -0.0086 207 DA  B "C5'" 
333 C "C4'" . DA  B 7  ? 0.3463 0.2364 0.3242 -0.0259 -0.0569 -0.0119 207 DA  B "C4'" 
334 O "O4'" . DA  B 7  ? 0.3655 0.2315 0.3470 -0.0303 -0.0708 -0.0308 207 DA  B "O4'" 
335 C "C3'" . DA  B 7  ? 0.2974 0.2703 0.3128 -0.0515 -0.0369 -0.0115 207 DA  B "C3'" 
336 O "O3'" . DA  B 7  ? 0.3513 0.3450 0.3512 -0.0980 -0.0660 -0.0161 207 DA  B "O3'" 
337 C "C2'" . DA  B 7  ? 0.3109 0.2111 0.3122 -0.0110 0.0036  0.0059  207 DA  B "C2'" 
338 C "C1'" . DA  B 7  ? 0.3352 0.2300 0.2759 -0.0480 -0.0327 -0.0140 207 DA  B "C1'" 
339 N N9    . DA  B 7  ? 0.2739 0.2014 0.2690 -0.0093 -0.0232 -0.0172 207 DA  B N9    
340 C C8    . DA  B 7  ? 0.3011 0.2284 0.3161 -0.0143 -0.0268 -0.0037 207 DA  B C8    
341 N N7    . DA  B 7  ? 0.2328 0.2206 0.2931 -0.0160 -0.0079 -0.0089 207 DA  B N7    
342 C C5    . DA  B 7  ? 0.1652 0.2167 0.2137 0.0049  0.0145  -0.0003 207 DA  B C5    
343 C C6    . DA  B 7  ? 0.2422 0.2130 0.1930 -0.0018 0.0351  -0.0304 207 DA  B C6    
344 N N6    . DA  B 7  ? 0.2526 0.1896 0.2560 -0.0084 0.0155  -0.0253 207 DA  B N6    
345 N N1    . DA  B 7  ? 0.2506 0.2026 0.2424 0.0034  0.0360  -0.0119 207 DA  B N1    
346 C C2    . DA  B 7  ? 0.2338 0.2399 0.1773 -0.0215 0.0350  -0.0178 207 DA  B C2    
347 N N3    . DA  B 7  ? 0.2887 0.2186 0.2083 -0.0140 -0.0111 -0.0132 207 DA  B N3    
348 C C4    . DA  B 7  ? 0.2398 0.2356 0.2630 -0.0061 -0.0124 -0.0249 207 DA  B C4    
349 P P     . DC  B 8  ? 0.2796 0.3656 0.4247 -0.0846 -0.0395 0.0399  208 DC  B P     
350 O OP1   . DC  B 8  ? 0.3543 0.4017 0.4660 -0.1055 -0.0084 0.0388  208 DC  B OP1   
351 O OP2   . DC  B 8  ? 0.3460 0.4052 0.5303 -0.0561 -0.0566 0.0337  208 DC  B OP2   
352 O "O5'" . DC  B 8  ? 0.3005 0.3382 0.3725 -0.1044 0.0025  0.0258  208 DC  B "O5'" 
353 C "C5'" . DC  B 8  ? 0.2770 0.3152 0.3498 -0.0695 -0.0292 0.0031  208 DC  B "C5'" 
354 C "C4'" . DC  B 8  ? 0.2952 0.3047 0.2917 -0.0551 -0.0024 -0.0229 208 DC  B "C4'" 
355 O "O4'" . DC  B 8  ? 0.2978 0.2588 0.2923 -0.0320 -0.0013 -0.0151 208 DC  B "O4'" 
356 C "C3'" . DC  B 8  ? 0.2732 0.2931 0.3419 -0.0301 0.0208  -0.0444 208 DC  B "C3'" 
357 O "O3'" . DC  B 8  ? 0.3371 0.3565 0.3670 -0.0751 0.0301  -0.0677 208 DC  B "O3'" 
358 C "C2'" . DC  B 8  ? 0.2651 0.2800 0.3228 -0.0269 -0.0091 -0.0092 208 DC  B "C2'" 
359 C "C1'" . DC  B 8  ? 0.2815 0.2422 0.2893 -0.0085 -0.0025 0.0114  208 DC  B "C1'" 
360 N N1    . DC  B 8  ? 0.2527 0.1935 0.2618 -0.0037 -0.0026 -0.0018 208 DC  B N1    
361 C C2    . DC  B 8  ? 0.2264 0.2525 0.2500 -0.0081 -0.0092 -0.0107 208 DC  B C2    
362 O O2    . DC  B 8  ? 0.2210 0.2657 0.2374 0.0147  0.0235  0.0010  208 DC  B O2    
363 N N3    . DC  B 8  ? 0.2041 0.2641 0.2478 0.0263  -0.0124 -0.0063 208 DC  B N3    
364 C C4    . DC  B 8  ? 0.2606 0.2491 0.2513 0.0214  -0.0120 -0.0382 208 DC  B C4    
365 N N4    . DC  B 8  ? 0.3025 0.2766 0.2804 -0.0248 0.0110  0.0029  208 DC  B N4    
366 C C5    . DC  B 8  ? 0.2605 0.2613 0.3032 -0.0008 -0.0175 -0.0258 208 DC  B C5    
367 C C6    . DC  B 8  ? 0.2622 0.2361 0.2948 0.0182  -0.0045 -0.0090 208 DC  B C6    
368 P P     . DG  B 9  ? 0.3899 0.4389 0.3372 -0.0571 0.0233  -0.0275 209 DG  B P     
369 O OP1   . DG  B 9  ? 0.4623 0.3834 0.4462 -0.1118 0.0378  -0.0381 209 DG  B OP1   
370 O OP2   . DG  B 9  ? 0.3108 0.5073 0.3591 0.0014  0.0354  -0.0251 209 DG  B OP2   
371 O "O5'" . DG  B 9  ? 0.3252 0.4283 0.3183 -0.0414 0.0250  -0.0076 209 DG  B "O5'" 
372 C "C5'" . DG  B 9  ? 0.2753 0.3241 0.3216 0.0059  0.0281  0.0079  209 DG  B "C5'" 
373 C "C4'" . DG  B 9  ? 0.2455 0.2614 0.2291 0.0253  0.0413  -0.0099 209 DG  B "C4'" 
374 O "O4'" . DG  B 9  ? 0.2614 0.2563 0.2567 0.0306  0.0188  -0.0038 209 DG  B "O4'" 
375 C "C3'" . DG  B 9  ? 0.3085 0.2706 0.2583 0.0037  0.0380  0.0036  209 DG  B "C3'" 
376 O "O3'" . DG  B 9  ? 0.4082 0.3082 0.2440 0.0349  0.0268  0.0145  209 DG  B "O3'" 
377 C "C2'" . DG  B 9  ? 0.2705 0.2441 0.2177 0.0007  0.0272  0.0009  209 DG  B "C2'" 
378 C "C1'" . DG  B 9  ? 0.2291 0.2233 0.1940 0.0308  0.0027  0.0090  209 DG  B "C1'" 
379 N N9    . DG  B 9  ? 0.2280 0.1968 0.2354 0.0028  0.0074  0.0019  209 DG  B N9    
380 C C8    . DG  B 9  ? 0.2214 0.2459 0.1972 0.0339  0.0457  0.0102  209 DG  B C8    
381 N N7    . DG  B 9  ? 0.2078 0.2213 0.2252 0.0177  0.0246  -0.0104 209 DG  B N7    
382 C C5    . DG  B 9  ? 0.2111 0.1963 0.1860 0.0424  0.0229  -0.0173 209 DG  B C5    
383 C C6    . DG  B 9  ? 0.2186 0.1796 0.2239 0.0475  0.0025  0.0081  209 DG  B C6    
384 O O6    . DG  B 9  ? 0.2610 0.2483 0.2254 0.0586  -0.0235 0.0013  209 DG  B O6    
385 N N1    . DG  B 9  ? 0.2324 0.2570 0.2293 0.0051  0.0285  0.0041  209 DG  B N1    
386 C C2    . DG  B 9  ? 0.2285 0.1524 0.2345 0.0065  0.0293  -0.0032 209 DG  B C2    
387 N N2    . DG  B 9  ? 0.2316 0.2516 0.2168 -0.0138 0.0349  -0.0406 209 DG  B N2    
388 N N3    . DG  B 9  ? 0.2588 0.1708 0.2183 -0.0046 0.0478  -0.0120 209 DG  B N3    
389 C C4    . DG  B 9  ? 0.2072 0.1945 0.1850 0.0291  0.0393  0.0122  209 DG  B C4    
390 P P     . DC  B 10 ? 0.4001 0.3660 0.2695 0.0149  0.0572  0.0014  210 DC  B P     
391 O OP1   . DC  B 10 ? 0.6072 0.4242 0.2422 0.0119  0.0378  -0.0190 210 DC  B OP1   
392 O OP2   . DC  B 10 ? 0.4347 0.4727 0.3628 0.0144  0.0768  -0.0547 210 DC  B OP2   
393 O "O5'" . DC  B 10 ? 0.3288 0.3411 0.2388 0.0258  0.0632  -0.0107 210 DC  B "O5'" 
394 C "C5'" . DC  B 10 ? 0.3524 0.2684 0.2994 0.0592  0.0162  0.0154  210 DC  B "C5'" 
395 C "C4'" . DC  B 10 ? 0.3762 0.3605 0.3428 0.0447  0.0060  0.0294  210 DC  B "C4'" 
396 O "O4'" . DC  B 10 ? 0.2926 0.3276 0.2417 0.0554  0.0002  0.0070  210 DC  B "O4'" 
397 C "C3'" . DC  B 10 ? 0.4057 0.3531 0.2920 0.0385  -0.0037 -0.0060 210 DC  B "C3'" 
398 O "O3'" . DC  B 10 ? 0.4521 0.4529 0.3156 0.0549  -0.0353 0.0135  210 DC  B "O3'" 
399 C "C2'" . DC  B 10 ? 0.3881 0.3597 0.2455 0.0636  -0.0243 0.0054  210 DC  B "C2'" 
400 C "C1'" . DC  B 10 ? 0.3239 0.2931 0.2390 0.0556  -0.0098 0.0494  210 DC  B "C1'" 
401 N N1    . DC  B 10 ? 0.2713 0.2908 0.2110 0.0430  -0.0053 0.0002  210 DC  B N1    
402 C C2    . DC  B 10 ? 0.2420 0.2248 0.2637 0.0040  0.0127  -0.0091 210 DC  B C2    
403 O O2    . DC  B 10 ? 0.2732 0.2633 0.2592 0.0391  -0.0050 -0.0382 210 DC  B O2    
404 N N3    . DC  B 10 ? 0.2200 0.2532 0.2723 0.0199  0.0228  0.0135  210 DC  B N3    
405 C C4    . DC  B 10 ? 0.2179 0.2804 0.2344 0.0458  0.0395  0.0023  210 DC  B C4    
406 N N4    . DC  B 10 ? 0.2007 0.3207 0.2528 0.0386  0.0416  0.0286  210 DC  B N4    
407 C C5    . DC  B 10 ? 0.1866 0.2878 0.2197 0.0986  0.0384  0.0096  210 DC  B C5    
408 C C6    . DC  B 10 ? 0.2104 0.2681 0.2200 0.0565  0.0200  -0.0129 210 DC  B C6    
409 O O     . HOH C .  ? 0.5416 0.3769 0.3563 -0.0811 -0.0123 0.0896  1   HOH A O     
410 O O     . HOH C .  ? 0.3026 0.2961 0.2499 0.0265  0.0011  0.0218  2   HOH A O     
411 O O     . HOH C .  ? 0.3586 0.5237 0.3024 -0.1331 -0.0960 0.0452  3   HOH A O     
412 O O     . HOH C .  ? 0.4828 0.2961 0.3367 -0.0906 0.0341  0.0217  4   HOH A O     
413 O O     . HOH C .  ? 0.4145 0.3309 0.5953 0.0312  -0.0968 -0.0005 7   HOH A O     
414 O O     . HOH C .  ? 0.5135 0.4430 0.3360 0.0114  -0.0725 -0.0983 8   HOH A O     
415 O O     . HOH C .  ? 0.3520 0.3350 0.3710 -0.0253 -0.0712 -0.0363 9   HOH A O     
416 O O     . HOH C .  ? 0.2683 0.2564 0.4878 -0.0491 -0.0239 -0.0299 16  HOH A O     
417 O O     . HOH C .  ? 0.3125 0.3299 0.3788 -0.0133 -0.0406 -0.0419 17  HOH A O     
418 O O     . HOH C .  ? 0.2663 0.2381 0.2804 0.0051  0.0021  -0.0306 18  HOH A O     
419 O O     . HOH C .  ? 0.3709 0.3354 0.2663 -0.0199 0.0028  -0.0221 21  HOH A O     
420 O O     . HOH C .  ? 0.3738 0.5246 0.2658 0.1638  -0.0261 0.0193  22  HOH A O     
421 O O     . HOH C .  ? 0.3260 0.2398 0.4227 -0.0126 0.0854  -0.0532 25  HOH A O     
422 O O     . HOH C .  ? 0.3047 0.2338 0.2902 -0.1198 -0.0083 0.0142  26  HOH A O     
423 O O     . HOH C .  ? 0.2930 0.3662 0.4569 0.0223  -0.0340 0.0444  27  HOH A O     
424 O O     . HOH C .  ? 0.6663 0.6385 0.3737 -0.0746 0.0464  0.0790  29  HOH A O     
425 O O     . HOH C .  ? 0.2632 0.3175 0.2582 -0.0928 0.0050  0.0055  35  HOH A O     
426 O O     . HOH C .  ? 0.5278 0.4780 0.3099 0.0567  0.0084  0.0737  37  HOH A O     
427 O O     . HOH C .  ? 0.4261 0.3720 0.6055 0.0183  0.0583  -0.0119 38  HOH A O     
428 O O     . HOH C .  ? 0.3705 0.3254 0.5044 -0.0472 -0.1045 0.0267  39  HOH A O     
429 O O     . HOH C .  ? 0.5750 0.4824 0.3962 -0.0080 0.1030  0.0760  40  HOH A O     
430 O O     . HOH C .  ? 0.5678 0.4485 0.3941 0.0082  0.1392  0.0463  43  HOH A O     
431 O O     . HOH C .  ? 0.4511 0.4892 0.4154 0.1016  0.1209  -0.0642 44  HOH A O     
432 O O     . HOH C .  ? 0.6751 0.3292 0.5770 0.1268  0.0858  -0.1282 45  HOH A O     
433 O O     . HOH D .  ? 0.3646 0.1973 0.2570 0.0893  0.0390  0.0547  5   HOH B O     
434 O O     . HOH D .  ? 0.3547 0.3393 0.3333 0.0895  -0.1870 -0.1273 6   HOH B O     
435 O O     . HOH D .  ? 0.5453 0.3436 0.2680 0.0119  -0.0252 -0.0165 10  HOH B O     
436 O O     . HOH D .  ? 0.3005 0.4964 0.7844 0.0943  0.1705  0.1320  11  HOH B O     
437 O O     . HOH D .  ? 0.5677 0.4818 0.5963 0.1278  0.1933  0.1080  12  HOH B O     
438 O O     . HOH D .  ? 0.4106 0.2333 0.5792 -0.0768 0.1321  0.1267  13  HOH B O     
439 O O     . HOH D .  ? 0.4422 0.3156 0.3941 -0.0367 0.1404  -0.0910 14  HOH B O     
440 O O     . HOH D .  ? 0.3862 0.5045 0.4127 -0.1170 0.0822  0.0127  15  HOH B O     
441 O O     . HOH D .  ? 0.7667 0.4195 0.6354 -0.1175 0.2098  -0.1218 19  HOH B O     
442 O O     . HOH D .  ? 0.4358 0.5094 0.4832 0.0039  0.0803  -0.0496 20  HOH B O     
443 O O     . HOH D .  ? 0.3428 0.2994 0.2451 0.0343  0.0298  -0.0467 23  HOH B O     
444 O O     . HOH D .  ? 0.3668 0.5947 0.2633 0.1538  0.0818  -0.0094 24  HOH B O     
445 O O     . HOH D .  ? 0.6389 0.3058 0.4151 0.0732  -0.1272 -0.1092 28  HOH B O     
446 O O     . HOH D .  ? 0.5301 0.3094 0.2805 0.0116  0.0433  0.0036  30  HOH B O     
447 O O     . HOH D .  ? 0.4507 0.5903 0.3059 -0.0719 -0.0444 0.0520  31  HOH B O     
448 O O     . HOH D .  ? 0.6365 0.4320 0.4630 0.0294  -0.0604 0.0218  32  HOH B O     
449 O O     . HOH D .  ? 0.5229 0.2242 0.3757 0.0219  0.0179  -0.0625 33  HOH B O     
450 O O     . HOH D .  ? 0.4111 0.4992 0.3281 0.0979  0.0337  0.0077  34  HOH B O     
451 O O     . HOH D .  ? 0.3453 0.6568 0.3512 0.0464  0.0573  0.1688  36  HOH B O     
452 O O     . HOH D .  ? 0.5664 0.4369 0.4892 0.1545  -0.2680 -0.0361 41  HOH B O     
453 O O     . HOH D .  ? 0.4153 0.3012 0.3390 0.0663  0.0643  0.0161  42  HOH B O     
454 O O     . HOH D .  ? 0.5676 0.2934 0.3787 0.0636  -0.0836 -0.0667 46  HOH B O     
455 O O     . HOH D .  ? 0.4762 0.3617 0.4500 -0.0128 0.0035  0.0160  47  HOH B O     
456 O O     . HOH D .  ? 0.5469 0.4896 0.3636 -0.1815 -0.1048 0.0180  48  HOH B O     
# 
loop_
_pdbx_poly_seq_scheme.asym_id 
_pdbx_poly_seq_scheme.entity_id 
_pdbx_poly_seq_scheme.seq_id 
_pdbx_poly_seq_scheme.mon_id 
_pdbx_poly_seq_scheme.ndb_seq_num 
_pdbx_poly_seq_scheme.pdb_seq_num 
_pdbx_poly_seq_scheme.auth_seq_num 
_pdbx_poly_seq_scheme.pdb_mon_id 
_pdbx_poly_seq_scheme.auth_mon_id 
_pdbx_poly_seq_scheme.pdb_strand_id 
_pdbx_poly_seq_scheme.pdb_ins_code 
_pdbx_poly_seq_scheme.hetero 
A 1 1  DG  1  101 101 DG  DG  A . n 
A 1 2  DC  2  102 102 DC  DC  A . n 
A 1 3  DG  3  103 103 DG  DG  A . n 
A 1 4  DT  4  104 104 DT  DT  A . n 
A 1 5  DA  5  105 105 DA  DA  A . n 
A 1 6  URX 6  106 106 URX URX A . n 
A 1 7  DA  7  107 107 DA  DA  A . n 
A 1 8  DC  8  108 108 DC  DC  A . n 
A 1 9  DG  9  109 109 DG  DG  A . n 
A 1 10 DC  10 110 110 DC  DC  A . n 
B 1 1  DG  1  201 201 DG  DG  B . n 
B 1 2  DC  2  202 202 DC  DC  B . n 
B 1 3  DG  3  203 203 DG  DG  B . n 
B 1 4  DT  4  204 204 DT  DT  B . n 
B 1 5  DA  5  205 205 DA  DA  B . n 
B 1 6  URX 6  206 206 URX URX B . n 
B 1 7  DA  7  207 207 DA  DA  B . n 
B 1 8  DC  8  208 208 DC  DC  B . n 
B 1 9  DG  9  209 209 DG  DG  B . n 
B 1 10 DC  10 210 210 DC  DC  B . n 
# 
loop_
_pdbx_nonpoly_scheme.asym_id 
_pdbx_nonpoly_scheme.entity_id 
_pdbx_nonpoly_scheme.mon_id 
_pdbx_nonpoly_scheme.ndb_seq_num 
_pdbx_nonpoly_scheme.pdb_seq_num 
_pdbx_nonpoly_scheme.auth_seq_num 
_pdbx_nonpoly_scheme.pdb_mon_id 
_pdbx_nonpoly_scheme.auth_mon_id 
_pdbx_nonpoly_scheme.pdb_strand_id 
_pdbx_nonpoly_scheme.pdb_ins_code 
C 2 HOH 1  1  1  HOH HOH A . 
C 2 HOH 2  2  2  HOH HOH A . 
C 2 HOH 3  3  3  HOH HOH A . 
C 2 HOH 4  4  4  HOH HOH A . 
C 2 HOH 5  7  7  HOH HOH A . 
C 2 HOH 6  8  8  HOH HOH A . 
C 2 HOH 7  9  9  HOH HOH A . 
C 2 HOH 8  16 16 HOH HOH A . 
C 2 HOH 9  17 17 HOH HOH A . 
C 2 HOH 10 18 18 HOH HOH A . 
C 2 HOH 11 21 21 HOH HOH A . 
C 2 HOH 12 22 22 HOH HOH A . 
C 2 HOH 13 25 25 HOH HOH A . 
C 2 HOH 14 26 26 HOH HOH A . 
C 2 HOH 15 27 27 HOH HOH A . 
C 2 HOH 16 29 29 HOH HOH A . 
C 2 HOH 17 35 35 HOH HOH A . 
C 2 HOH 18 37 37 HOH HOH A . 
C 2 HOH 19 38 38 HOH HOH A . 
C 2 HOH 20 39 39 HOH HOH A . 
C 2 HOH 21 40 40 HOH HOH A . 
C 2 HOH 22 43 43 HOH HOH A . 
C 2 HOH 23 44 44 HOH HOH A . 
C 2 HOH 24 45 45 HOH HOH A . 
D 2 HOH 1  5  5  HOH HOH B . 
D 2 HOH 2  6  6  HOH HOH B . 
D 2 HOH 3  10 10 HOH HOH B . 
D 2 HOH 4  11 11 HOH HOH B . 
D 2 HOH 5  12 12 HOH HOH B . 
D 2 HOH 6  13 13 HOH HOH B . 
D 2 HOH 7  14 14 HOH HOH B . 
D 2 HOH 8  15 15 HOH HOH B . 
D 2 HOH 9  19 19 HOH HOH B . 
D 2 HOH 10 20 20 HOH HOH B . 
D 2 HOH 11 23 23 HOH HOH B . 
D 2 HOH 12 24 24 HOH HOH B . 
D 2 HOH 13 28 28 HOH HOH B . 
D 2 HOH 14 30 30 HOH HOH B . 
D 2 HOH 15 31 31 HOH HOH B . 
D 2 HOH 16 32 32 HOH HOH B . 
D 2 HOH 17 33 33 HOH HOH B . 
D 2 HOH 18 34 34 HOH HOH B . 
D 2 HOH 19 36 36 HOH HOH B . 
D 2 HOH 20 41 41 HOH HOH B . 
D 2 HOH 21 42 42 HOH HOH B . 
D 2 HOH 22 46 46 HOH HOH B . 
D 2 HOH 23 47 47 HOH HOH B . 
D 2 HOH 24 48 48 HOH HOH B . 
# 
loop_
_pdbx_struct_mod_residue.id 
_pdbx_struct_mod_residue.label_asym_id 
_pdbx_struct_mod_residue.label_comp_id 
_pdbx_struct_mod_residue.label_seq_id 
_pdbx_struct_mod_residue.auth_asym_id 
_pdbx_struct_mod_residue.auth_comp_id 
_pdbx_struct_mod_residue.auth_seq_id 
_pdbx_struct_mod_residue.PDB_ins_code 
_pdbx_struct_mod_residue.parent_comp_id 
_pdbx_struct_mod_residue.details 
1 A URX 6 A URX 106 ? DU ? 
2 B URX 6 B URX 206 ? DU ? 
# 
_pdbx_struct_assembly.id                   1 
_pdbx_struct_assembly.details              author_and_software_defined_assembly 
_pdbx_struct_assembly.method_details       PISA 
_pdbx_struct_assembly.oligomeric_details   dimeric 
_pdbx_struct_assembly.oligomeric_count     2 
# 
_pdbx_struct_assembly_gen.assembly_id       1 
_pdbx_struct_assembly_gen.oper_expression   1 
_pdbx_struct_assembly_gen.asym_id_list      A,B,C,D 
# 
loop_
_pdbx_struct_assembly_prop.biol_id 
_pdbx_struct_assembly_prop.type 
_pdbx_struct_assembly_prop.value 
_pdbx_struct_assembly_prop.details 
1 'ABSA (A^2)' 980  ? 
1 MORE         -2   ? 
1 'SSA (A^2)'  3800 ? 
# 
_pdbx_struct_oper_list.id                   1 
_pdbx_struct_oper_list.type                 'identity operation' 
_pdbx_struct_oper_list.name                 1_555 
_pdbx_struct_oper_list.symmetry_operation   x,y,z 
_pdbx_struct_oper_list.matrix[1][1]         1.0000000000 
_pdbx_struct_oper_list.matrix[1][2]         0.0000000000 
_pdbx_struct_oper_list.matrix[1][3]         0.0000000000 
_pdbx_struct_oper_list.vector[1]            0.0000000000 
_pdbx_struct_oper_list.matrix[2][1]         0.0000000000 
_pdbx_struct_oper_list.matrix[2][2]         1.0000000000 
_pdbx_struct_oper_list.matrix[2][3]         0.0000000000 
_pdbx_struct_oper_list.vector[2]            0.0000000000 
_pdbx_struct_oper_list.matrix[3][1]         0.0000000000 
_pdbx_struct_oper_list.matrix[3][2]         0.0000000000 
_pdbx_struct_oper_list.matrix[3][3]         1.0000000000 
_pdbx_struct_oper_list.vector[3]            0.0000000000 
# 
loop_
_pdbx_audit_revision_history.ordinal 
_pdbx_audit_revision_history.data_content_type 
_pdbx_audit_revision_history.major_revision 
_pdbx_audit_revision_history.minor_revision 
_pdbx_audit_revision_history.revision_date 
1 'Structure model' 1 0 2010-11-24 
2 'Structure model' 1 1 2011-07-13 
3 'Structure model' 1 2 2023-09-06 
# 
_pdbx_audit_revision_details.ordinal             1 
_pdbx_audit_revision_details.revision_ordinal    1 
_pdbx_audit_revision_details.data_content_type   'Structure model' 
_pdbx_audit_revision_details.provider            repository 
_pdbx_audit_revision_details.type                'Initial release' 
_pdbx_audit_revision_details.description         ? 
_pdbx_audit_revision_details.details             ? 
# 
loop_
_pdbx_audit_revision_group.ordinal 
_pdbx_audit_revision_group.revision_ordinal 
_pdbx_audit_revision_group.data_content_type 
_pdbx_audit_revision_group.group 
1 2 'Structure model' 'Version format compliance' 
2 3 'Structure model' 'Data collection'           
3 3 'Structure model' 'Database references'       
4 3 'Structure model' 'Derived calculations'      
5 3 'Structure model' 'Refinement description'    
# 
loop_
_pdbx_audit_revision_category.ordinal 
_pdbx_audit_revision_category.revision_ordinal 
_pdbx_audit_revision_category.data_content_type 
_pdbx_audit_revision_category.category 
1 3 'Structure model' chem_comp_atom                
2 3 'Structure model' chem_comp_bond                
3 3 'Structure model' database_2                    
4 3 'Structure model' pdbx_initial_refinement_model 
5 3 'Structure model' struct_conn                   
# 
loop_
_pdbx_audit_revision_item.ordinal 
_pdbx_audit_revision_item.revision_ordinal 
_pdbx_audit_revision_item.data_content_type 
_pdbx_audit_revision_item.item 
1 3 'Structure model' '_database_2.pdbx_DOI'                
2 3 'Structure model' '_database_2.pdbx_database_accession' 
3 3 'Structure model' '_struct_conn.pdbx_leaving_atom_flag' 
# 
loop_
_software.name 
_software.classification 
_software.version 
_software.citation_id 
_software.pdbx_ordinal 
MAR345dtb 'data collection' .        ? 1 
MOLREP    phasing           .        ? 2 
CCP4      'model building'  .        ? 3 
REFMAC    refinement        5.5.0109 ? 4 
HKL-2000  'data reduction'  .        ? 5 
HKL-2000  'data scaling'    .        ? 6 
CCP4      phasing           .        ? 7 
# 
loop_
_pdbx_validate_rmsd_bond.id 
_pdbx_validate_rmsd_bond.PDB_model_num 
_pdbx_validate_rmsd_bond.auth_atom_id_1 
_pdbx_validate_rmsd_bond.auth_asym_id_1 
_pdbx_validate_rmsd_bond.auth_comp_id_1 
_pdbx_validate_rmsd_bond.auth_seq_id_1 
_pdbx_validate_rmsd_bond.PDB_ins_code_1 
_pdbx_validate_rmsd_bond.label_alt_id_1 
_pdbx_validate_rmsd_bond.auth_atom_id_2 
_pdbx_validate_rmsd_bond.auth_asym_id_2 
_pdbx_validate_rmsd_bond.auth_comp_id_2 
_pdbx_validate_rmsd_bond.auth_seq_id_2 
_pdbx_validate_rmsd_bond.PDB_ins_code_2 
_pdbx_validate_rmsd_bond.label_alt_id_2 
_pdbx_validate_rmsd_bond.bond_value 
_pdbx_validate_rmsd_bond.bond_target_value 
_pdbx_validate_rmsd_bond.bond_deviation 
_pdbx_validate_rmsd_bond.bond_standard_deviation 
_pdbx_validate_rmsd_bond.linker_flag 
1 1 C5    A DT 104 ? ? C6    A DT 104 ? ? 1.381 1.339 0.042  0.007 N 
2 1 C5    A DG 109 ? ? N7    A DG 109 ? ? 1.426 1.388 0.038  0.006 N 
3 1 "O3'" B DG 201 ? ? "C3'" B DG 201 ? ? 1.343 1.419 -0.076 0.006 N 
4 1 N7    B DG 201 ? ? C8    B DG 201 ? ? 1.345 1.305 0.040  0.006 N 
5 1 "O3'" B DC 210 ? ? "C3'" B DC 210 ? ? 1.374 1.419 -0.045 0.006 N 
6 1 N1    B DC 210 ? ? C6    B DC 210 ? ? 1.406 1.367 0.039  0.006 N 
# 
loop_
_pdbx_validate_rmsd_angle.id 
_pdbx_validate_rmsd_angle.PDB_model_num 
_pdbx_validate_rmsd_angle.auth_atom_id_1 
_pdbx_validate_rmsd_angle.auth_asym_id_1 
_pdbx_validate_rmsd_angle.auth_comp_id_1 
_pdbx_validate_rmsd_angle.auth_seq_id_1 
_pdbx_validate_rmsd_angle.PDB_ins_code_1 
_pdbx_validate_rmsd_angle.label_alt_id_1 
_pdbx_validate_rmsd_angle.auth_atom_id_2 
_pdbx_validate_rmsd_angle.auth_asym_id_2 
_pdbx_validate_rmsd_angle.auth_comp_id_2 
_pdbx_validate_rmsd_angle.auth_seq_id_2 
_pdbx_validate_rmsd_angle.PDB_ins_code_2 
_pdbx_validate_rmsd_angle.label_alt_id_2 
_pdbx_validate_rmsd_angle.auth_atom_id_3 
_pdbx_validate_rmsd_angle.auth_asym_id_3 
_pdbx_validate_rmsd_angle.auth_comp_id_3 
_pdbx_validate_rmsd_angle.auth_seq_id_3 
_pdbx_validate_rmsd_angle.PDB_ins_code_3 
_pdbx_validate_rmsd_angle.label_alt_id_3 
_pdbx_validate_rmsd_angle.angle_value 
_pdbx_validate_rmsd_angle.angle_target_value 
_pdbx_validate_rmsd_angle.angle_deviation 
_pdbx_validate_rmsd_angle.angle_standard_deviation 
_pdbx_validate_rmsd_angle.linker_flag 
1 1 "O4'" A DC 102 ? ? "C4'" A DC  102 ? ? "C3'" A DC  102 ? ? 101.62 104.50 -2.88 0.40 N 
2 1 "O4'" A DC 102 ? ? "C1'" A DC  102 ? ? N1    A DC  102 ? ? 111.72 108.30 3.42  0.30 N 
3 1 "O3'" A DA 105 ? ? P     A URX 106 ? ? OP2   A URX 106 ? ? 118.00 110.50 7.50  1.10 Y 
4 1 "O4'" A DG 109 ? ? "C4'" A DG  109 ? ? "C3'" A DG  109 ? ? 101.10 104.50 -3.40 0.40 N 
5 1 "O3'" B DA 205 ? ? P     B URX 206 ? ? OP2   B URX 206 ? ? 117.39 110.50 6.89  1.10 Y 
6 1 "O4'" B DC 210 ? ? "C1'" B DC  210 ? ? "C2'" B DC  210 ? ? 110.06 106.80 3.26  0.50 N 
# 
loop_
_chem_comp_atom.comp_id 
_chem_comp_atom.atom_id 
_chem_comp_atom.type_symbol 
_chem_comp_atom.pdbx_aromatic_flag 
_chem_comp_atom.pdbx_stereo_config 
_chem_comp_atom.pdbx_ordinal 
DA  OP3    O N N 1   
DA  P      P N N 2   
DA  OP1    O N N 3   
DA  OP2    O N N 4   
DA  "O5'"  O N N 5   
DA  "C5'"  C N N 6   
DA  "C4'"  C N R 7   
DA  "O4'"  O N N 8   
DA  "C3'"  C N S 9   
DA  "O3'"  O N N 10  
DA  "C2'"  C N N 11  
DA  "C1'"  C N R 12  
DA  N9     N Y N 13  
DA  C8     C Y N 14  
DA  N7     N Y N 15  
DA  C5     C Y N 16  
DA  C6     C Y N 17  
DA  N6     N N N 18  
DA  N1     N Y N 19  
DA  C2     C Y N 20  
DA  N3     N Y N 21  
DA  C4     C Y N 22  
DA  HOP3   H N N 23  
DA  HOP2   H N N 24  
DA  "H5'"  H N N 25  
DA  "H5''" H N N 26  
DA  "H4'"  H N N 27  
DA  "H3'"  H N N 28  
DA  "HO3'" H N N 29  
DA  "H2'"  H N N 30  
DA  "H2''" H N N 31  
DA  "H1'"  H N N 32  
DA  H8     H N N 33  
DA  H61    H N N 34  
DA  H62    H N N 35  
DA  H2     H N N 36  
DC  OP3    O N N 37  
DC  P      P N N 38  
DC  OP1    O N N 39  
DC  OP2    O N N 40  
DC  "O5'"  O N N 41  
DC  "C5'"  C N N 42  
DC  "C4'"  C N R 43  
DC  "O4'"  O N N 44  
DC  "C3'"  C N S 45  
DC  "O3'"  O N N 46  
DC  "C2'"  C N N 47  
DC  "C1'"  C N R 48  
DC  N1     N N N 49  
DC  C2     C N N 50  
DC  O2     O N N 51  
DC  N3     N N N 52  
DC  C4     C N N 53  
DC  N4     N N N 54  
DC  C5     C N N 55  
DC  C6     C N N 56  
DC  HOP3   H N N 57  
DC  HOP2   H N N 58  
DC  "H5'"  H N N 59  
DC  "H5''" H N N 60  
DC  "H4'"  H N N 61  
DC  "H3'"  H N N 62  
DC  "HO3'" H N N 63  
DC  "H2'"  H N N 64  
DC  "H2''" H N N 65  
DC  "H1'"  H N N 66  
DC  H41    H N N 67  
DC  H42    H N N 68  
DC  H5     H N N 69  
DC  H6     H N N 70  
DG  OP3    O N N 71  
DG  P      P N N 72  
DG  OP1    O N N 73  
DG  OP2    O N N 74  
DG  "O5'"  O N N 75  
DG  "C5'"  C N N 76  
DG  "C4'"  C N R 77  
DG  "O4'"  O N N 78  
DG  "C3'"  C N S 79  
DG  "O3'"  O N N 80  
DG  "C2'"  C N N 81  
DG  "C1'"  C N R 82  
DG  N9     N Y N 83  
DG  C8     C Y N 84  
DG  N7     N Y N 85  
DG  C5     C Y N 86  
DG  C6     C N N 87  
DG  O6     O N N 88  
DG  N1     N N N 89  
DG  C2     C N N 90  
DG  N2     N N N 91  
DG  N3     N N N 92  
DG  C4     C Y N 93  
DG  HOP3   H N N 94  
DG  HOP2   H N N 95  
DG  "H5'"  H N N 96  
DG  "H5''" H N N 97  
DG  "H4'"  H N N 98  
DG  "H3'"  H N N 99  
DG  "HO3'" H N N 100 
DG  "H2'"  H N N 101 
DG  "H2''" H N N 102 
DG  "H1'"  H N N 103 
DG  H8     H N N 104 
DG  H1     H N N 105 
DG  H21    H N N 106 
DG  H22    H N N 107 
DT  OP3    O N N 108 
DT  P      P N N 109 
DT  OP1    O N N 110 
DT  OP2    O N N 111 
DT  "O5'"  O N N 112 
DT  "C5'"  C N N 113 
DT  "C4'"  C N R 114 
DT  "O4'"  O N N 115 
DT  "C3'"  C N S 116 
DT  "O3'"  O N N 117 
DT  "C2'"  C N N 118 
DT  "C1'"  C N R 119 
DT  N1     N N N 120 
DT  C2     C N N 121 
DT  O2     O N N 122 
DT  N3     N N N 123 
DT  C4     C N N 124 
DT  O4     O N N 125 
DT  C5     C N N 126 
DT  C7     C N N 127 
DT  C6     C N N 128 
DT  HOP3   H N N 129 
DT  HOP2   H N N 130 
DT  "H5'"  H N N 131 
DT  "H5''" H N N 132 
DT  "H4'"  H N N 133 
DT  "H3'"  H N N 134 
DT  "HO3'" H N N 135 
DT  "H2'"  H N N 136 
DT  "H2''" H N N 137 
DT  "H1'"  H N N 138 
DT  H3     H N N 139 
DT  H71    H N N 140 
DT  H72    H N N 141 
DT  H73    H N N 142 
DT  H6     H N N 143 
HOH O      O N N 144 
HOH H1     H N N 145 
HOH H2     H N N 146 
URX P      P N N 147 
URX N1     N N N 148 
URX C2     C N N 149 
URX O2     O N N 150 
URX N3     N N N 151 
URX C4     C N N 152 
URX O4     O N N 153 
URX C5     C N N 154 
URX C6     C N N 155 
URX "C1'"  C N R 156 
URX "C2'"  C N R 157 
URX "C3'"  C N S 158 
URX "O3'"  O N N 159 
URX "C4'"  C N R 160 
URX "O4'"  O N N 161 
URX "C5'"  C N N 162 
URX "O5'"  O N N 163 
URX "C6'"  C N R 164 
URX "C7'"  C N N 165 
URX "C8'"  C N N 166 
URX OP1    O N N 167 
URX OP2    O N N 168 
URX OP3    O N N 169 
URX H5     H N N 170 
URX H6     H N N 171 
URX "H1'"  H N N 172 
URX "H2'"  H N N 173 
URX "H3'"  H N N 174 
URX "HO3'" H N N 175 
URX "H5'"  H N N 176 
URX "H5'A" H N N 177 
URX "H6'"  H N N 178 
URX "H7'"  H N N 179 
URX "H7'A" H N N 180 
URX "H7'B" H N N 181 
URX "H8'"  H N N 182 
URX "H8'A" H N N 183 
URX HOP2   H N N 184 
URX HOP3   H N N 185 
URX HN3    H N N 186 
# 
loop_
_chem_comp_bond.comp_id 
_chem_comp_bond.atom_id_1 
_chem_comp_bond.atom_id_2 
_chem_comp_bond.value_order 
_chem_comp_bond.pdbx_aromatic_flag 
_chem_comp_bond.pdbx_stereo_config 
_chem_comp_bond.pdbx_ordinal 
DA  OP3   P      sing N N 1   
DA  OP3   HOP3   sing N N 2   
DA  P     OP1    doub N N 3   
DA  P     OP2    sing N N 4   
DA  P     "O5'"  sing N N 5   
DA  OP2   HOP2   sing N N 6   
DA  "O5'" "C5'"  sing N N 7   
DA  "C5'" "C4'"  sing N N 8   
DA  "C5'" "H5'"  sing N N 9   
DA  "C5'" "H5''" sing N N 10  
DA  "C4'" "O4'"  sing N N 11  
DA  "C4'" "C3'"  sing N N 12  
DA  "C4'" "H4'"  sing N N 13  
DA  "O4'" "C1'"  sing N N 14  
DA  "C3'" "O3'"  sing N N 15  
DA  "C3'" "C2'"  sing N N 16  
DA  "C3'" "H3'"  sing N N 17  
DA  "O3'" "HO3'" sing N N 18  
DA  "C2'" "C1'"  sing N N 19  
DA  "C2'" "H2'"  sing N N 20  
DA  "C2'" "H2''" sing N N 21  
DA  "C1'" N9     sing N N 22  
DA  "C1'" "H1'"  sing N N 23  
DA  N9    C8     sing Y N 24  
DA  N9    C4     sing Y N 25  
DA  C8    N7     doub Y N 26  
DA  C8    H8     sing N N 27  
DA  N7    C5     sing Y N 28  
DA  C5    C6     sing Y N 29  
DA  C5    C4     doub Y N 30  
DA  C6    N6     sing N N 31  
DA  C6    N1     doub Y N 32  
DA  N6    H61    sing N N 33  
DA  N6    H62    sing N N 34  
DA  N1    C2     sing Y N 35  
DA  C2    N3     doub Y N 36  
DA  C2    H2     sing N N 37  
DA  N3    C4     sing Y N 38  
DC  OP3   P      sing N N 39  
DC  OP3   HOP3   sing N N 40  
DC  P     OP1    doub N N 41  
DC  P     OP2    sing N N 42  
DC  P     "O5'"  sing N N 43  
DC  OP2   HOP2   sing N N 44  
DC  "O5'" "C5'"  sing N N 45  
DC  "C5'" "C4'"  sing N N 46  
DC  "C5'" "H5'"  sing N N 47  
DC  "C5'" "H5''" sing N N 48  
DC  "C4'" "O4'"  sing N N 49  
DC  "C4'" "C3'"  sing N N 50  
DC  "C4'" "H4'"  sing N N 51  
DC  "O4'" "C1'"  sing N N 52  
DC  "C3'" "O3'"  sing N N 53  
DC  "C3'" "C2'"  sing N N 54  
DC  "C3'" "H3'"  sing N N 55  
DC  "O3'" "HO3'" sing N N 56  
DC  "C2'" "C1'"  sing N N 57  
DC  "C2'" "H2'"  sing N N 58  
DC  "C2'" "H2''" sing N N 59  
DC  "C1'" N1     sing N N 60  
DC  "C1'" "H1'"  sing N N 61  
DC  N1    C2     sing N N 62  
DC  N1    C6     sing N N 63  
DC  C2    O2     doub N N 64  
DC  C2    N3     sing N N 65  
DC  N3    C4     doub N N 66  
DC  C4    N4     sing N N 67  
DC  C4    C5     sing N N 68  
DC  N4    H41    sing N N 69  
DC  N4    H42    sing N N 70  
DC  C5    C6     doub N N 71  
DC  C5    H5     sing N N 72  
DC  C6    H6     sing N N 73  
DG  OP3   P      sing N N 74  
DG  OP3   HOP3   sing N N 75  
DG  P     OP1    doub N N 76  
DG  P     OP2    sing N N 77  
DG  P     "O5'"  sing N N 78  
DG  OP2   HOP2   sing N N 79  
DG  "O5'" "C5'"  sing N N 80  
DG  "C5'" "C4'"  sing N N 81  
DG  "C5'" "H5'"  sing N N 82  
DG  "C5'" "H5''" sing N N 83  
DG  "C4'" "O4'"  sing N N 84  
DG  "C4'" "C3'"  sing N N 85  
DG  "C4'" "H4'"  sing N N 86  
DG  "O4'" "C1'"  sing N N 87  
DG  "C3'" "O3'"  sing N N 88  
DG  "C3'" "C2'"  sing N N 89  
DG  "C3'" "H3'"  sing N N 90  
DG  "O3'" "HO3'" sing N N 91  
DG  "C2'" "C1'"  sing N N 92  
DG  "C2'" "H2'"  sing N N 93  
DG  "C2'" "H2''" sing N N 94  
DG  "C1'" N9     sing N N 95  
DG  "C1'" "H1'"  sing N N 96  
DG  N9    C8     sing Y N 97  
DG  N9    C4     sing Y N 98  
DG  C8    N7     doub Y N 99  
DG  C8    H8     sing N N 100 
DG  N7    C5     sing Y N 101 
DG  C5    C6     sing N N 102 
DG  C5    C4     doub Y N 103 
DG  C6    O6     doub N N 104 
DG  C6    N1     sing N N 105 
DG  N1    C2     sing N N 106 
DG  N1    H1     sing N N 107 
DG  C2    N2     sing N N 108 
DG  C2    N3     doub N N 109 
DG  N2    H21    sing N N 110 
DG  N2    H22    sing N N 111 
DG  N3    C4     sing N N 112 
DT  OP3   P      sing N N 113 
DT  OP3   HOP3   sing N N 114 
DT  P     OP1    doub N N 115 
DT  P     OP2    sing N N 116 
DT  P     "O5'"  sing N N 117 
DT  OP2   HOP2   sing N N 118 
DT  "O5'" "C5'"  sing N N 119 
DT  "C5'" "C4'"  sing N N 120 
DT  "C5'" "H5'"  sing N N 121 
DT  "C5'" "H5''" sing N N 122 
DT  "C4'" "O4'"  sing N N 123 
DT  "C4'" "C3'"  sing N N 124 
DT  "C4'" "H4'"  sing N N 125 
DT  "O4'" "C1'"  sing N N 126 
DT  "C3'" "O3'"  sing N N 127 
DT  "C3'" "C2'"  sing N N 128 
DT  "C3'" "H3'"  sing N N 129 
DT  "O3'" "HO3'" sing N N 130 
DT  "C2'" "C1'"  sing N N 131 
DT  "C2'" "H2'"  sing N N 132 
DT  "C2'" "H2''" sing N N 133 
DT  "C1'" N1     sing N N 134 
DT  "C1'" "H1'"  sing N N 135 
DT  N1    C2     sing N N 136 
DT  N1    C6     sing N N 137 
DT  C2    O2     doub N N 138 
DT  C2    N3     sing N N 139 
DT  N3    C4     sing N N 140 
DT  N3    H3     sing N N 141 
DT  C4    O4     doub N N 142 
DT  C4    C5     sing N N 143 
DT  C5    C7     sing N N 144 
DT  C5    C6     doub N N 145 
DT  C7    H71    sing N N 146 
DT  C7    H72    sing N N 147 
DT  C7    H73    sing N N 148 
DT  C6    H6     sing N N 149 
HOH O     H1     sing N N 150 
HOH O     H2     sing N N 151 
URX OP1   P      doub N N 152 
URX OP3   P      sing N N 153 
URX P     "O5'"  sing N N 154 
URX P     OP2    sing N N 155 
URX "C1'" N1     sing N N 156 
URX N1    C6     sing N N 157 
URX N1    C2     sing N N 158 
URX O2    C2     doub N N 159 
URX C2    N3     sing N N 160 
URX N3    C4     sing N N 161 
URX C5    C4     sing N N 162 
URX C4    O4     doub N N 163 
URX C6    C5     doub N N 164 
URX C5    H5     sing N N 165 
URX C6    H6     sing N N 166 
URX "O4'" "C1'"  sing N N 167 
URX "C1'" "C2'"  sing N N 168 
URX "C1'" "H1'"  sing N N 169 
URX "C6'" "C2'"  sing N N 170 
URX "C3'" "C2'"  sing N N 171 
URX "C2'" "H2'"  sing N N 172 
URX "C4'" "C3'"  sing N N 173 
URX "O3'" "C3'"  sing N N 174 
URX "C3'" "H3'"  sing N N 175 
URX "O3'" "HO3'" sing N N 176 
URX "C5'" "C4'"  sing N N 177 
URX "C8'" "C4'"  sing N N 178 
URX "C4'" "O4'"  sing N N 179 
URX "C5'" "O5'"  sing N N 180 
URX "C5'" "H5'"  sing N N 181 
URX "C5'" "H5'A" sing N N 182 
URX "C8'" "C6'"  sing N N 183 
URX "C7'" "C6'"  sing N N 184 
URX "C6'" "H6'"  sing N N 185 
URX "C7'" "H7'"  sing N N 186 
URX "C7'" "H7'A" sing N N 187 
URX "C7'" "H7'B" sing N N 188 
URX "C8'" "H8'"  sing N N 189 
URX "C8'" "H8'A" sing N N 190 
URX OP2   HOP2   sing N N 191 
URX OP3   HOP3   sing N N 192 
URX N3    HN3    sing N N 193 
# 
loop_
_ndb_struct_conf_na.entry_id 
_ndb_struct_conf_na.feature 
3OZ4 'a-form double helix' 
3OZ4 'internal loop'       
# 
loop_
_ndb_struct_na_base_pair.model_number 
_ndb_struct_na_base_pair.i_label_asym_id 
_ndb_struct_na_base_pair.i_label_comp_id 
_ndb_struct_na_base_pair.i_label_seq_id 
_ndb_struct_na_base_pair.i_symmetry 
_ndb_struct_na_base_pair.j_label_asym_id 
_ndb_struct_na_base_pair.j_label_comp_id 
_ndb_struct_na_base_pair.j_label_seq_id 
_ndb_struct_na_base_pair.j_symmetry 
_ndb_struct_na_base_pair.shear 
_ndb_struct_na_base_pair.stretch 
_ndb_struct_na_base_pair.stagger 
_ndb_struct_na_base_pair.buckle 
_ndb_struct_na_base_pair.propeller 
_ndb_struct_na_base_pair.opening 
_ndb_struct_na_base_pair.pair_number 
_ndb_struct_na_base_pair.pair_name 
_ndb_struct_na_base_pair.i_auth_asym_id 
_ndb_struct_na_base_pair.i_auth_seq_id 
_ndb_struct_na_base_pair.i_PDB_ins_code 
_ndb_struct_na_base_pair.j_auth_asym_id 
_ndb_struct_na_base_pair.j_auth_seq_id 
_ndb_struct_na_base_pair.j_PDB_ins_code 
_ndb_struct_na_base_pair.hbond_type_28 
_ndb_struct_na_base_pair.hbond_type_12 
1 A DG 1  1_555 B DC 10 1_555 -0.279 -0.168 0.033  -0.357 -9.565  -0.870 1 A_DG101:DC210_B A 101 ? B 210 ? 19 1 
1 A DC 2  1_555 B DG 9  1_555 0.214  -0.138 0.093  1.385  -9.859  0.713  2 A_DC102:DG209_B A 102 ? B 209 ? 19 1 
1 A DG 3  1_555 B DC 8  1_555 -0.291 -0.115 0.083  -7.426 -16.026 1.373  3 A_DG103:DC208_B A 103 ? B 208 ? 19 1 
1 A DT 4  1_555 B DA 7  1_555 -0.156 -0.150 0.001  -6.131 -15.829 -1.819 4 A_DT104:DA207_B A 104 ? B 207 ? 20 1 
1 A DA 7  1_555 B DT 4  1_555 0.108  -0.176 0.025  -0.267 -15.594 -1.060 5 A_DA107:DT204_B A 107 ? B 204 ? 20 1 
1 A DC 8  1_555 B DG 3  1_555 0.281  -0.094 0.195  0.353  -13.065 1.492  6 A_DC108:DG203_B A 108 ? B 203 ? 19 1 
1 A DG 9  1_555 B DC 2  1_555 -0.113 -0.114 0.222  -2.152 -5.493  0.042  7 A_DG109:DC202_B A 109 ? B 202 ? 19 1 
1 A DC 10 1_555 B DG 1  1_555 0.175  -0.233 -0.003 1.058  1.228   -1.710 8 A_DC110:DG201_B A 110 ? B 201 ? 19 1 
# 
loop_
_ndb_struct_na_base_pair_step.model_number 
_ndb_struct_na_base_pair_step.i_label_asym_id_1 
_ndb_struct_na_base_pair_step.i_label_comp_id_1 
_ndb_struct_na_base_pair_step.i_label_seq_id_1 
_ndb_struct_na_base_pair_step.i_symmetry_1 
_ndb_struct_na_base_pair_step.j_label_asym_id_1 
_ndb_struct_na_base_pair_step.j_label_comp_id_1 
_ndb_struct_na_base_pair_step.j_label_seq_id_1 
_ndb_struct_na_base_pair_step.j_symmetry_1 
_ndb_struct_na_base_pair_step.i_label_asym_id_2 
_ndb_struct_na_base_pair_step.i_label_comp_id_2 
_ndb_struct_na_base_pair_step.i_label_seq_id_2 
_ndb_struct_na_base_pair_step.i_symmetry_2 
_ndb_struct_na_base_pair_step.j_label_asym_id_2 
_ndb_struct_na_base_pair_step.j_label_comp_id_2 
_ndb_struct_na_base_pair_step.j_label_seq_id_2 
_ndb_struct_na_base_pair_step.j_symmetry_2 
_ndb_struct_na_base_pair_step.shift 
_ndb_struct_na_base_pair_step.slide 
_ndb_struct_na_base_pair_step.rise 
_ndb_struct_na_base_pair_step.tilt 
_ndb_struct_na_base_pair_step.roll 
_ndb_struct_na_base_pair_step.twist 
_ndb_struct_na_base_pair_step.x_displacement 
_ndb_struct_na_base_pair_step.y_displacement 
_ndb_struct_na_base_pair_step.helical_rise 
_ndb_struct_na_base_pair_step.inclination 
_ndb_struct_na_base_pair_step.tip 
_ndb_struct_na_base_pair_step.helical_twist 
_ndb_struct_na_base_pair_step.step_number 
_ndb_struct_na_base_pair_step.step_name 
_ndb_struct_na_base_pair_step.i_auth_asym_id_1 
_ndb_struct_na_base_pair_step.i_auth_seq_id_1 
_ndb_struct_na_base_pair_step.i_PDB_ins_code_1 
_ndb_struct_na_base_pair_step.j_auth_asym_id_1 
_ndb_struct_na_base_pair_step.j_auth_seq_id_1 
_ndb_struct_na_base_pair_step.j_PDB_ins_code_1 
_ndb_struct_na_base_pair_step.i_auth_asym_id_2 
_ndb_struct_na_base_pair_step.i_auth_seq_id_2 
_ndb_struct_na_base_pair_step.i_PDB_ins_code_2 
_ndb_struct_na_base_pair_step.j_auth_asym_id_2 
_ndb_struct_na_base_pair_step.j_auth_seq_id_2 
_ndb_struct_na_base_pair_step.j_PDB_ins_code_2 
1 A DG 1 1_555 B DC 10 1_555 A DC 2  1_555 B DG 9 1_555 0.647  -1.435 3.249 0.719  1.710  36.237 -2.540 -0.941 3.192 2.746  -1.154 
36.282 1 AA_DG101DC102:DG209DC210_BB A 101 ? B 210 ? A 102 ? B 209 ? 
1 A DC 2 1_555 B DG 9  1_555 A DG 3  1_555 B DC 8 1_555 -0.004 -2.060 3.461 0.649  5.959  27.555 -5.611 0.159  2.957 12.326 -1.342 
28.187 2 AA_DC102DG103:DC208DG209_BB A 102 ? B 209 ? A 103 ? B 208 ? 
1 A DG 3 1_555 B DC 8  1_555 A DT 4  1_555 B DA 7 1_555 -1.074 -1.453 3.171 -1.359 4.381  35.420 -2.972 1.565  3.014 7.164  2.222  
35.706 3 AA_DG103DT104:DA207DC208_BB A 103 ? B 208 ? A 104 ? B 207 ? 
1 A DA 7 1_555 B DT 4  1_555 A DC 8  1_555 B DG 3 1_555 0.849  -2.062 3.234 0.862  0.441  33.327 -3.667 -1.338 3.228 0.769  -1.502 
33.341 4 AA_DA107DC108:DG203DT204_BB A 107 ? B 204 ? A 108 ? B 203 ? 
1 A DC 8 1_555 B DG 3  1_555 A DG 9  1_555 B DC 2 1_555 -0.416 -2.230 3.211 -0.504 5.479  23.266 -7.002 0.856  2.632 13.348 1.228  
23.900 5 AA_DC108DG109:DC202DG203_BB A 108 ? B 203 ? A 109 ? B 202 ? 
1 A DG 9 1_555 B DC 2  1_555 A DC 10 1_555 B DG 1 1_555 -0.141 -1.503 3.378 1.742  -2.275 35.708 -2.101 0.492  3.454 -3.703 -2.836 
35.819 6 AA_DG109DC110:DG201DC202_BB A 109 ? B 202 ? A 110 ? B 201 ? 
# 
_pdbx_entity_nonpoly.entity_id   2 
_pdbx_entity_nonpoly.name        water 
_pdbx_entity_nonpoly.comp_id     HOH 
# 
_pdbx_initial_refinement_model.id               1 
_pdbx_initial_refinement_model.entity_id_list   ? 
_pdbx_initial_refinement_model.type             'experimental model' 
_pdbx_initial_refinement_model.source_name      PDB 
_pdbx_initial_refinement_model.accession_code   3EY2 
_pdbx_initial_refinement_model.details          'PDB ENTRY 3EY2' 
# 
